data_2V9B
# 
_entry.id   2V9B 
# 
_audit_conform.dict_name       mmcif_pdbx.dic 
_audit_conform.dict_version    5.399 
_audit_conform.dict_location   http://mmcif.pdb.org/dictionaries/ascii/mmcif_pdbx.dic 
# 
loop_
_database_2.database_id 
_database_2.database_code 
_database_2.pdbx_database_accession 
_database_2.pdbx_DOI 
PDB   2V9B         pdb_00002v9b 10.2210/pdb2v9b/pdb 
PDBE  EBI-33568    ?            ?                   
WWPDB D_1290033568 ?            ?                   
# 
loop_
_pdbx_audit_revision_history.ordinal 
_pdbx_audit_revision_history.data_content_type 
_pdbx_audit_revision_history.major_revision 
_pdbx_audit_revision_history.minor_revision 
_pdbx_audit_revision_history.revision_date 
1 'Structure model' 1 0 2008-06-17 
2 'Structure model' 1 1 2011-05-08 
3 'Structure model' 1 2 2011-07-13 
4 'Structure model' 1 3 2018-10-24 
5 'Structure model' 1 4 2019-05-08 
6 'Structure model' 1 5 2019-07-10 
7 'Structure model' 1 6 2019-07-24 
8 'Structure model' 1 7 2024-11-20 
# 
_pdbx_audit_revision_details.ordinal             1 
_pdbx_audit_revision_details.revision_ordinal    1 
_pdbx_audit_revision_details.data_content_type   'Structure model' 
_pdbx_audit_revision_details.provider            repository 
_pdbx_audit_revision_details.type                'Initial release' 
_pdbx_audit_revision_details.description         ? 
_pdbx_audit_revision_details.details             ? 
# 
loop_
_pdbx_audit_revision_group.ordinal 
_pdbx_audit_revision_group.revision_ordinal 
_pdbx_audit_revision_group.data_content_type 
_pdbx_audit_revision_group.group 
1  2 'Structure model' 'Version format compliance' 
2  3 'Structure model' 'Version format compliance' 
3  4 'Structure model' 'Data collection'           
4  4 'Structure model' 'Database references'       
5  4 'Structure model' 'Structure summary'         
6  5 'Structure model' 'Data collection'           
7  5 'Structure model' 'Experimental preparation'  
8  6 'Structure model' 'Data collection'           
9  7 'Structure model' 'Data collection'           
10 8 'Structure model' 'Data collection'           
11 8 'Structure model' 'Database references'       
12 8 'Structure model' Other                       
13 8 'Structure model' 'Structure summary'         
# 
loop_
_pdbx_audit_revision_category.ordinal 
_pdbx_audit_revision_category.revision_ordinal 
_pdbx_audit_revision_category.data_content_type 
_pdbx_audit_revision_category.category 
1  4 'Structure model' citation                  
2  4 'Structure model' diffrn_source             
3  4 'Structure model' struct                    
4  4 'Structure model' struct_ref_seq_dif        
5  5 'Structure model' database_PDB_rev          
6  5 'Structure model' database_PDB_rev_record   
7  5 'Structure model' exptl_crystal_grow        
8  6 'Structure model' diffrn_source             
9  7 'Structure model' diffrn_source             
10 8 'Structure model' chem_comp_atom            
11 8 'Structure model' chem_comp_bond            
12 8 'Structure model' database_2                
13 8 'Structure model' pdbx_database_status      
14 8 'Structure model' pdbx_entry_details        
15 8 'Structure model' pdbx_modification_feature 
# 
loop_
_pdbx_audit_revision_item.ordinal 
_pdbx_audit_revision_item.revision_ordinal 
_pdbx_audit_revision_item.data_content_type 
_pdbx_audit_revision_item.item 
1  4 'Structure model' '_citation.journal_abbrev'                     
2  4 'Structure model' '_citation.page_last'                          
3  4 'Structure model' '_citation.title'                              
4  4 'Structure model' '_diffrn_source.pdbx_synchrotron_site'         
5  4 'Structure model' '_struct.title'                                
6  4 'Structure model' '_struct_ref_seq_dif.details'                  
7  5 'Structure model' '_exptl_crystal_grow.method'                   
8  6 'Structure model' '_diffrn_source.pdbx_synchrotron_site'         
9  7 'Structure model' '_diffrn_source.pdbx_synchrotron_site'         
10 8 'Structure model' '_database_2.pdbx_DOI'                         
11 8 'Structure model' '_database_2.pdbx_database_accession'          
12 8 'Structure model' '_pdbx_database_status.status_code_sf'         
13 8 'Structure model' '_pdbx_entry_details.has_protein_modification' 
# 
_pdbx_database_status.status_code                     REL 
_pdbx_database_status.entry_id                        2V9B 
_pdbx_database_status.deposit_site                    PDBE 
_pdbx_database_status.process_site                    PDBE 
_pdbx_database_status.SG_entry                        . 
_pdbx_database_status.recvd_initial_deposition_date   2007-08-23 
_pdbx_database_status.pdb_format_compatible           Y 
_pdbx_database_status.status_code_sf                  REL 
_pdbx_database_status.status_code_mr                  ? 
_pdbx_database_status.status_code_cs                  ? 
_pdbx_database_status.methods_development_category    ? 
_pdbx_database_status.status_code_nmr_data            ? 
# 
loop_
_pdbx_database_related.db_name 
_pdbx_database_related.db_id 
_pdbx_database_related.content_type 
_pdbx_database_related.details 
PDB 1JMP unspecified 'SOLUTION STRUCTURE OF THE VISCOTOXIN B'          
PDB 1ORL unspecified '1H NMR STRUCTURE DETERMINATION OF VISCOTOXIN C1' 
# 
loop_
_audit_author.name 
_audit_author.pdbx_ordinal 
_audit_author.identifier_ORCID 
'Debreczeni, J.E.' 1 ? 
'Pal, A.'          2 ? 
'Kahle, B.'        3 ? 
'Zeeck, A.'        4 ? 
'Sheldrick, G.M.'  5 ? 
# 
_citation.id                        primary 
_citation.title                     'Structures of viscotoxins A1 and B2 from European mistletoe solved using native data alone.' 
_citation.journal_abbrev            'Acta Crystallogr. D Biol. Crystallogr.' 
_citation.journal_volume            64 
_citation.page_first                985 
_citation.page_last                 992 
_citation.year                      2008 
_citation.journal_id_ASTM           ABCRE6 
_citation.country                   DK 
_citation.journal_id_ISSN           0907-4449 
_citation.journal_id_CSD            0766 
_citation.book_publisher            ? 
_citation.pdbx_database_id_PubMed   18703848 
_citation.pdbx_database_id_DOI      10.1107/S0907444908022646 
# 
loop_
_citation_author.citation_id 
_citation_author.name 
_citation_author.ordinal 
_citation_author.identifier_ORCID 
primary 'Pal, A.'          1 ? 
primary 'Debreczeni, J.E.' 2 ? 
primary 'Sevvana, M.'      3 ? 
primary 'Gruene, T.'       4 ? 
primary 'Kahle, B.'        5 ? 
primary 'Zeeck, A.'        6 ? 
primary 'Sheldrick, G.M.'  7 ? 
# 
loop_
_entity.id 
_entity.type 
_entity.src_method 
_entity.pdbx_description 
_entity.formula_weight 
_entity.pdbx_number_of_molecules 
_entity.pdbx_ec 
_entity.pdbx_mutation 
_entity.pdbx_fragment 
_entity.details 
1 polymer     nat VISCOTOXIN-B  4865.536 2   ? YES ? ? 
2 non-polymer syn 'SULFATE ION' 96.063   6   ? ?   ? ? 
3 water       nat water         18.015   106 ? ?   ? ? 
# 
_entity_name_com.entity_id   1 
_entity_name_com.name        'VISCOTOXIN B2' 
# 
_entity_poly.entity_id                      1 
_entity_poly.type                           'polypeptide(L)' 
_entity_poly.nstd_linkage                   no 
_entity_poly.nstd_monomer                   no 
_entity_poly.pdbx_seq_one_letter_code       KSCCPNTTGRDIYNTCRLGGGSRERCASLSGCKIISASTCPSDYPK 
_entity_poly.pdbx_seq_one_letter_code_can   KSCCPNTTGRDIYNTCRLGGGSRERCASLSGCKIISASTCPSDYPK 
_entity_poly.pdbx_strand_id                 A,B 
_entity_poly.pdbx_target_identifier         ? 
# 
loop_
_pdbx_entity_nonpoly.entity_id 
_pdbx_entity_nonpoly.name 
_pdbx_entity_nonpoly.comp_id 
2 'SULFATE ION' SO4 
3 water         HOH 
# 
loop_
_entity_poly_seq.entity_id 
_entity_poly_seq.num 
_entity_poly_seq.mon_id 
_entity_poly_seq.hetero 
1 1  LYS n 
1 2  SER n 
1 3  CYS n 
1 4  CYS n 
1 5  PRO n 
1 6  ASN n 
1 7  THR n 
1 8  THR n 
1 9  GLY n 
1 10 ARG n 
1 11 ASP n 
1 12 ILE n 
1 13 TYR n 
1 14 ASN n 
1 15 THR n 
1 16 CYS n 
1 17 ARG n 
1 18 LEU n 
1 19 GLY n 
1 20 GLY n 
1 21 GLY n 
1 22 SER n 
1 23 ARG n 
1 24 GLU n 
1 25 ARG n 
1 26 CYS n 
1 27 ALA n 
1 28 SER n 
1 29 LEU n 
1 30 SER n 
1 31 GLY n 
1 32 CYS n 
1 33 LYS n 
1 34 ILE n 
1 35 ILE n 
1 36 SER n 
1 37 ALA n 
1 38 SER n 
1 39 THR n 
1 40 CYS n 
1 41 PRO n 
1 42 SER n 
1 43 ASP n 
1 44 TYR n 
1 45 PRO n 
1 46 LYS n 
# 
_entity_src_nat.entity_id                  1 
_entity_src_nat.pdbx_src_id                1 
_entity_src_nat.pdbx_alt_source_flag       sample 
_entity_src_nat.pdbx_beg_seq_num           ? 
_entity_src_nat.pdbx_end_seq_num           ? 
_entity_src_nat.common_name                'EUROPEAN MISTLETOE' 
_entity_src_nat.pdbx_organism_scientific   'VISCUM ALBUM' 
_entity_src_nat.pdbx_ncbi_taxonomy_id      3972 
_entity_src_nat.genus                      ? 
_entity_src_nat.species                    ? 
_entity_src_nat.strain                     ? 
_entity_src_nat.tissue                     ? 
_entity_src_nat.tissue_fraction            ? 
_entity_src_nat.pdbx_secretion             ? 
_entity_src_nat.pdbx_fragment              ? 
_entity_src_nat.pdbx_variant               ? 
_entity_src_nat.pdbx_cell_line             ? 
_entity_src_nat.pdbx_atcc                  ? 
_entity_src_nat.pdbx_cellular_location     ? 
_entity_src_nat.pdbx_organ                 ? 
_entity_src_nat.pdbx_organelle             ? 
_entity_src_nat.pdbx_cell                  ? 
_entity_src_nat.pdbx_plasmid_name          ? 
_entity_src_nat.pdbx_plasmid_details       ? 
_entity_src_nat.details                    ? 
# 
loop_
_chem_comp.id 
_chem_comp.type 
_chem_comp.mon_nstd_flag 
_chem_comp.name 
_chem_comp.pdbx_synonyms 
_chem_comp.formula 
_chem_comp.formula_weight 
ALA 'L-peptide linking' y ALANINE         ? 'C3 H7 N O2'     89.093  
ARG 'L-peptide linking' y ARGININE        ? 'C6 H15 N4 O2 1' 175.209 
ASN 'L-peptide linking' y ASPARAGINE      ? 'C4 H8 N2 O3'    132.118 
ASP 'L-peptide linking' y 'ASPARTIC ACID' ? 'C4 H7 N O4'     133.103 
CYS 'L-peptide linking' y CYSTEINE        ? 'C3 H7 N O2 S'   121.158 
GLU 'L-peptide linking' y 'GLUTAMIC ACID' ? 'C5 H9 N O4'     147.129 
GLY 'peptide linking'   y GLYCINE         ? 'C2 H5 N O2'     75.067  
HOH non-polymer         . WATER           ? 'H2 O'           18.015  
ILE 'L-peptide linking' y ISOLEUCINE      ? 'C6 H13 N O2'    131.173 
LEU 'L-peptide linking' y LEUCINE         ? 'C6 H13 N O2'    131.173 
LYS 'L-peptide linking' y LYSINE          ? 'C6 H15 N2 O2 1' 147.195 
PRO 'L-peptide linking' y PROLINE         ? 'C5 H9 N O2'     115.130 
SER 'L-peptide linking' y SERINE          ? 'C3 H7 N O3'     105.093 
SO4 non-polymer         . 'SULFATE ION'   ? 'O4 S -2'        96.063  
THR 'L-peptide linking' y THREONINE       ? 'C4 H9 N O3'     119.119 
TYR 'L-peptide linking' y TYROSINE        ? 'C9 H11 N O3'    181.189 
# 
loop_
_pdbx_poly_seq_scheme.asym_id 
_pdbx_poly_seq_scheme.entity_id 
_pdbx_poly_seq_scheme.seq_id 
_pdbx_poly_seq_scheme.mon_id 
_pdbx_poly_seq_scheme.ndb_seq_num 
_pdbx_poly_seq_scheme.pdb_seq_num 
_pdbx_poly_seq_scheme.auth_seq_num 
_pdbx_poly_seq_scheme.pdb_mon_id 
_pdbx_poly_seq_scheme.auth_mon_id 
_pdbx_poly_seq_scheme.pdb_strand_id 
_pdbx_poly_seq_scheme.pdb_ins_code 
_pdbx_poly_seq_scheme.hetero 
A 1 1  LYS 1  1  1  LYS LYS A . n 
A 1 2  SER 2  2  2  SER SER A . n 
A 1 3  CYS 3  3  3  CYS CYS A . n 
A 1 4  CYS 4  4  4  CYS CYS A . n 
A 1 5  PRO 5  5  5  PRO PRO A . n 
A 1 6  ASN 6  6  6  ASN ASN A . n 
A 1 7  THR 7  7  7  THR THR A . n 
A 1 8  THR 8  8  8  THR THR A . n 
A 1 9  GLY 9  9  9  GLY GLY A . n 
A 1 10 ARG 10 10 10 ARG ARG A . n 
A 1 11 ASP 11 11 11 ASP ASP A . n 
A 1 12 ILE 12 12 12 ILE ILE A . n 
A 1 13 TYR 13 13 13 TYR TYR A . n 
A 1 14 ASN 14 14 14 ASN ASN A . n 
A 1 15 THR 15 15 15 THR THR A . n 
A 1 16 CYS 16 16 16 CYS CYS A . n 
A 1 17 ARG 17 17 17 ARG ARG A . n 
A 1 18 LEU 18 18 18 LEU LEU A . n 
A 1 19 GLY 19 19 19 GLY GLY A . n 
A 1 20 GLY 20 20 20 GLY GLY A . n 
A 1 21 GLY 21 21 21 GLY GLY A . n 
A 1 22 SER 22 22 22 SER SER A . n 
A 1 23 ARG 23 23 23 ARG ARG A . n 
A 1 24 GLU 24 24 24 GLU GLU A . n 
A 1 25 ARG 25 25 25 ARG ARG A . n 
A 1 26 CYS 26 26 26 CYS CYS A . n 
A 1 27 ALA 27 27 27 ALA ALA A . n 
A 1 28 SER 28 28 28 SER SER A . n 
A 1 29 LEU 29 29 29 LEU LEU A . n 
A 1 30 SER 30 30 30 SER SER A . n 
A 1 31 GLY 31 31 31 GLY GLY A . n 
A 1 32 CYS 32 32 32 CYS CYS A . n 
A 1 33 LYS 33 33 33 LYS LYS A . n 
A 1 34 ILE 34 34 34 ILE ILE A . n 
A 1 35 ILE 35 35 35 ILE ILE A . n 
A 1 36 SER 36 36 36 SER SER A . n 
A 1 37 ALA 37 37 37 ALA ALA A . n 
A 1 38 SER 38 38 38 SER SER A . n 
A 1 39 THR 39 39 39 THR THR A . n 
A 1 40 CYS 40 40 40 CYS CYS A . n 
A 1 41 PRO 41 41 41 PRO PRO A . n 
A 1 42 SER 42 42 42 SER SER A . n 
A 1 43 ASP 43 43 43 ASP ASP A . n 
A 1 44 TYR 44 44 44 TYR TYR A . n 
A 1 45 PRO 45 45 45 PRO PRO A . n 
A 1 46 LYS 46 46 46 LYS LYS A . n 
B 1 1  LYS 1  1  1  LYS LYS B . n 
B 1 2  SER 2  2  2  SER SER B . n 
B 1 3  CYS 3  3  3  CYS CYS B . n 
B 1 4  CYS 4  4  4  CYS CYS B . n 
B 1 5  PRO 5  5  5  PRO PRO B . n 
B 1 6  ASN 6  6  6  ASN ASN B . n 
B 1 7  THR 7  7  7  THR THR B . n 
B 1 8  THR 8  8  8  THR THR B . n 
B 1 9  GLY 9  9  9  GLY GLY B . n 
B 1 10 ARG 10 10 10 ARG ARG B . n 
B 1 11 ASP 11 11 11 ASP ASP B . n 
B 1 12 ILE 12 12 12 ILE ILE B . n 
B 1 13 TYR 13 13 13 TYR TYR B . n 
B 1 14 ASN 14 14 14 ASN ASN B . n 
B 1 15 THR 15 15 15 THR THR B . n 
B 1 16 CYS 16 16 16 CYS CYS B . n 
B 1 17 ARG 17 17 17 ARG ARG B . n 
B 1 18 LEU 18 18 18 LEU LEU B . n 
B 1 19 GLY 19 19 19 GLY GLY B . n 
B 1 20 GLY 20 20 20 GLY GLY B . n 
B 1 21 GLY 21 21 21 GLY GLY B . n 
B 1 22 SER 22 22 22 SER SER B . n 
B 1 23 ARG 23 23 23 ARG ARG B . n 
B 1 24 GLU 24 24 24 GLU GLU B . n 
B 1 25 ARG 25 25 25 ARG ARG B . n 
B 1 26 CYS 26 26 26 CYS CYS B . n 
B 1 27 ALA 27 27 27 ALA ALA B . n 
B 1 28 SER 28 28 28 SER SER B . n 
B 1 29 LEU 29 29 29 LEU LEU B . n 
B 1 30 SER 30 30 30 SER SER B . n 
B 1 31 GLY 31 31 31 GLY GLY B . n 
B 1 32 CYS 32 32 32 CYS CYS B . n 
B 1 33 LYS 33 33 33 LYS LYS B . n 
B 1 34 ILE 34 34 34 ILE ILE B . n 
B 1 35 ILE 35 35 35 ILE ILE B . n 
B 1 36 SER 36 36 36 SER SER B . n 
B 1 37 ALA 37 37 37 ALA ALA B . n 
B 1 38 SER 38 38 38 SER SER B . n 
B 1 39 THR 39 39 39 THR THR B . n 
B 1 40 CYS 40 40 40 CYS CYS B . n 
B 1 41 PRO 41 41 41 PRO PRO B . n 
B 1 42 SER 42 42 42 SER SER B . n 
B 1 43 ASP 43 43 43 ASP ASP B . n 
B 1 44 TYR 44 44 44 TYR TYR B . n 
B 1 45 PRO 45 45 45 PRO PRO B . n 
B 1 46 LYS 46 46 46 LYS LYS B . n 
# 
loop_
_pdbx_nonpoly_scheme.asym_id 
_pdbx_nonpoly_scheme.entity_id 
_pdbx_nonpoly_scheme.mon_id 
_pdbx_nonpoly_scheme.ndb_seq_num 
_pdbx_nonpoly_scheme.pdb_seq_num 
_pdbx_nonpoly_scheme.auth_seq_num 
_pdbx_nonpoly_scheme.pdb_mon_id 
_pdbx_nonpoly_scheme.auth_mon_id 
_pdbx_nonpoly_scheme.pdb_strand_id 
_pdbx_nonpoly_scheme.pdb_ins_code 
C 2 SO4 1  1047 1047 SO4 SO4 A . 
D 2 SO4 1  1048 1048 SO4 SO4 A . 
E 2 SO4 1  1049 1049 SO4 SO4 A . 
F 2 SO4 1  1050 1050 SO4 SO4 A . 
G 2 SO4 1  1047 1047 SO4 SO4 B . 
H 2 SO4 1  1048 1048 SO4 SO4 B . 
I 3 HOH 1  2001 2001 HOH HOH A . 
I 3 HOH 2  2002 2002 HOH HOH A . 
I 3 HOH 3  2003 2003 HOH HOH A . 
I 3 HOH 4  2004 2004 HOH HOH A . 
I 3 HOH 5  2005 2005 HOH HOH A . 
I 3 HOH 6  2006 2006 HOH HOH A . 
I 3 HOH 7  2007 2007 HOH HOH A . 
I 3 HOH 8  2008 2008 HOH HOH A . 
I 3 HOH 9  2009 2009 HOH HOH A . 
I 3 HOH 10 2010 2010 HOH HOH A . 
I 3 HOH 11 2011 2011 HOH HOH A . 
I 3 HOH 12 2012 2012 HOH HOH A . 
I 3 HOH 13 2013 2013 HOH HOH A . 
I 3 HOH 14 2014 2014 HOH HOH A . 
I 3 HOH 15 2015 2015 HOH HOH A . 
I 3 HOH 16 2016 2016 HOH HOH A . 
I 3 HOH 17 2017 2017 HOH HOH A . 
I 3 HOH 18 2018 2018 HOH HOH A . 
I 3 HOH 19 2019 2019 HOH HOH A . 
I 3 HOH 20 2020 2020 HOH HOH A . 
I 3 HOH 21 2021 2021 HOH HOH A . 
I 3 HOH 22 2022 2022 HOH HOH A . 
I 3 HOH 23 2023 2023 HOH HOH A . 
I 3 HOH 24 2024 2024 HOH HOH A . 
I 3 HOH 25 2025 2025 HOH HOH A . 
I 3 HOH 26 2026 2026 HOH HOH A . 
I 3 HOH 27 2027 2027 HOH HOH A . 
I 3 HOH 28 2028 2028 HOH HOH A . 
I 3 HOH 29 2029 2029 HOH HOH A . 
I 3 HOH 30 2030 2030 HOH HOH A . 
I 3 HOH 31 2031 2031 HOH HOH A . 
I 3 HOH 32 2032 2032 HOH HOH A . 
I 3 HOH 33 2033 2033 HOH HOH A . 
I 3 HOH 34 2034 2034 HOH HOH A . 
I 3 HOH 35 2035 2035 HOH HOH A . 
I 3 HOH 36 2036 2036 HOH HOH A . 
I 3 HOH 37 2037 2037 HOH HOH A . 
I 3 HOH 38 2038 2038 HOH HOH A . 
I 3 HOH 39 2039 2039 HOH HOH A . 
I 3 HOH 40 2040 2040 HOH HOH A . 
I 3 HOH 41 2041 2041 HOH HOH A . 
I 3 HOH 42 2042 2042 HOH HOH A . 
I 3 HOH 43 2043 2043 HOH HOH A . 
I 3 HOH 44 2044 2044 HOH HOH A . 
I 3 HOH 45 2045 2045 HOH HOH A . 
I 3 HOH 46 2046 2046 HOH HOH A . 
I 3 HOH 47 2047 2047 HOH HOH A . 
I 3 HOH 48 2048 2048 HOH HOH A . 
I 3 HOH 49 2049 2049 HOH HOH A . 
I 3 HOH 50 2050 2050 HOH HOH A . 
I 3 HOH 51 2051 2051 HOH HOH A . 
I 3 HOH 52 2052 2052 HOH HOH A . 
I 3 HOH 53 2053 2053 HOH HOH A . 
I 3 HOH 54 2054 2054 HOH HOH A . 
J 3 HOH 1  2001 2001 HOH HOH B . 
J 3 HOH 2  2002 2002 HOH HOH B . 
J 3 HOH 3  2003 2003 HOH HOH B . 
J 3 HOH 4  2004 2004 HOH HOH B . 
J 3 HOH 5  2005 2005 HOH HOH B . 
J 3 HOH 6  2006 2006 HOH HOH B . 
J 3 HOH 7  2007 2007 HOH HOH B . 
J 3 HOH 8  2008 2008 HOH HOH B . 
J 3 HOH 9  2009 2009 HOH HOH B . 
J 3 HOH 10 2010 2010 HOH HOH B . 
J 3 HOH 11 2011 2011 HOH HOH B . 
J 3 HOH 12 2012 2012 HOH HOH B . 
J 3 HOH 13 2013 2013 HOH HOH B . 
J 3 HOH 14 2014 2014 HOH HOH B . 
J 3 HOH 15 2015 2015 HOH HOH B . 
J 3 HOH 16 2016 2016 HOH HOH B . 
J 3 HOH 17 2017 2017 HOH HOH B . 
J 3 HOH 18 2018 2018 HOH HOH B . 
J 3 HOH 19 2019 2019 HOH HOH B . 
J 3 HOH 20 2020 2020 HOH HOH B . 
J 3 HOH 21 2021 2021 HOH HOH B . 
J 3 HOH 22 2022 2022 HOH HOH B . 
J 3 HOH 23 2023 2023 HOH HOH B . 
J 3 HOH 24 2024 2024 HOH HOH B . 
J 3 HOH 25 2025 2025 HOH HOH B . 
J 3 HOH 26 2026 2026 HOH HOH B . 
J 3 HOH 27 2027 2027 HOH HOH B . 
J 3 HOH 28 2028 2028 HOH HOH B . 
J 3 HOH 29 2029 2029 HOH HOH B . 
J 3 HOH 30 2030 2030 HOH HOH B . 
J 3 HOH 31 2031 2031 HOH HOH B . 
J 3 HOH 32 2032 2032 HOH HOH B . 
J 3 HOH 33 2033 2033 HOH HOH B . 
J 3 HOH 34 2034 2034 HOH HOH B . 
J 3 HOH 35 2035 2035 HOH HOH B . 
J 3 HOH 36 2036 2036 HOH HOH B . 
J 3 HOH 37 2037 2037 HOH HOH B . 
J 3 HOH 38 2038 2038 HOH HOH B . 
J 3 HOH 39 2039 2039 HOH HOH B . 
J 3 HOH 40 2040 2040 HOH HOH B . 
J 3 HOH 41 2041 2041 HOH HOH B . 
J 3 HOH 42 2042 2042 HOH HOH B . 
J 3 HOH 43 2043 2043 HOH HOH B . 
J 3 HOH 44 2044 2044 HOH HOH B . 
J 3 HOH 45 2045 2045 HOH HOH B . 
J 3 HOH 46 2046 2046 HOH HOH B . 
J 3 HOH 47 2047 2047 HOH HOH B . 
J 3 HOH 48 2048 2048 HOH HOH B . 
J 3 HOH 49 2049 2049 HOH HOH B . 
J 3 HOH 50 2050 2050 HOH HOH B . 
J 3 HOH 51 2051 2051 HOH HOH B . 
J 3 HOH 52 2052 2052 HOH HOH B . 
# 
loop_
_pdbx_unobs_or_zero_occ_atoms.id 
_pdbx_unobs_or_zero_occ_atoms.PDB_model_num 
_pdbx_unobs_or_zero_occ_atoms.polymer_flag 
_pdbx_unobs_or_zero_occ_atoms.occupancy_flag 
_pdbx_unobs_or_zero_occ_atoms.auth_asym_id 
_pdbx_unobs_or_zero_occ_atoms.auth_comp_id 
_pdbx_unobs_or_zero_occ_atoms.auth_seq_id 
_pdbx_unobs_or_zero_occ_atoms.PDB_ins_code 
_pdbx_unobs_or_zero_occ_atoms.auth_atom_id 
_pdbx_unobs_or_zero_occ_atoms.label_alt_id 
_pdbx_unobs_or_zero_occ_atoms.label_asym_id 
_pdbx_unobs_or_zero_occ_atoms.label_comp_id 
_pdbx_unobs_or_zero_occ_atoms.label_seq_id 
_pdbx_unobs_or_zero_occ_atoms.label_atom_id 
1 1 Y 1 B GLU 24 ? CG  ? B GLU 24 CG  
2 1 Y 1 B GLU 24 ? CD  ? B GLU 24 CD  
3 1 Y 1 B GLU 24 ? OE1 ? B GLU 24 OE1 
4 1 Y 1 B GLU 24 ? OE2 ? B GLU 24 OE2 
# 
loop_
_software.name 
_software.classification 
_software.version 
_software.citation_id 
_software.pdbx_ordinal 
_software.date 
_software.type 
_software.location 
_software.language 
SHELXL-97 refinement       . ? 1 ? ? ? ? 
DENZO     'data reduction' . ? 2 ? ? ? ? 
SADABS    'data scaling'   . ? 3 ? ? ? ? 
SHELXD    phasing          . ? 4 ? ? ? ? 
# 
_cell.entry_id           2V9B 
_cell.length_a           39.819 
_cell.length_b           40.392 
_cell.length_c           44.694 
_cell.angle_alpha        90.00 
_cell.angle_beta         90.00 
_cell.angle_gamma        90.00 
_cell.Z_PDB              8 
_cell.pdbx_unique_axis   ? 
# 
_symmetry.entry_id                         2V9B 
_symmetry.space_group_name_H-M             'P 21 21 21' 
_symmetry.pdbx_full_space_group_name_H-M   ? 
_symmetry.cell_setting                     ? 
_symmetry.Int_Tables_number                19 
# 
_exptl.entry_id          2V9B 
_exptl.method            'X-RAY DIFFRACTION' 
_exptl.crystals_number   1 
# 
_exptl_crystal.id                    1 
_exptl_crystal.density_meas          ? 
_exptl_crystal.density_Matthews      1.7 
_exptl_crystal.density_percent_sol   30 
_exptl_crystal.description           NONE 
_exptl_crystal.preparation           ? 
# 
_exptl_crystal_grow.crystal_id      1 
_exptl_crystal_grow.method          'VAPOR DIFFUSION, HANGING DROP' 
_exptl_crystal_grow.temp            ? 
_exptl_crystal_grow.temp_details    ? 
_exptl_crystal_grow.pH              6.5 
_exptl_crystal_grow.pdbx_pH_range   ? 
_exptl_crystal_grow.pdbx_details    '1UL HANGING DROP, 30 MG/ML PROTEIN, 0.2M AMSO4, 0.08M CACODYLATE PH 6.5, 25% PEG20000' 
# 
_diffrn.id                               1 
_diffrn.ambient_temp                     100 
_diffrn.ambient_temp_details             ? 
_diffrn.crystal_id                       1 
_diffrn.pdbx_serial_crystal_experiment   ? 
# 
_diffrn_detector.diffrn_id              1 
_diffrn_detector.detector               CCD 
_diffrn_detector.type                   MARRESEARCH 
_diffrn_detector.pdbx_collection_date   2003-05-15 
_diffrn_detector.details                ? 
# 
_diffrn_radiation.diffrn_id                        1 
_diffrn_radiation.wavelength_id                    1 
_diffrn_radiation.pdbx_monochromatic_or_laue_m_l   M 
_diffrn_radiation.monochromator                    ? 
_diffrn_radiation.pdbx_diffrn_protocol             'SINGLE WAVELENGTH' 
_diffrn_radiation.pdbx_scattering_type             x-ray 
# 
_diffrn_radiation_wavelength.id           1 
_diffrn_radiation_wavelength.wavelength   0.98 
_diffrn_radiation_wavelength.wt           1.0 
# 
_diffrn_source.diffrn_id                   1 
_diffrn_source.source                      SYNCHROTRON 
_diffrn_source.type                        'EMBL/DESY, HAMBURG BEAMLINE X13' 
_diffrn_source.pdbx_synchrotron_site       'EMBL/DESY, HAMBURG' 
_diffrn_source.pdbx_synchrotron_beamline   X13 
_diffrn_source.pdbx_wavelength             0.98 
_diffrn_source.pdbx_wavelength_list        ? 
# 
_reflns.pdbx_diffrn_id               1 
_reflns.pdbx_ordinal                 1 
_reflns.entry_id                     2V9B 
_reflns.observed_criterion_sigma_I   3.0 
_reflns.observed_criterion_sigma_F   ? 
_reflns.d_resolution_low             20.00 
_reflns.d_resolution_high            1.15 
_reflns.number_obs                   34317 
_reflns.number_all                   ? 
_reflns.percent_possible_obs         99.8 
_reflns.pdbx_Rmerge_I_obs            0.06 
_reflns.pdbx_Rsym_value              ? 
_reflns.pdbx_netI_over_sigmaI        25.80 
_reflns.B_iso_Wilson_estimate        ? 
_reflns.pdbx_redundancy              21.34 
# 
_reflns_shell.pdbx_diffrn_id         1 
_reflns_shell.pdbx_ordinal           1 
_reflns_shell.d_res_high             1.05 
_reflns_shell.d_res_low              1.15 
_reflns_shell.percent_possible_all   99.6 
_reflns_shell.Rmerge_I_obs           0.22 
_reflns_shell.pdbx_Rsym_value        ? 
_reflns_shell.meanI_over_sigI_obs    12.60 
_reflns_shell.pdbx_redundancy        21 
# 
_refine.pdbx_refine_id                           'X-RAY DIFFRACTION' 
_refine.entry_id                                 2V9B 
_refine.pdbx_diffrn_id                           1 
_refine.pdbx_TLS_residual_ADP_flag               ? 
_refine.ls_number_reflns_obs                     ? 
_refine.ls_number_reflns_all                     35151 
_refine.pdbx_ls_sigma_I                          ? 
_refine.pdbx_ls_sigma_F                          12 
_refine.pdbx_data_cutoff_high_absF               ? 
_refine.pdbx_data_cutoff_low_absF                ? 
_refine.pdbx_data_cutoff_high_rms_absF           ? 
_refine.ls_d_res_low                             40 
_refine.ls_d_res_high                            1.05 
_refine.ls_percent_reflns_obs                    99.8 
_refine.ls_R_factor_obs                          ? 
_refine.ls_R_factor_all                          0.1277 
_refine.ls_R_factor_R_work                       ? 
_refine.ls_R_factor_R_free                       0.1703 
_refine.ls_R_factor_R_free_error                 ? 
_refine.ls_R_factor_R_free_error_details         ? 
_refine.ls_percent_reflns_R_free                 5 
_refine.ls_number_reflns_R_free                  1833 
_refine.ls_number_parameters                     7604 
_refine.ls_number_restraints                     10158 
_refine.occupancy_min                            ? 
_refine.occupancy_max                            ? 
_refine.correlation_coeff_Fo_to_Fc               ? 
_refine.correlation_coeff_Fo_to_Fc_free          ? 
_refine.B_iso_mean                               ? 
_refine.aniso_B[1][1]                            ? 
_refine.aniso_B[2][2]                            ? 
_refine.aniso_B[3][3]                            ? 
_refine.aniso_B[1][2]                            ? 
_refine.aniso_B[1][3]                            ? 
_refine.aniso_B[2][3]                            ? 
_refine.solvent_model_details                    ? 
_refine.solvent_model_param_ksol                 ? 
_refine.solvent_model_param_bsol                 ? 
_refine.pdbx_solvent_vdw_probe_radii             ? 
_refine.pdbx_solvent_ion_probe_radii             ? 
_refine.pdbx_solvent_shrinkage_radii             ? 
_refine.pdbx_ls_cross_valid_method               THROUGHOUT 
_refine.details                                  'HYDROGEN ATOMS WERE ADDED IN RIDING POSITIONS' 
_refine.pdbx_starting_model                      NONE 
_refine.pdbx_method_to_determine_struct          'DIRECT METHODS' 
_refine.pdbx_isotropic_thermal_model             ? 
_refine.pdbx_stereochemistry_target_values       'ENGH AND HUBER' 
_refine.pdbx_stereochem_target_val_spec_case     ? 
_refine.pdbx_R_Free_selection_details            RANDOM 
_refine.pdbx_overall_ESU_R                       ? 
_refine.pdbx_overall_ESU_R_Free                  ? 
_refine.overall_SU_ML                            ? 
_refine.pdbx_overall_phase_error                 ? 
_refine.overall_SU_B                             ? 
_refine.overall_SU_R_Cruickshank_DPI             ? 
_refine.pdbx_overall_SU_R_free_Cruickshank_DPI   ? 
_refine.pdbx_overall_SU_R_Blow_DPI               ? 
_refine.pdbx_overall_SU_R_free_Blow_DPI          ? 
# 
_refine_analyze.pdbx_refine_id                  'X-RAY DIFFRACTION' 
_refine_analyze.entry_id                        2V9B 
_refine_analyze.Luzzati_coordinate_error_obs    ? 
_refine_analyze.Luzzati_sigma_a_obs             ? 
_refine_analyze.Luzzati_d_res_low_obs           ? 
_refine_analyze.Luzzati_coordinate_error_free   ? 
_refine_analyze.Luzzati_sigma_a_free            ? 
_refine_analyze.Luzzati_d_res_low_free          ? 
_refine_analyze.number_disordered_residues      14 
_refine_analyze.occupancy_sum_hydrogen          646 
_refine_analyze.occupancy_sum_non_hydrogen      795 
# 
_refine_hist.pdbx_refine_id                   'X-RAY DIFFRACTION' 
_refine_hist.cycle_id                         LAST 
_refine_hist.pdbx_number_atoms_protein        664 
_refine_hist.pdbx_number_atoms_nucleic_acid   0 
_refine_hist.pdbx_number_atoms_ligand         30 
_refine_hist.number_atoms_solvent             106 
_refine_hist.number_atoms_total               800 
_refine_hist.d_res_high                       1.05 
_refine_hist.d_res_low                        40 
# 
loop_
_refine_ls_restr.type 
_refine_ls_restr.dev_ideal 
_refine_ls_restr.dev_ideal_target 
_refine_ls_restr.weight 
_refine_ls_restr.number 
_refine_ls_restr.pdbx_refine_id 
_refine_ls_restr.pdbx_restraint_function 
s_bond_d               0.019  ? ? ? 'X-RAY DIFFRACTION' ? 
s_angle_d              0.034  ? ? ? 'X-RAY DIFFRACTION' ? 
s_similar_dist         0.016  ? ? ? 'X-RAY DIFFRACTION' ? 
s_from_restr_planes    0.0285 ? ? ? 'X-RAY DIFFRACTION' ? 
s_zero_chiral_vol      0.080  ? ? ? 'X-RAY DIFFRACTION' ? 
s_non_zero_chiral_vol  0.106  ? ? ? 'X-RAY DIFFRACTION' ? 
s_anti_bump_dis_restr  0.114  ? ? ? 'X-RAY DIFFRACTION' ? 
s_rigid_bond_adp_cmpnt 0.006  ? ? ? 'X-RAY DIFFRACTION' ? 
s_similar_adp_cmpnt    0.044  ? ? ? 'X-RAY DIFFRACTION' ? 
s_approx_iso_adps      0.092  ? ? ? 'X-RAY DIFFRACTION' ? 
# 
_pdbx_refine.pdbx_refine_id                              'X-RAY DIFFRACTION' 
_pdbx_refine.entry_id                                    2V9B 
_pdbx_refine.R_factor_all_no_cutoff                      0.1277 
_pdbx_refine.R_factor_obs_no_cutoff                      ? 
_pdbx_refine.free_R_factor_no_cutoff                     0.1703 
_pdbx_refine.free_R_error_no_cutoff                      ? 
_pdbx_refine.free_R_val_test_set_size_perc_no_cutoff     5 
_pdbx_refine.free_R_val_test_set_ct_no_cutoff            1833 
_pdbx_refine.R_factor_all_4sig_cutoff                    0.1223 
_pdbx_refine.R_factor_obs_4sig_cutoff                    ? 
_pdbx_refine.free_R_factor_4sig_cutoff                   0.1649 
_pdbx_refine.free_R_val_test_set_size_perc_4sig_cutoff   5 
_pdbx_refine.free_R_val_test_set_ct_4sig_cutoff          1619 
_pdbx_refine.number_reflns_obs_4sig_cutoff               31043 
# 
_struct_ncs_oper.id             1 
_struct_ncs_oper.code           given 
_struct_ncs_oper.details        ? 
_struct_ncs_oper.matrix[1][1]   -0.34858017 
_struct_ncs_oper.matrix[1][2]   0.55858387 
_struct_ncs_oper.matrix[1][3]   0.75266531 
_struct_ncs_oper.matrix[2][1]   0.22578361 
_struct_ncs_oper.matrix[2][2]   -0.72936525 
_struct_ncs_oper.matrix[2][3]   0.64585221 
_struct_ncs_oper.matrix[3][1]   0.90970892 
_struct_ncs_oper.matrix[3][2]   0.39500585 
_struct_ncs_oper.matrix[3][3]   0.12802443 
_struct_ncs_oper.vector[1]      0.36135 
_struct_ncs_oper.vector[2]      -2.26369 
_struct_ncs_oper.vector[3]      -2.76933 
# 
_struct.entry_id                  2V9B 
_struct.title                     'X-ray structure of viscotoxin B2 from Viscum album' 
_struct.pdbx_model_details        ? 
_struct.pdbx_CASP_flag            ? 
_struct.pdbx_model_type_details   ? 
# 
_struct_keywords.entry_id        2V9B 
_struct_keywords.pdbx_keywords   TOXIN 
_struct_keywords.text            'TOXIN, THIONIN, SECRETED, PLANT TOXIN, PLANT DEFENSE' 
# 
loop_
_struct_asym.id 
_struct_asym.pdbx_blank_PDB_chainid_flag 
_struct_asym.pdbx_modified 
_struct_asym.entity_id 
_struct_asym.details 
A N N 1 ? 
B N N 1 ? 
C N N 2 ? 
D N N 2 ? 
E N N 2 ? 
F N N 2 ? 
G N N 2 ? 
H N N 2 ? 
I N N 3 ? 
J N N 3 ? 
# 
_struct_ref.id                         1 
_struct_ref.db_name                    UNP 
_struct_ref.db_code                    THNB_VISAL 
_struct_ref.entity_id                  1 
_struct_ref.pdbx_seq_one_letter_code   ? 
_struct_ref.pdbx_align_begin           ? 
_struct_ref.pdbx_db_accession          P08943 
_struct_ref.pdbx_db_isoform            ? 
# 
loop_
_struct_ref_seq.align_id 
_struct_ref_seq.ref_id 
_struct_ref_seq.pdbx_PDB_id_code 
_struct_ref_seq.pdbx_strand_id 
_struct_ref_seq.seq_align_beg 
_struct_ref_seq.pdbx_seq_align_beg_ins_code 
_struct_ref_seq.seq_align_end 
_struct_ref_seq.pdbx_seq_align_end_ins_code 
_struct_ref_seq.pdbx_db_accession 
_struct_ref_seq.db_align_beg 
_struct_ref_seq.pdbx_db_align_beg_ins_code 
_struct_ref_seq.db_align_end 
_struct_ref_seq.pdbx_db_align_end_ins_code 
_struct_ref_seq.pdbx_auth_seq_align_beg 
_struct_ref_seq.pdbx_auth_seq_align_end 
1 1 2V9B A 1 ? 46 ? P08943 7 ? 52 ? 1 46 
2 1 2V9B B 1 ? 46 ? P08943 7 ? 52 ? 1 46 
# 
loop_
_struct_ref_seq_dif.align_id 
_struct_ref_seq_dif.pdbx_pdb_id_code 
_struct_ref_seq_dif.mon_id 
_struct_ref_seq_dif.pdbx_pdb_strand_id 
_struct_ref_seq_dif.seq_num 
_struct_ref_seq_dif.pdbx_pdb_ins_code 
_struct_ref_seq_dif.pdbx_seq_db_name 
_struct_ref_seq_dif.pdbx_seq_db_accession_code 
_struct_ref_seq_dif.db_mon_id 
_struct_ref_seq_dif.pdbx_seq_db_seq_num 
_struct_ref_seq_dif.details 
_struct_ref_seq_dif.pdbx_auth_seq_num 
_struct_ref_seq_dif.pdbx_ordinal 
1 2V9B ASP A 11 ? UNP P08943 ASN 17 variant 11 1 
2 2V9B ASP B 11 ? UNP P08943 ASN 17 variant 11 2 
# 
_pdbx_struct_assembly.id                   1 
_pdbx_struct_assembly.details              author_and_software_defined_assembly 
_pdbx_struct_assembly.method_details       PQS 
_pdbx_struct_assembly.oligomeric_details   dimeric 
_pdbx_struct_assembly.oligomeric_count     2 
# 
loop_
_pdbx_struct_assembly_prop.biol_id 
_pdbx_struct_assembly_prop.type 
_pdbx_struct_assembly_prop.value 
_pdbx_struct_assembly_prop.details 
1 'ABSA (A^2)' 970  ? 
1 MORE         -8.9 ? 
1 'SSA (A^2)'  6550 ? 
# 
_pdbx_struct_assembly_gen.assembly_id       1 
_pdbx_struct_assembly_gen.oper_expression   1 
_pdbx_struct_assembly_gen.asym_id_list      A,B,C,D,E,F,G,H,I,J 
# 
_pdbx_struct_oper_list.id                   1 
_pdbx_struct_oper_list.type                 'identity operation' 
_pdbx_struct_oper_list.name                 1_555 
_pdbx_struct_oper_list.symmetry_operation   x,y,z 
_pdbx_struct_oper_list.matrix[1][1]         1.0000000000 
_pdbx_struct_oper_list.matrix[1][2]         0.0000000000 
_pdbx_struct_oper_list.matrix[1][3]         0.0000000000 
_pdbx_struct_oper_list.vector[1]            0.0000000000 
_pdbx_struct_oper_list.matrix[2][1]         0.0000000000 
_pdbx_struct_oper_list.matrix[2][2]         1.0000000000 
_pdbx_struct_oper_list.matrix[2][3]         0.0000000000 
_pdbx_struct_oper_list.vector[2]            0.0000000000 
_pdbx_struct_oper_list.matrix[3][1]         0.0000000000 
_pdbx_struct_oper_list.matrix[3][2]         0.0000000000 
_pdbx_struct_oper_list.matrix[3][3]         1.0000000000 
_pdbx_struct_oper_list.vector[3]            0.0000000000 
# 
loop_
_struct_conf.conf_type_id 
_struct_conf.id 
_struct_conf.pdbx_PDB_helix_id 
_struct_conf.beg_label_comp_id 
_struct_conf.beg_label_asym_id 
_struct_conf.beg_label_seq_id 
_struct_conf.pdbx_beg_PDB_ins_code 
_struct_conf.end_label_comp_id 
_struct_conf.end_label_asym_id 
_struct_conf.end_label_seq_id 
_struct_conf.pdbx_end_PDB_ins_code 
_struct_conf.beg_auth_comp_id 
_struct_conf.beg_auth_asym_id 
_struct_conf.beg_auth_seq_id 
_struct_conf.end_auth_comp_id 
_struct_conf.end_auth_asym_id 
_struct_conf.end_auth_seq_id 
_struct_conf.pdbx_PDB_helix_class 
_struct_conf.details 
_struct_conf.pdbx_PDB_helix_length 
HELX_P HELX_P1 1 ASN A 6  ? GLY A 19 ? ASN A 6  GLY A 19 1 ? 14 
HELX_P HELX_P2 2 SER A 22 ? GLY A 31 ? SER A 22 GLY A 31 1 ? 10 
HELX_P HELX_P3 3 ASN B 6  ? GLY B 19 ? ASN B 6  GLY B 19 1 ? 14 
HELX_P HELX_P4 4 SER B 22 ? GLY B 31 ? SER B 22 GLY B 31 1 ? 10 
# 
_struct_conf_type.id          HELX_P 
_struct_conf_type.criteria    ? 
_struct_conf_type.reference   ? 
# 
loop_
_struct_conn.id 
_struct_conn.conn_type_id 
_struct_conn.pdbx_leaving_atom_flag 
_struct_conn.pdbx_PDB_id 
_struct_conn.ptnr1_label_asym_id 
_struct_conn.ptnr1_label_comp_id 
_struct_conn.ptnr1_label_seq_id 
_struct_conn.ptnr1_label_atom_id 
_struct_conn.pdbx_ptnr1_label_alt_id 
_struct_conn.pdbx_ptnr1_PDB_ins_code 
_struct_conn.pdbx_ptnr1_standard_comp_id 
_struct_conn.ptnr1_symmetry 
_struct_conn.ptnr2_label_asym_id 
_struct_conn.ptnr2_label_comp_id 
_struct_conn.ptnr2_label_seq_id 
_struct_conn.ptnr2_label_atom_id 
_struct_conn.pdbx_ptnr2_label_alt_id 
_struct_conn.pdbx_ptnr2_PDB_ins_code 
_struct_conn.ptnr1_auth_asym_id 
_struct_conn.ptnr1_auth_comp_id 
_struct_conn.ptnr1_auth_seq_id 
_struct_conn.ptnr2_auth_asym_id 
_struct_conn.ptnr2_auth_comp_id 
_struct_conn.ptnr2_auth_seq_id 
_struct_conn.ptnr2_symmetry 
_struct_conn.pdbx_ptnr3_label_atom_id 
_struct_conn.pdbx_ptnr3_label_seq_id 
_struct_conn.pdbx_ptnr3_label_comp_id 
_struct_conn.pdbx_ptnr3_label_asym_id 
_struct_conn.pdbx_ptnr3_label_alt_id 
_struct_conn.pdbx_ptnr3_PDB_ins_code 
_struct_conn.details 
_struct_conn.pdbx_dist_value 
_struct_conn.pdbx_value_order 
_struct_conn.pdbx_role 
disulf1 disulf ? ? A CYS 3  SG ? ? ? 1_555 A CYS 40 SG ? ? A CYS 3  A CYS 40 1_555 ? ? ? ? ? ? ? 2.025 ? ? 
disulf2 disulf ? ? A CYS 4  SG ? ? ? 1_555 A CYS 32 SG ? ? A CYS 4  A CYS 32 1_555 ? ? ? ? ? ? ? 2.039 ? ? 
disulf3 disulf ? ? A CYS 16 SG ? ? ? 1_555 A CYS 26 SG ? ? A CYS 16 A CYS 26 1_555 ? ? ? ? ? ? ? 2.085 ? ? 
disulf4 disulf ? ? B CYS 3  SG ? ? ? 1_555 B CYS 40 SG ? ? B CYS 3  B CYS 40 1_555 ? ? ? ? ? ? ? 1.984 ? ? 
disulf5 disulf ? ? B CYS 4  SG ? ? ? 1_555 B CYS 32 SG ? ? B CYS 4  B CYS 32 1_555 ? ? ? ? ? ? ? 2.039 ? ? 
disulf6 disulf ? ? B CYS 16 SG ? ? ? 1_555 B CYS 26 SG ? ? B CYS 16 B CYS 26 1_555 ? ? ? ? ? ? ? 2.006 ? ? 
# 
_struct_conn_type.id          disulf 
_struct_conn_type.criteria    ? 
_struct_conn_type.reference   ? 
# 
loop_
_pdbx_modification_feature.ordinal 
_pdbx_modification_feature.label_comp_id 
_pdbx_modification_feature.label_asym_id 
_pdbx_modification_feature.label_seq_id 
_pdbx_modification_feature.label_alt_id 
_pdbx_modification_feature.modified_residue_label_comp_id 
_pdbx_modification_feature.modified_residue_label_asym_id 
_pdbx_modification_feature.modified_residue_label_seq_id 
_pdbx_modification_feature.modified_residue_label_alt_id 
_pdbx_modification_feature.auth_comp_id 
_pdbx_modification_feature.auth_asym_id 
_pdbx_modification_feature.auth_seq_id 
_pdbx_modification_feature.PDB_ins_code 
_pdbx_modification_feature.symmetry 
_pdbx_modification_feature.modified_residue_auth_comp_id 
_pdbx_modification_feature.modified_residue_auth_asym_id 
_pdbx_modification_feature.modified_residue_auth_seq_id 
_pdbx_modification_feature.modified_residue_PDB_ins_code 
_pdbx_modification_feature.modified_residue_symmetry 
_pdbx_modification_feature.comp_id_linking_atom 
_pdbx_modification_feature.modified_residue_id_linking_atom 
_pdbx_modification_feature.modified_residue_id 
_pdbx_modification_feature.ref_pcm_id 
_pdbx_modification_feature.ref_comp_id 
_pdbx_modification_feature.type 
_pdbx_modification_feature.category 
1 CYS A 3  ? CYS A 40 ? CYS A 3  ? 1_555 CYS A 40 ? 1_555 SG SG . . . None 'Disulfide bridge' 
2 CYS A 4  ? CYS A 32 ? CYS A 4  ? 1_555 CYS A 32 ? 1_555 SG SG . . . None 'Disulfide bridge' 
3 CYS A 16 ? CYS A 26 ? CYS A 16 ? 1_555 CYS A 26 ? 1_555 SG SG . . . None 'Disulfide bridge' 
4 CYS B 3  ? CYS B 40 ? CYS B 3  ? 1_555 CYS B 40 ? 1_555 SG SG . . . None 'Disulfide bridge' 
5 CYS B 4  ? CYS B 32 ? CYS B 4  ? 1_555 CYS B 32 ? 1_555 SG SG . . . None 'Disulfide bridge' 
6 CYS B 16 ? CYS B 26 ? CYS B 16 ? 1_555 CYS B 26 ? 1_555 SG SG . . . None 'Disulfide bridge' 
# 
loop_
_struct_sheet.id 
_struct_sheet.type 
_struct_sheet.number_strands 
_struct_sheet.details 
AA ? 2 ? 
BA ? 2 ? 
# 
loop_
_struct_sheet_order.sheet_id 
_struct_sheet_order.range_id_1 
_struct_sheet_order.range_id_2 
_struct_sheet_order.offset 
_struct_sheet_order.sense 
AA 1 2 ? anti-parallel 
BA 1 2 ? anti-parallel 
# 
loop_
_struct_sheet_range.sheet_id 
_struct_sheet_range.id 
_struct_sheet_range.beg_label_comp_id 
_struct_sheet_range.beg_label_asym_id 
_struct_sheet_range.beg_label_seq_id 
_struct_sheet_range.pdbx_beg_PDB_ins_code 
_struct_sheet_range.end_label_comp_id 
_struct_sheet_range.end_label_asym_id 
_struct_sheet_range.end_label_seq_id 
_struct_sheet_range.pdbx_end_PDB_ins_code 
_struct_sheet_range.beg_auth_comp_id 
_struct_sheet_range.beg_auth_asym_id 
_struct_sheet_range.beg_auth_seq_id 
_struct_sheet_range.end_auth_comp_id 
_struct_sheet_range.end_auth_asym_id 
_struct_sheet_range.end_auth_seq_id 
AA 1 SER A 2  ? CYS A 3  ? SER A 2  CYS A 3  
AA 2 LYS A 33 ? ILE A 34 ? LYS A 33 ILE A 34 
BA 1 SER B 2  ? CYS B 3  ? SER B 2  CYS B 3  
BA 2 LYS B 33 ? ILE B 34 ? LYS B 33 ILE B 34 
# 
loop_
_pdbx_struct_sheet_hbond.sheet_id 
_pdbx_struct_sheet_hbond.range_id_1 
_pdbx_struct_sheet_hbond.range_id_2 
_pdbx_struct_sheet_hbond.range_1_label_atom_id 
_pdbx_struct_sheet_hbond.range_1_label_comp_id 
_pdbx_struct_sheet_hbond.range_1_label_asym_id 
_pdbx_struct_sheet_hbond.range_1_label_seq_id 
_pdbx_struct_sheet_hbond.range_1_PDB_ins_code 
_pdbx_struct_sheet_hbond.range_1_auth_atom_id 
_pdbx_struct_sheet_hbond.range_1_auth_comp_id 
_pdbx_struct_sheet_hbond.range_1_auth_asym_id 
_pdbx_struct_sheet_hbond.range_1_auth_seq_id 
_pdbx_struct_sheet_hbond.range_2_label_atom_id 
_pdbx_struct_sheet_hbond.range_2_label_comp_id 
_pdbx_struct_sheet_hbond.range_2_label_asym_id 
_pdbx_struct_sheet_hbond.range_2_label_seq_id 
_pdbx_struct_sheet_hbond.range_2_PDB_ins_code 
_pdbx_struct_sheet_hbond.range_2_auth_atom_id 
_pdbx_struct_sheet_hbond.range_2_auth_comp_id 
_pdbx_struct_sheet_hbond.range_2_auth_asym_id 
_pdbx_struct_sheet_hbond.range_2_auth_seq_id 
AA 1 2 N CYS A 3 ? N CYS A 3 O LYS A 33 ? O LYS A 33 
BA 1 2 N CYS B 3 ? N CYS B 3 O LYS B 33 ? O LYS B 33 
# 
loop_
_struct_site.id 
_struct_site.pdbx_evidence_code 
_struct_site.pdbx_auth_asym_id 
_struct_site.pdbx_auth_comp_id 
_struct_site.pdbx_auth_seq_id 
_struct_site.pdbx_auth_ins_code 
_struct_site.pdbx_num_residues 
_struct_site.details 
AC1 Software ? ? ? ? 6  'BINDING SITE FOR RESIDUE SO4 A1047' 
AC2 Software ? ? ? ? 4  'BINDING SITE FOR RESIDUE SO4 B1047' 
AC3 Software ? ? ? ? 10 'BINDING SITE FOR RESIDUE SO4 A1048' 
AC4 Software ? ? ? ? 11 'BINDING SITE FOR RESIDUE SO4 A1049' 
AC5 Software ? ? ? ? 10 'BINDING SITE FOR RESIDUE SO4 B1048' 
AC6 Software ? ? ? ? 7  'BINDING SITE FOR RESIDUE SO4 A1050' 
# 
loop_
_struct_site_gen.id 
_struct_site_gen.site_id 
_struct_site_gen.pdbx_num_res 
_struct_site_gen.label_comp_id 
_struct_site_gen.label_asym_id 
_struct_site_gen.label_seq_id 
_struct_site_gen.pdbx_auth_ins_code 
_struct_site_gen.auth_comp_id 
_struct_site_gen.auth_asym_id 
_struct_site_gen.auth_seq_id 
_struct_site_gen.label_atom_id 
_struct_site_gen.label_alt_id 
_struct_site_gen.symmetry 
_struct_site_gen.details 
1  AC1 6  GLY A 21 ? GLY A 21   . ? 1_555 ? 
2  AC1 6  SER A 22 ? SER A 22   . ? 1_555 ? 
3  AC1 6  ARG A 25 ? ARG A 25   . ? 1_555 ? 
4  AC1 6  HOH I .  ? HOH A 2045 . ? 1_555 ? 
5  AC1 6  ARG B 25 ? ARG B 25   . ? 1_555 ? 
6  AC1 6  HOH J .  ? HOH B 2040 . ? 1_555 ? 
7  AC2 4  GLY B 21 ? GLY B 21   . ? 1_555 ? 
8  AC2 4  SER B 22 ? SER B 22   . ? 1_555 ? 
9  AC2 4  ARG B 25 ? ARG B 25   . ? 1_555 ? 
10 AC2 4  HOH J .  ? HOH B 2046 . ? 1_555 ? 
11 AC3 10 LYS A 1  ? LYS A 1    . ? 1_555 ? 
12 AC3 10 SER A 2  ? SER A 2    . ? 1_555 ? 
13 AC3 10 THR A 7  ? THR A 7    . ? 1_555 ? 
14 AC3 10 TYR A 13 ? TYR A 13   . ? 1_555 ? 
15 AC3 10 ARG A 23 ? ARG A 23   . ? 1_555 ? 
16 AC3 10 HOH I .  ? HOH A 2011 . ? 1_555 ? 
17 AC3 10 HOH I .  ? HOH A 2021 . ? 1_555 ? 
18 AC3 10 HOH I .  ? HOH A 2046 . ? 1_555 ? 
19 AC3 10 HOH I .  ? HOH A 2047 . ? 1_555 ? 
20 AC3 10 HOH I .  ? HOH A 2048 . ? 1_555 ? 
21 AC4 11 ASN A 6  ? ASN A 6    . ? 1_555 ? 
22 AC4 11 THR A 7  ? THR A 7    . ? 1_555 ? 
23 AC4 11 ARG A 23 ? ARG A 23   . ? 1_555 ? 
24 AC4 11 LYS A 46 ? LYS A 46   . ? 1_555 ? 
25 AC4 11 HOH I .  ? HOH A 2004 . ? 1_555 ? 
26 AC4 11 HOH I .  ? HOH A 2009 . ? 1_555 ? 
27 AC4 11 HOH I .  ? HOH A 2049 . ? 1_555 ? 
28 AC4 11 HOH I .  ? HOH A 2050 . ? 1_555 ? 
29 AC4 11 HOH I .  ? HOH A 2051 . ? 1_555 ? 
30 AC4 11 HOH I .  ? HOH A 2052 . ? 1_555 ? 
31 AC4 11 HOH J .  ? HOH B 2001 . ? 1_555 ? 
32 AC5 10 SER B 2  ? SER B 2    . ? 1_555 ? 
33 AC5 10 TYR B 13 ? TYR B 13   . ? 1_555 ? 
34 AC5 10 ARG B 17 ? ARG B 17   . ? 1_555 ? 
35 AC5 10 ARG B 23 ? ARG B 23   . ? 1_555 ? 
36 AC5 10 HOH J .  ? HOH B 2023 . ? 1_555 ? 
37 AC5 10 HOH J .  ? HOH B 2048 . ? 1_555 ? 
38 AC5 10 HOH J .  ? HOH B 2049 . ? 1_555 ? 
39 AC5 10 HOH J .  ? HOH B 2050 . ? 1_555 ? 
40 AC5 10 HOH J .  ? HOH B 2051 . ? 1_555 ? 
41 AC5 10 HOH J .  ? HOH B 2052 . ? 1_555 ? 
42 AC6 7  ARG A 17 ? ARG A 17   . ? 1_555 ? 
43 AC6 7  SER A 22 ? SER A 22   . ? 1_555 ? 
44 AC6 7  ARG A 23 ? ARG A 23   . ? 1_555 ? 
45 AC6 7  HOH I .  ? HOH A 2023 . ? 1_555 ? 
46 AC6 7  HOH I .  ? HOH A 2044 . ? 1_555 ? 
47 AC6 7  HOH I .  ? HOH A 2053 . ? 1_555 ? 
48 AC6 7  HOH I .  ? HOH A 2054 . ? 1_555 ? 
# 
_pdbx_entry_details.entry_id                   2V9B 
_pdbx_entry_details.compound_details           
;ENGINEERED RESIDUE IN CHAIN A, ASN 17 TO ASP
ENGINEERED RESIDUE IN CHAIN B, ASN 17 TO ASP
;
_pdbx_entry_details.source_details             ? 
_pdbx_entry_details.nonpolymer_details         ? 
_pdbx_entry_details.sequence_details           'N11D KNOWN ISOFORM MUTATION' 
_pdbx_entry_details.has_ligand_of_interest     ? 
_pdbx_entry_details.has_protein_modification   Y 
# 
loop_
_pdbx_validate_rmsd_bond.id 
_pdbx_validate_rmsd_bond.PDB_model_num 
_pdbx_validate_rmsd_bond.auth_atom_id_1 
_pdbx_validate_rmsd_bond.auth_asym_id_1 
_pdbx_validate_rmsd_bond.auth_comp_id_1 
_pdbx_validate_rmsd_bond.auth_seq_id_1 
_pdbx_validate_rmsd_bond.PDB_ins_code_1 
_pdbx_validate_rmsd_bond.label_alt_id_1 
_pdbx_validate_rmsd_bond.auth_atom_id_2 
_pdbx_validate_rmsd_bond.auth_asym_id_2 
_pdbx_validate_rmsd_bond.auth_comp_id_2 
_pdbx_validate_rmsd_bond.auth_seq_id_2 
_pdbx_validate_rmsd_bond.PDB_ins_code_2 
_pdbx_validate_rmsd_bond.label_alt_id_2 
_pdbx_validate_rmsd_bond.bond_value 
_pdbx_validate_rmsd_bond.bond_target_value 
_pdbx_validate_rmsd_bond.bond_deviation 
_pdbx_validate_rmsd_bond.bond_standard_deviation 
_pdbx_validate_rmsd_bond.linker_flag 
1 1 CB A CYS 16 ? B SG A CYS 16 ? ? 1.629 1.812 -0.183 0.016 N 
2 1 CB A CYS 26 ? B SG A CYS 26 ? ? 2.050 1.818 0.232  0.017 N 
3 1 CB B CYS 16 ? B SG B CYS 16 ? ? 1.649 1.812 -0.163 0.016 N 
4 1 CB B CYS 32 ? B SG B CYS 32 ? ? 1.935 1.818 0.117  0.017 N 
# 
loop_
_pdbx_validate_rmsd_angle.id 
_pdbx_validate_rmsd_angle.PDB_model_num 
_pdbx_validate_rmsd_angle.auth_atom_id_1 
_pdbx_validate_rmsd_angle.auth_asym_id_1 
_pdbx_validate_rmsd_angle.auth_comp_id_1 
_pdbx_validate_rmsd_angle.auth_seq_id_1 
_pdbx_validate_rmsd_angle.PDB_ins_code_1 
_pdbx_validate_rmsd_angle.label_alt_id_1 
_pdbx_validate_rmsd_angle.auth_atom_id_2 
_pdbx_validate_rmsd_angle.auth_asym_id_2 
_pdbx_validate_rmsd_angle.auth_comp_id_2 
_pdbx_validate_rmsd_angle.auth_seq_id_2 
_pdbx_validate_rmsd_angle.PDB_ins_code_2 
_pdbx_validate_rmsd_angle.label_alt_id_2 
_pdbx_validate_rmsd_angle.auth_atom_id_3 
_pdbx_validate_rmsd_angle.auth_asym_id_3 
_pdbx_validate_rmsd_angle.auth_comp_id_3 
_pdbx_validate_rmsd_angle.auth_seq_id_3 
_pdbx_validate_rmsd_angle.PDB_ins_code_3 
_pdbx_validate_rmsd_angle.label_alt_id_3 
_pdbx_validate_rmsd_angle.angle_value 
_pdbx_validate_rmsd_angle.angle_target_value 
_pdbx_validate_rmsd_angle.angle_deviation 
_pdbx_validate_rmsd_angle.angle_standard_deviation 
_pdbx_validate_rmsd_angle.linker_flag 
1  1 NH1 A ARG 10 ? ? CZ A ARG 10 ? ? NH2 A ARG 10 ? ? 126.20 119.40 6.80   1.10 N 
2  1 NE  A ARG 10 ? ? CZ A ARG 10 ? ? NH1 A ARG 10 ? ? 116.05 120.30 -4.25  0.50 N 
3  1 CA  A CYS 16 ? ? CB A CYS 16 ? B SG  A CYS 16 ? ? 125.93 114.20 11.73  1.10 N 
4  1 NE  A ARG 17 ? ? CZ A ARG 17 ? ? NH2 A ARG 17 ? ? 116.27 120.30 -4.03  0.50 N 
5  1 CA  A CYS 26 ? ? CB A CYS 26 ? B SG  A CYS 26 ? ? 101.82 114.00 -12.18 1.80 N 
6  1 CB  A ASP 43 ? ? CG A ASP 43 ? ? OD2 A ASP 43 ? ? 127.49 118.30 9.19   0.90 N 
7  1 CA  B CYS 16 ? ? CB B CYS 16 ? B SG  B CYS 16 ? ? 125.53 114.20 11.33  1.10 N 
8  1 NE  B ARG 17 ? ? CZ B ARG 17 ? ? NH1 B ARG 17 ? ? 124.67 120.30 4.37   0.50 N 
9  1 NE  B ARG 17 ? ? CZ B ARG 17 ? ? NH2 B ARG 17 ? ? 115.48 120.30 -4.82  0.50 N 
10 1 NE  B ARG 23 ? ? CZ B ARG 23 ? ? NH1 B ARG 23 ? ? 123.44 120.30 3.14   0.50 N 
11 1 NE  B ARG 23 ? ? CZ B ARG 23 ? ? NH2 B ARG 23 ? ? 115.10 120.30 -5.20  0.50 N 
12 1 CB  B ASP 43 ? ? CG B ASP 43 ? ? OD1 B ASP 43 ? ? 125.05 118.30 6.75   0.90 N 
# 
_pdbx_validate_torsion.id              1 
_pdbx_validate_torsion.PDB_model_num   1 
_pdbx_validate_torsion.auth_comp_id    SER 
_pdbx_validate_torsion.auth_asym_id    B 
_pdbx_validate_torsion.auth_seq_id     36 
_pdbx_validate_torsion.PDB_ins_code    ? 
_pdbx_validate_torsion.label_alt_id    ? 
_pdbx_validate_torsion.phi             -96.69 
_pdbx_validate_torsion.psi             44.24 
# 
loop_
_chem_comp_atom.comp_id 
_chem_comp_atom.atom_id 
_chem_comp_atom.type_symbol 
_chem_comp_atom.pdbx_aromatic_flag 
_chem_comp_atom.pdbx_stereo_config 
_chem_comp_atom.pdbx_ordinal 
ALA N    N N N 1   
ALA CA   C N S 2   
ALA C    C N N 3   
ALA O    O N N 4   
ALA CB   C N N 5   
ALA OXT  O N N 6   
ALA H    H N N 7   
ALA H2   H N N 8   
ALA HA   H N N 9   
ALA HB1  H N N 10  
ALA HB2  H N N 11  
ALA HB3  H N N 12  
ALA HXT  H N N 13  
ARG N    N N N 14  
ARG CA   C N S 15  
ARG C    C N N 16  
ARG O    O N N 17  
ARG CB   C N N 18  
ARG CG   C N N 19  
ARG CD   C N N 20  
ARG NE   N N N 21  
ARG CZ   C N N 22  
ARG NH1  N N N 23  
ARG NH2  N N N 24  
ARG OXT  O N N 25  
ARG H    H N N 26  
ARG H2   H N N 27  
ARG HA   H N N 28  
ARG HB2  H N N 29  
ARG HB3  H N N 30  
ARG HG2  H N N 31  
ARG HG3  H N N 32  
ARG HD2  H N N 33  
ARG HD3  H N N 34  
ARG HE   H N N 35  
ARG HH11 H N N 36  
ARG HH12 H N N 37  
ARG HH21 H N N 38  
ARG HH22 H N N 39  
ARG HXT  H N N 40  
ASN N    N N N 41  
ASN CA   C N S 42  
ASN C    C N N 43  
ASN O    O N N 44  
ASN CB   C N N 45  
ASN CG   C N N 46  
ASN OD1  O N N 47  
ASN ND2  N N N 48  
ASN OXT  O N N 49  
ASN H    H N N 50  
ASN H2   H N N 51  
ASN HA   H N N 52  
ASN HB2  H N N 53  
ASN HB3  H N N 54  
ASN HD21 H N N 55  
ASN HD22 H N N 56  
ASN HXT  H N N 57  
ASP N    N N N 58  
ASP CA   C N S 59  
ASP C    C N N 60  
ASP O    O N N 61  
ASP CB   C N N 62  
ASP CG   C N N 63  
ASP OD1  O N N 64  
ASP OD2  O N N 65  
ASP OXT  O N N 66  
ASP H    H N N 67  
ASP H2   H N N 68  
ASP HA   H N N 69  
ASP HB2  H N N 70  
ASP HB3  H N N 71  
ASP HD2  H N N 72  
ASP HXT  H N N 73  
CYS N    N N N 74  
CYS CA   C N R 75  
CYS C    C N N 76  
CYS O    O N N 77  
CYS CB   C N N 78  
CYS SG   S N N 79  
CYS OXT  O N N 80  
CYS H    H N N 81  
CYS H2   H N N 82  
CYS HA   H N N 83  
CYS HB2  H N N 84  
CYS HB3  H N N 85  
CYS HG   H N N 86  
CYS HXT  H N N 87  
GLU N    N N N 88  
GLU CA   C N S 89  
GLU C    C N N 90  
GLU O    O N N 91  
GLU CB   C N N 92  
GLU CG   C N N 93  
GLU CD   C N N 94  
GLU OE1  O N N 95  
GLU OE2  O N N 96  
GLU OXT  O N N 97  
GLU H    H N N 98  
GLU H2   H N N 99  
GLU HA   H N N 100 
GLU HB2  H N N 101 
GLU HB3  H N N 102 
GLU HG2  H N N 103 
GLU HG3  H N N 104 
GLU HE2  H N N 105 
GLU HXT  H N N 106 
GLY N    N N N 107 
GLY CA   C N N 108 
GLY C    C N N 109 
GLY O    O N N 110 
GLY OXT  O N N 111 
GLY H    H N N 112 
GLY H2   H N N 113 
GLY HA2  H N N 114 
GLY HA3  H N N 115 
GLY HXT  H N N 116 
HOH O    O N N 117 
HOH H1   H N N 118 
HOH H2   H N N 119 
ILE N    N N N 120 
ILE CA   C N S 121 
ILE C    C N N 122 
ILE O    O N N 123 
ILE CB   C N S 124 
ILE CG1  C N N 125 
ILE CG2  C N N 126 
ILE CD1  C N N 127 
ILE OXT  O N N 128 
ILE H    H N N 129 
ILE H2   H N N 130 
ILE HA   H N N 131 
ILE HB   H N N 132 
ILE HG12 H N N 133 
ILE HG13 H N N 134 
ILE HG21 H N N 135 
ILE HG22 H N N 136 
ILE HG23 H N N 137 
ILE HD11 H N N 138 
ILE HD12 H N N 139 
ILE HD13 H N N 140 
ILE HXT  H N N 141 
LEU N    N N N 142 
LEU CA   C N S 143 
LEU C    C N N 144 
LEU O    O N N 145 
LEU CB   C N N 146 
LEU CG   C N N 147 
LEU CD1  C N N 148 
LEU CD2  C N N 149 
LEU OXT  O N N 150 
LEU H    H N N 151 
LEU H2   H N N 152 
LEU HA   H N N 153 
LEU HB2  H N N 154 
LEU HB3  H N N 155 
LEU HG   H N N 156 
LEU HD11 H N N 157 
LEU HD12 H N N 158 
LEU HD13 H N N 159 
LEU HD21 H N N 160 
LEU HD22 H N N 161 
LEU HD23 H N N 162 
LEU HXT  H N N 163 
LYS N    N N N 164 
LYS CA   C N S 165 
LYS C    C N N 166 
LYS O    O N N 167 
LYS CB   C N N 168 
LYS CG   C N N 169 
LYS CD   C N N 170 
LYS CE   C N N 171 
LYS NZ   N N N 172 
LYS OXT  O N N 173 
LYS H    H N N 174 
LYS H2   H N N 175 
LYS HA   H N N 176 
LYS HB2  H N N 177 
LYS HB3  H N N 178 
LYS HG2  H N N 179 
LYS HG3  H N N 180 
LYS HD2  H N N 181 
LYS HD3  H N N 182 
LYS HE2  H N N 183 
LYS HE3  H N N 184 
LYS HZ1  H N N 185 
LYS HZ2  H N N 186 
LYS HZ3  H N N 187 
LYS HXT  H N N 188 
PRO N    N N N 189 
PRO CA   C N S 190 
PRO C    C N N 191 
PRO O    O N N 192 
PRO CB   C N N 193 
PRO CG   C N N 194 
PRO CD   C N N 195 
PRO OXT  O N N 196 
PRO H    H N N 197 
PRO HA   H N N 198 
PRO HB2  H N N 199 
PRO HB3  H N N 200 
PRO HG2  H N N 201 
PRO HG3  H N N 202 
PRO HD2  H N N 203 
PRO HD3  H N N 204 
PRO HXT  H N N 205 
SER N    N N N 206 
SER CA   C N S 207 
SER C    C N N 208 
SER O    O N N 209 
SER CB   C N N 210 
SER OG   O N N 211 
SER OXT  O N N 212 
SER H    H N N 213 
SER H2   H N N 214 
SER HA   H N N 215 
SER HB2  H N N 216 
SER HB3  H N N 217 
SER HG   H N N 218 
SER HXT  H N N 219 
SO4 S    S N N 220 
SO4 O1   O N N 221 
SO4 O2   O N N 222 
SO4 O3   O N N 223 
SO4 O4   O N N 224 
THR N    N N N 225 
THR CA   C N S 226 
THR C    C N N 227 
THR O    O N N 228 
THR CB   C N R 229 
THR OG1  O N N 230 
THR CG2  C N N 231 
THR OXT  O N N 232 
THR H    H N N 233 
THR H2   H N N 234 
THR HA   H N N 235 
THR HB   H N N 236 
THR HG1  H N N 237 
THR HG21 H N N 238 
THR HG22 H N N 239 
THR HG23 H N N 240 
THR HXT  H N N 241 
TYR N    N N N 242 
TYR CA   C N S 243 
TYR C    C N N 244 
TYR O    O N N 245 
TYR CB   C N N 246 
TYR CG   C Y N 247 
TYR CD1  C Y N 248 
TYR CD2  C Y N 249 
TYR CE1  C Y N 250 
TYR CE2  C Y N 251 
TYR CZ   C Y N 252 
TYR OH   O N N 253 
TYR OXT  O N N 254 
TYR H    H N N 255 
TYR H2   H N N 256 
TYR HA   H N N 257 
TYR HB2  H N N 258 
TYR HB3  H N N 259 
TYR HD1  H N N 260 
TYR HD2  H N N 261 
TYR HE1  H N N 262 
TYR HE2  H N N 263 
TYR HH   H N N 264 
TYR HXT  H N N 265 
# 
loop_
_chem_comp_bond.comp_id 
_chem_comp_bond.atom_id_1 
_chem_comp_bond.atom_id_2 
_chem_comp_bond.value_order 
_chem_comp_bond.pdbx_aromatic_flag 
_chem_comp_bond.pdbx_stereo_config 
_chem_comp_bond.pdbx_ordinal 
ALA N   CA   sing N N 1   
ALA N   H    sing N N 2   
ALA N   H2   sing N N 3   
ALA CA  C    sing N N 4   
ALA CA  CB   sing N N 5   
ALA CA  HA   sing N N 6   
ALA C   O    doub N N 7   
ALA C   OXT  sing N N 8   
ALA CB  HB1  sing N N 9   
ALA CB  HB2  sing N N 10  
ALA CB  HB3  sing N N 11  
ALA OXT HXT  sing N N 12  
ARG N   CA   sing N N 13  
ARG N   H    sing N N 14  
ARG N   H2   sing N N 15  
ARG CA  C    sing N N 16  
ARG CA  CB   sing N N 17  
ARG CA  HA   sing N N 18  
ARG C   O    doub N N 19  
ARG C   OXT  sing N N 20  
ARG CB  CG   sing N N 21  
ARG CB  HB2  sing N N 22  
ARG CB  HB3  sing N N 23  
ARG CG  CD   sing N N 24  
ARG CG  HG2  sing N N 25  
ARG CG  HG3  sing N N 26  
ARG CD  NE   sing N N 27  
ARG CD  HD2  sing N N 28  
ARG CD  HD3  sing N N 29  
ARG NE  CZ   sing N N 30  
ARG NE  HE   sing N N 31  
ARG CZ  NH1  sing N N 32  
ARG CZ  NH2  doub N N 33  
ARG NH1 HH11 sing N N 34  
ARG NH1 HH12 sing N N 35  
ARG NH2 HH21 sing N N 36  
ARG NH2 HH22 sing N N 37  
ARG OXT HXT  sing N N 38  
ASN N   CA   sing N N 39  
ASN N   H    sing N N 40  
ASN N   H2   sing N N 41  
ASN CA  C    sing N N 42  
ASN CA  CB   sing N N 43  
ASN CA  HA   sing N N 44  
ASN C   O    doub N N 45  
ASN C   OXT  sing N N 46  
ASN CB  CG   sing N N 47  
ASN CB  HB2  sing N N 48  
ASN CB  HB3  sing N N 49  
ASN CG  OD1  doub N N 50  
ASN CG  ND2  sing N N 51  
ASN ND2 HD21 sing N N 52  
ASN ND2 HD22 sing N N 53  
ASN OXT HXT  sing N N 54  
ASP N   CA   sing N N 55  
ASP N   H    sing N N 56  
ASP N   H2   sing N N 57  
ASP CA  C    sing N N 58  
ASP CA  CB   sing N N 59  
ASP CA  HA   sing N N 60  
ASP C   O    doub N N 61  
ASP C   OXT  sing N N 62  
ASP CB  CG   sing N N 63  
ASP CB  HB2  sing N N 64  
ASP CB  HB3  sing N N 65  
ASP CG  OD1  doub N N 66  
ASP CG  OD2  sing N N 67  
ASP OD2 HD2  sing N N 68  
ASP OXT HXT  sing N N 69  
CYS N   CA   sing N N 70  
CYS N   H    sing N N 71  
CYS N   H2   sing N N 72  
CYS CA  C    sing N N 73  
CYS CA  CB   sing N N 74  
CYS CA  HA   sing N N 75  
CYS C   O    doub N N 76  
CYS C   OXT  sing N N 77  
CYS CB  SG   sing N N 78  
CYS CB  HB2  sing N N 79  
CYS CB  HB3  sing N N 80  
CYS SG  HG   sing N N 81  
CYS OXT HXT  sing N N 82  
GLU N   CA   sing N N 83  
GLU N   H    sing N N 84  
GLU N   H2   sing N N 85  
GLU CA  C    sing N N 86  
GLU CA  CB   sing N N 87  
GLU CA  HA   sing N N 88  
GLU C   O    doub N N 89  
GLU C   OXT  sing N N 90  
GLU CB  CG   sing N N 91  
GLU CB  HB2  sing N N 92  
GLU CB  HB3  sing N N 93  
GLU CG  CD   sing N N 94  
GLU CG  HG2  sing N N 95  
GLU CG  HG3  sing N N 96  
GLU CD  OE1  doub N N 97  
GLU CD  OE2  sing N N 98  
GLU OE2 HE2  sing N N 99  
GLU OXT HXT  sing N N 100 
GLY N   CA   sing N N 101 
GLY N   H    sing N N 102 
GLY N   H2   sing N N 103 
GLY CA  C    sing N N 104 
GLY CA  HA2  sing N N 105 
GLY CA  HA3  sing N N 106 
GLY C   O    doub N N 107 
GLY C   OXT  sing N N 108 
GLY OXT HXT  sing N N 109 
HOH O   H1   sing N N 110 
HOH O   H2   sing N N 111 
ILE N   CA   sing N N 112 
ILE N   H    sing N N 113 
ILE N   H2   sing N N 114 
ILE CA  C    sing N N 115 
ILE CA  CB   sing N N 116 
ILE CA  HA   sing N N 117 
ILE C   O    doub N N 118 
ILE C   OXT  sing N N 119 
ILE CB  CG1  sing N N 120 
ILE CB  CG2  sing N N 121 
ILE CB  HB   sing N N 122 
ILE CG1 CD1  sing N N 123 
ILE CG1 HG12 sing N N 124 
ILE CG1 HG13 sing N N 125 
ILE CG2 HG21 sing N N 126 
ILE CG2 HG22 sing N N 127 
ILE CG2 HG23 sing N N 128 
ILE CD1 HD11 sing N N 129 
ILE CD1 HD12 sing N N 130 
ILE CD1 HD13 sing N N 131 
ILE OXT HXT  sing N N 132 
LEU N   CA   sing N N 133 
LEU N   H    sing N N 134 
LEU N   H2   sing N N 135 
LEU CA  C    sing N N 136 
LEU CA  CB   sing N N 137 
LEU CA  HA   sing N N 138 
LEU C   O    doub N N 139 
LEU C   OXT  sing N N 140 
LEU CB  CG   sing N N 141 
LEU CB  HB2  sing N N 142 
LEU CB  HB3  sing N N 143 
LEU CG  CD1  sing N N 144 
LEU CG  CD2  sing N N 145 
LEU CG  HG   sing N N 146 
LEU CD1 HD11 sing N N 147 
LEU CD1 HD12 sing N N 148 
LEU CD1 HD13 sing N N 149 
LEU CD2 HD21 sing N N 150 
LEU CD2 HD22 sing N N 151 
LEU CD2 HD23 sing N N 152 
LEU OXT HXT  sing N N 153 
LYS N   CA   sing N N 154 
LYS N   H    sing N N 155 
LYS N   H2   sing N N 156 
LYS CA  C    sing N N 157 
LYS CA  CB   sing N N 158 
LYS CA  HA   sing N N 159 
LYS C   O    doub N N 160 
LYS C   OXT  sing N N 161 
LYS CB  CG   sing N N 162 
LYS CB  HB2  sing N N 163 
LYS CB  HB3  sing N N 164 
LYS CG  CD   sing N N 165 
LYS CG  HG2  sing N N 166 
LYS CG  HG3  sing N N 167 
LYS CD  CE   sing N N 168 
LYS CD  HD2  sing N N 169 
LYS CD  HD3  sing N N 170 
LYS CE  NZ   sing N N 171 
LYS CE  HE2  sing N N 172 
LYS CE  HE3  sing N N 173 
LYS NZ  HZ1  sing N N 174 
LYS NZ  HZ2  sing N N 175 
LYS NZ  HZ3  sing N N 176 
LYS OXT HXT  sing N N 177 
PRO N   CA   sing N N 178 
PRO N   CD   sing N N 179 
PRO N   H    sing N N 180 
PRO CA  C    sing N N 181 
PRO CA  CB   sing N N 182 
PRO CA  HA   sing N N 183 
PRO C   O    doub N N 184 
PRO C   OXT  sing N N 185 
PRO CB  CG   sing N N 186 
PRO CB  HB2  sing N N 187 
PRO CB  HB3  sing N N 188 
PRO CG  CD   sing N N 189 
PRO CG  HG2  sing N N 190 
PRO CG  HG3  sing N N 191 
PRO CD  HD2  sing N N 192 
PRO CD  HD3  sing N N 193 
PRO OXT HXT  sing N N 194 
SER N   CA   sing N N 195 
SER N   H    sing N N 196 
SER N   H2   sing N N 197 
SER CA  C    sing N N 198 
SER CA  CB   sing N N 199 
SER CA  HA   sing N N 200 
SER C   O    doub N N 201 
SER C   OXT  sing N N 202 
SER CB  OG   sing N N 203 
SER CB  HB2  sing N N 204 
SER CB  HB3  sing N N 205 
SER OG  HG   sing N N 206 
SER OXT HXT  sing N N 207 
SO4 S   O1   doub N N 208 
SO4 S   O2   doub N N 209 
SO4 S   O3   sing N N 210 
SO4 S   O4   sing N N 211 
THR N   CA   sing N N 212 
THR N   H    sing N N 213 
THR N   H2   sing N N 214 
THR CA  C    sing N N 215 
THR CA  CB   sing N N 216 
THR CA  HA   sing N N 217 
THR C   O    doub N N 218 
THR C   OXT  sing N N 219 
THR CB  OG1  sing N N 220 
THR CB  CG2  sing N N 221 
THR CB  HB   sing N N 222 
THR OG1 HG1  sing N N 223 
THR CG2 HG21 sing N N 224 
THR CG2 HG22 sing N N 225 
THR CG2 HG23 sing N N 226 
THR OXT HXT  sing N N 227 
TYR N   CA   sing N N 228 
TYR N   H    sing N N 229 
TYR N   H2   sing N N 230 
TYR CA  C    sing N N 231 
TYR CA  CB   sing N N 232 
TYR CA  HA   sing N N 233 
TYR C   O    doub N N 234 
TYR C   OXT  sing N N 235 
TYR CB  CG   sing N N 236 
TYR CB  HB2  sing N N 237 
TYR CB  HB3  sing N N 238 
TYR CG  CD1  doub Y N 239 
TYR CG  CD2  sing Y N 240 
TYR CD1 CE1  sing Y N 241 
TYR CD1 HD1  sing N N 242 
TYR CD2 CE2  doub Y N 243 
TYR CD2 HD2  sing N N 244 
TYR CE1 CZ   doub Y N 245 
TYR CE1 HE1  sing N N 246 
TYR CE2 CZ   sing Y N 247 
TYR CE2 HE2  sing N N 248 
TYR CZ  OH   sing N N 249 
TYR OH  HH   sing N N 250 
TYR OXT HXT  sing N N 251 
# 
_atom_sites.entry_id                    2V9B 
_atom_sites.fract_transf_matrix[1][1]   0.00662145 
_atom_sites.fract_transf_matrix[1][2]   -0.00856226 
_atom_sites.fract_transf_matrix[1][3]   0.02266180 
_atom_sites.fract_transf_matrix[2][1]   0.01368719 
_atom_sites.fract_transf_matrix[2][2]   0.02030013 
_atom_sites.fract_transf_matrix[2][3]   0.00367076 
_atom_sites.fract_transf_matrix[3][1]   -0.01768579 
_atom_sites.fract_transf_matrix[3][2]   0.01028725 
_atom_sites.fract_transf_matrix[3][3]   0.00905434 
_atom_sites.fract_transf_vector[1]      0.757744 
_atom_sites.fract_transf_vector[2]      0.545159 
_atom_sites.fract_transf_vector[3]      0.120427 
# 
loop_
_atom_type.symbol 
C 
N 
O 
S 
# 
loop_
_atom_site.group_PDB 
_atom_site.id 
_atom_site.type_symbol 
_atom_site.label_atom_id 
_atom_site.label_alt_id 
_atom_site.label_comp_id 
_atom_site.label_asym_id 
_atom_site.label_entity_id 
_atom_site.label_seq_id 
_atom_site.pdbx_PDB_ins_code 
_atom_site.Cartn_x 
_atom_site.Cartn_y 
_atom_site.Cartn_z 
_atom_site.occupancy 
_atom_site.B_iso_or_equiv 
_atom_site.pdbx_formal_charge 
_atom_site.auth_seq_id 
_atom_site.auth_comp_id 
_atom_site.auth_asym_id 
_atom_site.auth_atom_id 
_atom_site.pdbx_PDB_model_num 
ATOM   1   N N   . LYS A 1 1  ? 2.532   10.936  -14.598 1.00 11.12 ? 1    LYS A N   1 
ATOM   2   C CA  . LYS A 1 1  ? 3.557   10.890  -13.535 1.00 9.78  ? 1    LYS A CA  1 
ATOM   3   C C   . LYS A 1 1  ? 2.893   10.559  -12.244 1.00 9.40  ? 1    LYS A C   1 
ATOM   4   O O   . LYS A 1 1  ? 1.917   11.185  -11.858 1.00 10.60 ? 1    LYS A O   1 
ATOM   5   C CB  . LYS A 1 1  ? 4.223   12.260  -13.422 1.00 11.10 ? 1    LYS A CB  1 
ATOM   6   C CG  . LYS A 1 1  ? 5.275   12.352  -12.322 1.00 13.60 ? 1    LYS A CG  1 
ATOM   7   C CD  . LYS A 1 1  ? 6.572   11.835  -12.764 1.00 14.88 ? 1    LYS A CD  1 
ATOM   8   C CE  . LYS A 1 1  ? 7.682   11.913  -11.705 1.00 16.12 ? 1    LYS A CE  1 
ATOM   9   N NZ  . LYS A 1 1  ? 7.409   10.902  -10.657 1.00 18.99 ? 1    LYS A NZ  1 
ATOM   10  N N   . SER A 1 2  ? 3.462   9.598   -11.500 1.00 9.41  ? 2    SER A N   1 
ATOM   11  C CA  . SER A 1 2  ? 2.976   9.322   -10.156 1.00 9.35  ? 2    SER A CA  1 
ATOM   12  C C   . SER A 1 2  ? 3.687   10.226  -9.179  1.00 9.21  ? 2    SER A C   1 
ATOM   13  O O   . SER A 1 2  ? 4.893   10.408  -9.248  1.00 9.79  ? 2    SER A O   1 
ATOM   14  C CB  . SER A 1 2  ? 3.175   7.877   -9.785  1.00 10.18 ? 2    SER A CB  1 
ATOM   15  O OG  . SER A 1 2  ? 4.528   7.505   -9.926  1.00 12.08 ? 2    SER A OG  1 
ATOM   16  N N   . CYS A 1 3  ? 2.931   10.742  -8.229  1.00 9.14  ? 3    CYS A N   1 
ATOM   17  C CA  . CYS A 1 3  ? 3.463   11.576  -7.165  1.00 9.41  ? 3    CYS A CA  1 
ATOM   18  C C   . CYS A 1 3  ? 2.831   11.154  -5.865  1.00 9.36  ? 3    CYS A C   1 
ATOM   19  O O   . CYS A 1 3  ? 1.637   10.954  -5.760  1.00 11.14 ? 3    CYS A O   1 
ATOM   20  C CB  A CYS A 1 3  ? 3.147   13.041  -7.433  0.87 10.62 ? 3    CYS A CB  1 
ATOM   21  C CB  B CYS A 1 3  ? 3.222   13.059  -7.432  0.13 10.41 ? 3    CYS A CB  1 
ATOM   22  S SG  . CYS A 1 3  ? 3.956   13.674  -8.925  0.87 10.59 ? 3    CYS A SG  1 
ATOM   23  N N   . CYS A 1 4  ? 3.680   10.949  -4.828  1.00 9.40  ? 4    CYS A N   1 
ATOM   24  C CA  . CYS A 1 4  ? 3.222   10.298  -3.644  1.00 9.84  ? 4    CYS A CA  1 
ATOM   25  C C   . CYS A 1 4  ? 3.427   11.206  -2.439  1.00 10.14 ? 4    CYS A C   1 
ATOM   26  O O   . CYS A 1 4  ? 4.336   12.000  -2.369  1.00 10.02 ? 4    CYS A O   1 
ATOM   27  C CB  . CYS A 1 4  ? 4.007   8.982   -3.457  1.00 10.69 ? 4    CYS A CB  1 
ATOM   28  S SG  . CYS A 1 4  ? 3.725   7.798   -4.766  1.00 11.36 ? 4    CYS A SG  1 
ATOM   29  N N   . PRO A 1 5  ? 2.537   11.049  -1.463  1.00 10.77 ? 5    PRO A N   1 
ATOM   30  C CA  . PRO A 1 5  ? 2.582   11.932  -0.298  1.00 11.55 ? 5    PRO A CA  1 
ATOM   31  C C   . PRO A 1 5  ? 3.796   11.729  0.594   1.00 11.14 ? 5    PRO A C   1 
ATOM   32  O O   . PRO A 1 5  ? 4.196   12.620  1.288   1.00 12.83 ? 5    PRO A O   1 
ATOM   33  C CB  . PRO A 1 5  ? 1.307   11.526  0.453   1.00 13.69 ? 5    PRO A CB  1 
ATOM   34  C CG  . PRO A 1 5  ? 0.964   10.119  0.015   1.00 15.04 ? 5    PRO A CG  1 
ATOM   35  C CD  . PRO A 1 5  ? 1.401   10.095  -1.420  1.00 12.64 ? 5    PRO A CD  1 
ATOM   36  N N   . ASN A 1 6  ? 4.346   10.524  0.552   1.00 10.35 ? 6    ASN A N   1 
ATOM   37  C CA  . ASN A 1 6  ? 5.451   10.154  1.415   1.00 10.50 ? 6    ASN A CA  1 
ATOM   38  C C   . ASN A 1 6  ? 6.100   8.931   0.865   1.00 9.83  ? 6    ASN A C   1 
ATOM   39  O O   . ASN A 1 6  ? 5.652   8.319   -0.115  1.00 9.87  ? 6    ASN A O   1 
ATOM   40  C CB  . ASN A 1 6  ? 4.967   10.055  2.871   1.00 11.44 ? 6    ASN A CB  1 
ATOM   41  C CG  . ASN A 1 6  ? 3.904   8.985   2.969   1.00 11.41 ? 6    ASN A CG  1 
ATOM   42  O OD1 . ASN A 1 6  ? 4.120   7.882   2.526   1.00 12.92 ? 6    ASN A OD1 1 
ATOM   43  N ND2 . ASN A 1 6  ? 2.804   9.288   3.599   1.00 13.89 ? 6    ASN A ND2 1 
ATOM   44  N N   . THR A 1 7  ? 7.174   8.547   1.502   1.00 10.17 ? 7    THR A N   1 
ATOM   45  C CA  . THR A 1 7  ? 7.992   7.433   1.022   1.00 10.14 ? 7    THR A CA  1 
ATOM   46  C C   . THR A 1 7  ? 7.236   6.127   1.083   1.00 9.51  ? 7    THR A C   1 
ATOM   47  O O   . THR A 1 7  ? 7.402   5.287   0.218   1.00 10.45 ? 7    THR A O   1 
ATOM   48  C CB  A THR A 1 7  ? 9.223   7.332   1.957   0.75 13.43 ? 7    THR A CB  1 
ATOM   49  C CB  B THR A 1 7  ? 9.364   7.321   1.702   0.25 14.03 ? 7    THR A CB  1 
ATOM   50  O OG1 A THR A 1 7  ? 10.057  8.467   1.750   0.75 17.26 ? 7    THR A OG1 1 
ATOM   51  O OG1 B THR A 1 7  ? 9.129   6.944   3.045   0.25 15.99 ? 7    THR A OG1 1 
ATOM   52  C CG2 A THR A 1 7  ? 10.047  6.099   1.649   0.75 13.60 ? 7    THR A CG2 1 
ATOM   53  C CG2 B THR A 1 7  ? 10.037  8.672   1.747   0.25 15.27 ? 7    THR A CG2 1 
ATOM   54  N N   . THR A 1 8  ? 6.442   5.928   2.114   1.00 9.84  ? 8    THR A N   1 
ATOM   55  C CA  . THR A 1 8  ? 5.697   4.671   2.176   1.00 10.07 ? 8    THR A CA  1 
ATOM   56  C C   . THR A 1 8  ? 4.715   4.596   1.018   1.00 9.60  ? 8    THR A C   1 
ATOM   57  O O   . THR A 1 8  ? 4.593   3.527   0.406   1.00 9.66  ? 8    THR A O   1 
ATOM   58  C CB  . THR A 1 8  ? 4.942   4.582   3.522   1.00 12.32 ? 8    THR A CB  1 
ATOM   59  O OG1 . THR A 1 8  ? 5.887   4.687   4.573   1.00 18.30 ? 8    THR A OG1 1 
ATOM   60  C CG2 . THR A 1 8  ? 4.245   3.260   3.635   1.00 13.96 ? 8    THR A CG2 1 
ATOM   61  N N   . GLY A 1 9  ? 4.033   5.678   0.696   1.00 9.06  ? 9    GLY A N   1 
ATOM   62  C CA  . GLY A 1 9  ? 3.169   5.647   -0.462  1.00 8.96  ? 9    GLY A CA  1 
ATOM   63  C C   . GLY A 1 9  ? 3.918   5.289   -1.730  1.00 8.42  ? 9    GLY A C   1 
ATOM   64  O O   . GLY A 1 9  ? 3.471   4.498   -2.542  1.00 8.71  ? 9    GLY A O   1 
ATOM   65  N N   . ARG A 1 10 ? 5.083   5.892   -1.924  1.00 8.50  ? 10   ARG A N   1 
ATOM   66  C CA  . ARG A 1 10 ? 5.919   5.547   -3.047  1.00 8.44  ? 10   ARG A CA  1 
ATOM   67  C C   . ARG A 1 10 ? 6.261   4.077   -3.068  1.00 8.43  ? 10   ARG A C   1 
ATOM   68  O O   . ARG A 1 10 ? 6.191   3.430   -4.108  1.00 8.93  ? 10   ARG A O   1 
ATOM   69  C CB  . ARG A 1 10 ? 7.171   6.399   -3.055  1.00 9.69  ? 10   ARG A CB  1 
ATOM   70  C CG  . ARG A 1 10 ? 8.223   5.986   -4.072  1.00 10.17 ? 10   ARG A CG  1 
ATOM   71  C CD  . ARG A 1 10 ? 7.746   5.933   -5.492  1.00 10.26 ? 10   ARG A CD  1 
ATOM   72  N NE  . ARG A 1 10 ? 7.285   7.220   -5.928  1.00 10.12 ? 10   ARG A NE  1 
ATOM   73  C CZ  . ARG A 1 10 ? 6.531   7.426   -7.004  1.00 10.34 ? 10   ARG A CZ  1 
ATOM   74  N NH1 . ARG A 1 10 ? 6.171   8.691   -7.234  1.00 12.21 ? 10   ARG A NH1 1 
ATOM   75  N NH2 . ARG A 1 10 ? 6.209   6.361   -7.756  1.00 12.54 ? 10   ARG A NH2 1 
ATOM   76  N N   . ASP A 1 11 ? 6.642   3.525   -1.921  1.00 8.75  ? 11   ASP A N   1 
ATOM   77  C CA  . ASP A 1 11 ? 6.992   2.130   -1.891  1.00 9.49  ? 11   ASP A CA  1 
ATOM   78  C C   . ASP A 1 11 ? 5.800   1.260   -2.227  1.00 8.09  ? 11   ASP A C   1 
ATOM   79  O O   . ASP A 1 11 ? 5.958   0.272   -2.944  1.00 8.39  ? 11   ASP A O   1 
ATOM   80  C CB  . ASP A 1 11 ? 7.554   1.795   -0.518  1.00 11.70 ? 11   ASP A CB  1 
ATOM   81  C CG  . ASP A 1 11 ? 8.929   2.493   -0.247  1.00 14.49 ? 11   ASP A CG  1 
ATOM   82  O OD1 . ASP A 1 11 ? 9.587   2.916   -1.230  1.00 19.26 ? 11   ASP A OD1 1 
ATOM   83  O OD2 . ASP A 1 11 ? 9.205   2.604   0.927   1.00 19.91 ? 11   ASP A OD2 1 
ATOM   84  N N   . ILE A 1 12 ? 4.609   1.586   -1.734  1.00 7.98  ? 12   ILE A N   1 
ATOM   85  C CA  . ILE A 1 12 ? 3.439   0.792   -2.097  1.00 7.91  ? 12   ILE A CA  1 
ATOM   86  C C   . ILE A 1 12 ? 3.177   0.854   -3.583  1.00 7.82  ? 12   ILE A C   1 
ATOM   87  O O   . ILE A 1 12 ? 2.974   -0.142  -4.237  1.00 8.20  ? 12   ILE A O   1 
ATOM   88  C CB  . ILE A 1 12 ? 2.190   1.253   -1.333  1.00 8.41  ? 12   ILE A CB  1 
ATOM   89  C CG1 . ILE A 1 12 ? 2.383   1.164   0.190   1.00 9.26  ? 12   ILE A CG1 1 
ATOM   90  C CG2 . ILE A 1 12 ? 0.993   0.434   -1.776  1.00 9.93  ? 12   ILE A CG2 1 
ATOM   91  C CD1 . ILE A 1 12 ? 1.258   1.879   0.930   1.00 10.16 ? 12   ILE A CD1 1 
ATOM   92  N N   . TYR A 1 13 ? 3.184   2.078   -4.112  1.00 7.71  ? 13   TYR A N   1 
ATOM   93  C CA  . TYR A 1 13 ? 2.932   2.264   -5.536  1.00 8.19  ? 13   TYR A CA  1 
ATOM   94  C C   . TYR A 1 13 ? 3.915   1.449   -6.334  1.00 7.98  ? 13   TYR A C   1 
ATOM   95  O O   . TYR A 1 13 ? 3.567   0.746   -7.279  1.00 8.29  ? 13   TYR A O   1 
ATOM   96  C CB  . TYR A 1 13 ? 2.993   3.753   -5.877  1.00 7.92  ? 13   TYR A CB  1 
ATOM   97  C CG  . TYR A 1 13 ? 2.779   4.025   -7.327  1.00 7.99  ? 13   TYR A CG  1 
ATOM   98  C CD1 . TYR A 1 13 ? 1.502   4.197   -7.846  1.00 8.80  ? 13   TYR A CD1 1 
ATOM   99  C CD2 . TYR A 1 13 ? 3.856   4.099   -8.204  1.00 8.19  ? 13   TYR A CD2 1 
ATOM   100 C CE1 . TYR A 1 13 ? 1.320   4.442   -9.181  1.00 9.40  ? 13   TYR A CE1 1 
ATOM   101 C CE2 . TYR A 1 13 ? 3.651   4.346   -9.542  1.00 9.32  ? 13   TYR A CE2 1 
ATOM   102 C CZ  . TYR A 1 13 ? 2.378   4.508   -10.013 1.00 9.29  ? 13   TYR A CZ  1 
ATOM   103 O OH  . TYR A 1 13 ? 2.112   4.754   -11.353 1.00 11.50 ? 13   TYR A OH  1 
ATOM   104 N N   . ASN A 1 14 ? 5.196   1.601   -5.996  1.00 8.05  ? 14   ASN A N   1 
ATOM   105 C CA  . ASN A 1 14 ? 6.235   0.937   -6.764  1.00 8.72  ? 14   ASN A CA  1 
ATOM   106 C C   . ASN A 1 14 ? 6.081   -0.558  -6.704  1.00 8.49  ? 14   ASN A C   1 
ATOM   107 O O   . ASN A 1 14 ? 6.318   -1.231  -7.687  1.00 9.02  ? 14   ASN A O   1 
ATOM   108 C CB  . ASN A 1 14 ? 7.575   1.362   -6.215  1.00 9.76  ? 14   ASN A CB  1 
ATOM   109 C CG  . ASN A 1 14 ? 8.688   0.918   -7.067  1.00 12.33 ? 14   ASN A CG  1 
ATOM   110 O OD1 . ASN A 1 14 ? 9.540   0.061   -6.696  1.00 14.53 ? 14   ASN A OD1 1 
ATOM   111 N ND2 . ASN A 1 14 ? 8.722   1.439   -8.250  1.00 14.16 ? 14   ASN A ND2 1 
ATOM   112 N N   . THR A 1 15 ? 5.717   -1.092  -5.556  1.00 8.33  ? 15   THR A N   1 
ATOM   113 C CA  . THR A 1 15 ? 5.591   -2.510  -5.389  1.00 8.67  ? 15   THR A CA  1 
ATOM   114 C C   . THR A 1 15 ? 4.415   -3.019  -6.177  1.00 8.16  ? 15   THR A C   1 
ATOM   115 O O   . THR A 1 15 ? 4.470   -4.080  -6.812  1.00 9.20  ? 15   THR A O   1 
ATOM   116 C CB  . THR A 1 15 ? 5.482   -2.830  -3.888  1.00 8.85  ? 15   THR A CB  1 
ATOM   117 O OG1 . THR A 1 15 ? 6.680   -2.342  -3.288  1.00 9.20  ? 15   THR A OG1 1 
ATOM   118 C CG2 . THR A 1 15 ? 5.434   -4.329  -3.662  1.00 9.44  ? 15   THR A CG2 1 
ATOM   119 N N   . CYS A 1 16 ? 3.310   -2.274  -6.123  1.00 8.23  ? 16   CYS A N   1 
ATOM   120 C CA  . CYS A 1 16 ? 2.140   -2.608  -6.944  1.00 8.35  ? 16   CYS A CA  1 
ATOM   121 C C   . CYS A 1 16 ? 2.508   -2.599  -8.423  1.00 8.56  ? 16   CYS A C   1 
ATOM   122 O O   . CYS A 1 16 ? 2.102   -3.496  -9.174  1.00 9.02  ? 16   CYS A O   1 
ATOM   123 C CB  A CYS A 1 16 ? 1.094   -1.611  -6.583  0.81 8.66  ? 16   CYS A CB  1 
ATOM   124 C CB  B CYS A 1 16 ? 0.990   -1.656  -6.760  0.19 11.70 ? 16   CYS A CB  1 
ATOM   125 S SG  . CYS A 1 16 ? -0.463  -1.760  -7.490  0.81 9.47  ? 16   CYS A SG  1 
ATOM   126 N N   . ARG A 1 17 ? 3.291   -1.627  -8.846  1.00 8.47  ? 17   ARG A N   1 
ATOM   127 C CA  . ARG A 1 17 ? 3.724   -1.566  -10.234 1.00 8.65  ? 17   ARG A CA  1 
ATOM   128 C C   . ARG A 1 17 ? 4.655   -2.725  -10.587 1.00 8.82  ? 17   ARG A C   1 
ATOM   129 O O   . ARG A 1 17 ? 4.545   -3.309  -11.651 1.00 10.05 ? 17   ARG A O   1 
ATOM   130 C CB  . ARG A 1 17 ? 4.356   -0.223  -10.528 1.00 9.29  ? 17   ARG A CB  1 
ATOM   131 C CG  . ARG A 1 17 ? 3.383   0.922   -10.548 1.00 10.38 ? 17   ARG A CG  1 
ATOM   132 C CD  . ARG A 1 17 ? 2.465   0.965   -11.737 1.00 10.27 ? 17   ARG A CD  1 
ATOM   133 N NE  . ARG A 1 17 ? 3.250   1.227   -12.944 1.00 11.74 ? 17   ARG A NE  1 
ATOM   134 C CZ  . ARG A 1 17 ? 2.864   0.897   -14.157 1.00 12.96 ? 17   ARG A CZ  1 
ATOM   135 N NH1 . ARG A 1 17 ? 1.737   0.285   -14.407 1.00 13.69 ? 17   ARG A NH1 1 
ATOM   136 N NH2 . ARG A 1 17 ? 3.697   1.217   -15.150 1.00 16.92 ? 17   ARG A NH2 1 
ATOM   137 N N   . LEU A 1 18 ? 5.606   -3.028  -9.710  1.00 9.32  ? 18   LEU A N   1 
ATOM   138 C CA  . LEU A 1 18 ? 6.512   -4.124  -9.965  1.00 9.23  ? 18   LEU A CA  1 
ATOM   139 C C   . LEU A 1 18 ? 5.757   -5.408  -10.181 1.00 9.62  ? 18   LEU A C   1 
ATOM   140 O O   . LEU A 1 18 ? 6.166   -6.267  -10.940 1.00 10.48 ? 18   LEU A O   1 
ATOM   141 C CB  . LEU A 1 18 ? 7.506   -4.319  -8.780  1.00 10.26 ? 18   LEU A CB  1 
ATOM   142 C CG  . LEU A 1 18 ? 8.623   -3.290  -8.655  1.00 10.99 ? 18   LEU A CG  1 
ATOM   143 C CD1 . LEU A 1 18 ? 9.335   -3.403  -7.328  1.00 12.94 ? 18   LEU A CD1 1 
ATOM   144 C CD2 . LEU A 1 18 ? 9.610   -3.529  -9.756  1.00 12.44 ? 18   LEU A CD2 1 
ATOM   145 N N   . GLY A 1 19 ? 4.629   -5.593  -9.478  1.00 9.58  ? 19   GLY A N   1 
ATOM   146 C CA  . GLY A 1 19 ? 3.847   -6.766  -9.629  1.00 11.02 ? 19   GLY A CA  1 
ATOM   147 C C   . GLY A 1 19 ? 2.947   -6.794  -10.830 1.00 12.20 ? 19   GLY A C   1 
ATOM   148 O O   . GLY A 1 19 ? 2.422   -7.823  -11.128 1.00 15.13 ? 19   GLY A O   1 
ATOM   149 N N   . GLY A 1 20 ? 2.832   -5.705  -11.534 1.00 11.45 ? 20   GLY A N   1 
ATOM   150 C CA  . GLY A 1 20 ? 2.039   -5.652  -12.768 1.00 13.41 ? 20   GLY A CA  1 
ATOM   151 C C   . GLY A 1 20 ? 0.815   -4.789  -12.717 1.00 11.87 ? 20   GLY A C   1 
ATOM   152 O O   . GLY A 1 20 ? 0.038   -4.814  -13.665 1.00 13.25 ? 20   GLY A O   1 
ATOM   153 N N   . GLY A 1 21 ? 0.572   -4.058  -11.632 1.00 10.70 ? 21   GLY A N   1 
ATOM   154 C CA  . GLY A 1 21 ? -0.624  -3.313  -11.492 1.00 10.62 ? 21   GLY A CA  1 
ATOM   155 C C   . GLY A 1 21 ? -0.646  -2.085  -12.399 1.00 9.82  ? 21   GLY A C   1 
ATOM   156 O O   . GLY A 1 21 ? 0.370   -1.576  -12.828 1.00 11.23 ? 21   GLY A O   1 
ATOM   157 N N   . SER A 1 22 ? -1.880  -1.667  -12.700 1.00 10.46 ? 22   SER A N   1 
ATOM   158 C CA  . SER A 1 22 ? -2.076  -0.476  -13.506 1.00 10.87 ? 22   SER A CA  1 
ATOM   159 C C   . SER A 1 22 ? -1.772  0.765   -12.719 1.00 9.96  ? 22   SER A C   1 
ATOM   160 O O   . SER A 1 22 ? -1.850  0.794   -11.490 1.00 10.15 ? 22   SER A O   1 
ATOM   161 C CB  . SER A 1 22 ? -3.516  -0.400  -14.038 1.00 13.64 ? 22   SER A CB  1 
ATOM   162 O OG  . SER A 1 22 ? -4.415  -0.069  -13.016 1.00 15.21 ? 22   SER A OG  1 
ATOM   163 N N   . ARG A 1 23 ? -1.454  1.854   -13.411 1.00 10.10 ? 23   ARG A N   1 
ATOM   164 C CA  . ARG A 1 23 ? -1.085  3.050   -12.709 1.00 10.12 ? 23   ARG A CA  1 
ATOM   165 C C   . ARG A 1 23 ? -2.206  3.575   -11.811 1.00 9.78  ? 23   ARG A C   1 
ATOM   166 O O   . ARG A 1 23 ? -1.971  3.950   -10.669 1.00 9.76  ? 23   ARG A O   1 
ATOM   167 C CB  . ARG A 1 23 ? -0.636  4.156   -13.677 1.00 11.66 ? 23   ARG A CB  1 
ATOM   168 C CG  . ARG A 1 23 ? 0.677   3.816   -14.331 1.00 11.18 ? 23   ARG A CG  1 
ATOM   169 C CD  . ARG A 1 23 ? 1.120   4.910   -15.291 1.00 15.12 ? 23   ARG A CD  1 
ATOM   170 N NE  . ARG A 1 23 ? 2.511   4.784   -15.604 1.00 16.23 ? 23   ARG A NE  1 
ATOM   171 C CZ  . ARG A 1 23 ? 3.074   4.089   -16.570 1.00 14.80 ? 23   ARG A CZ  1 
ATOM   172 N NH1 . ARG A 1 23 ? 2.317   3.377   -17.407 1.00 17.26 ? 23   ARG A NH1 1 
ATOM   173 N NH2 . ARG A 1 23 ? 4.386   4.115   -16.661 1.00 18.55 ? 23   ARG A NH2 1 
ATOM   174 N N   . GLU A 1 24 ? -3.421  3.656   -12.347 1.00 10.71 ? 24   GLU A N   1 
ATOM   175 C CA  . GLU A 1 24 ? -4.475  4.236   -11.560 1.00 11.34 ? 24   GLU A CA  1 
ATOM   176 C C   . GLU A 1 24 ? -4.838  3.341   -10.371 1.00 10.61 ? 24   GLU A C   1 
ATOM   177 O O   . GLU A 1 24 ? -5.126  3.829   -9.283  1.00 11.38 ? 24   GLU A O   1 
ATOM   178 C CB  . GLU A 1 24 ? -5.697  4.555   -12.381 1.00 15.43 ? 24   GLU A CB  1 
ATOM   179 C CG  . GLU A 1 24 ? -5.432  5.743   -13.332 1.00 21.86 ? 24   GLU A CG  1 
ATOM   180 C CD  . GLU A 1 24 ? -5.448  7.103   -12.629 1.00 27.91 ? 24   GLU A CD  1 
ATOM   181 O OE1 . GLU A 1 24 ? -5.789  7.198   -11.429 1.00 38.52 ? 24   GLU A OE1 1 
ATOM   182 O OE2 . GLU A 1 24 ? -5.096  8.105   -13.321 1.00 37.03 ? 24   GLU A OE2 1 
ATOM   183 N N   . ARG A 1 25 ? -4.836  2.024   -10.568 1.00 10.53 ? 25   ARG A N   1 
ATOM   184 C CA  . ARG A 1 25 ? -5.111  1.145   -9.442  1.00 9.91  ? 25   ARG A CA  1 
ATOM   185 C C   . ARG A 1 25 ? -4.006  1.277   -8.397  1.00 8.92  ? 25   ARG A C   1 
ATOM   186 O O   . ARG A 1 25 ? -4.289  1.396   -7.207  1.00 9.43  ? 25   ARG A O   1 
ATOM   187 C CB  . ARG A 1 25 ? -5.197  -0.276  -9.937  1.00 11.09 ? 25   ARG A CB  1 
ATOM   188 C CG  . ARG A 1 25 ? -5.641  -1.253  -8.877  1.00 12.47 ? 25   ARG A CG  1 
ATOM   189 C CD  . ARG A 1 25 ? -7.168  -1.486  -8.893  1.00 13.21 ? 25   ARG A CD  1 
ATOM   190 N NE  . ARG A 1 25 ? -7.867  -0.362  -8.384  1.00 13.12 ? 25   ARG A NE  1 
ATOM   191 C CZ  . ARG A 1 25 ? -8.153  -0.043  -7.137  1.00 12.18 ? 25   ARG A CZ  1 
ATOM   192 N NH1 . ARG A 1 25 ? -8.734  1.089   -6.860  1.00 12.78 ? 25   ARG A NH1 1 
ATOM   193 N NH2 . ARG A 1 25 ? -7.888  -0.905  -6.153  1.00 13.95 ? 25   ARG A NH2 1 
ATOM   194 N N   . CYS A 1 26 ? -2.766  1.249   -8.817  1.00 8.82  ? 26   CYS A N   1 
ATOM   195 C CA  . CYS A 1 26 ? -1.678  1.382   -7.886  1.00 9.01  ? 26   CYS A CA  1 
ATOM   196 C C   . CYS A 1 26 ? -1.684  2.702   -7.148  1.00 8.33  ? 26   CYS A C   1 
ATOM   197 O O   . CYS A 1 26 ? -1.361  2.753   -5.961  1.00 8.77  ? 26   CYS A O   1 
ATOM   198 C CB  A CYS A 1 26 ? -0.355  1.106   -8.569  0.81 9.41  ? 26   CYS A CB  1 
ATOM   199 C CB  B CYS A 1 26 ? -0.325  1.380   -8.606  0.19 10.85 ? 26   CYS A CB  1 
ATOM   200 S SG  . CYS A 1 26 ? -0.159  -0.580  -9.182  0.81 9.42  ? 26   CYS A SG  1 
ATOM   201 N N   . ALA A 1 27 ? -2.054  3.775   -7.838  1.00 8.47  ? 27   ALA A N   1 
ATOM   202 C CA  . ALA A 1 27 ? -2.202  5.049   -7.152  1.00 8.78  ? 27   ALA A CA  1 
ATOM   203 C C   . ALA A 1 27 ? -3.271  4.958   -6.079  1.00 8.53  ? 27   ALA A C   1 
ATOM   204 O O   . ALA A 1 27 ? -3.046  5.428   -4.961  1.00 9.12  ? 27   ALA A O   1 
ATOM   205 C CB  . ALA A 1 27 ? -2.542  6.128   -8.156  1.00 10.10 ? 27   ALA A CB  1 
ATOM   206 N N   . SER A 1 28 ? -4.409  4.374   -6.394  1.00 8.75  ? 28   SER A N   1 
ATOM   207 C CA  . SER A 1 28 ? -5.446  4.226   -5.387  1.00 9.29  ? 28   SER A CA  1 
ATOM   208 C C   . SER A 1 28 ? -5.013  3.404   -4.203  1.00 9.33  ? 28   SER A C   1 
ATOM   209 O O   . SER A 1 28 ? -5.362  3.731   -3.072  1.00 10.53 ? 28   SER A O   1 
ATOM   210 C CB  . SER A 1 28 ? -6.662  3.607   -6.046  1.00 10.47 ? 28   SER A CB  1 
ATOM   211 O OG  . SER A 1 28 ? -7.219  4.501   -6.945  1.00 12.33 ? 28   SER A OG  1 
ATOM   212 N N   . LEU A 1 29 ? -4.284  2.327   -4.451  1.00 9.01  ? 29   LEU A N   1 
ATOM   213 C CA  . LEU A 1 29 ? -3.820  1.451   -3.369  1.00 9.63  ? 29   LEU A CA  1 
ATOM   214 C C   . LEU A 1 29 ? -2.781  2.052   -2.487  1.00 9.29  ? 29   LEU A C   1 
ATOM   215 O O   . LEU A 1 29 ? -2.520  1.548   -1.385  1.00 11.60 ? 29   LEU A O   1 
ATOM   216 C CB  . LEU A 1 29 ? -3.326  0.140   -3.973  1.00 9.89  ? 29   LEU A CB  1 
ATOM   217 C CG  . LEU A 1 29 ? -4.362  -0.687  -4.682  1.00 9.73  ? 29   LEU A CG  1 
ATOM   218 C CD1 . LEU A 1 29 ? -3.728  -1.962  -5.218  1.00 14.20 ? 29   LEU A CD1 1 
ATOM   219 C CD2 . LEU A 1 29 ? -5.568  -1.011  -3.785  1.00 12.23 ? 29   LEU A CD2 1 
ATOM   220 N N   . SER A 1 30 ? -2.125  3.120   -2.946  1.00 9.25  ? 30   SER A N   1 
ATOM   221 C CA  . SER A 1 30 ? -0.948  3.677   -2.262  1.00 9.24  ? 30   SER A CA  1 
ATOM   222 C C   . SER A 1 30 ? -1.200  5.061   -1.699  1.00 9.66  ? 30   SER A C   1 
ATOM   223 O O   . SER A 1 30 ? -0.374  5.510   -0.928  1.00 10.93 ? 30   SER A O   1 
ATOM   224 C CB  . SER A 1 30 ? 0.204   3.764   -3.240  1.00 9.20  ? 30   SER A CB  1 
ATOM   225 O OG  . SER A 1 30 ? -0.112  4.555   -4.357  1.00 9.15  ? 30   SER A OG  1 
ATOM   226 N N   . GLY A 1 31 ? -2.254  5.752   -2.112  1.00 9.88  ? 31   GLY A N   1 
ATOM   227 C CA  . GLY A 1 31 ? -2.411  7.158   -1.794  1.00 11.07 ? 31   GLY A CA  1 
ATOM   228 C C   . GLY A 1 31 ? -1.701  8.114   -2.706  1.00 10.19 ? 31   GLY A C   1 
ATOM   229 O O   . GLY A 1 31 ? -1.667  9.326   -2.437  1.00 11.94 ? 31   GLY A O   1 
ATOM   230 N N   . CYS A 1 32 ? -1.086  7.655   -3.731  1.00 10.16 ? 32   CYS A N   1 
ATOM   231 C CA  . CYS A 1 32 ? -0.379  8.446   -4.705  1.00 9.70  ? 32   CYS A CA  1 
ATOM   232 C C   . CYS A 1 32 ? -1.374  9.029   -5.728  1.00 10.36 ? 32   CYS A C   1 
ATOM   233 O O   . CYS A 1 32 ? -2.494  8.569   -5.812  1.00 11.85 ? 32   CYS A O   1 
ATOM   234 C CB  . CYS A 1 32 ? 0.699   7.659   -5.395  1.00 10.38 ? 32   CYS A CB  1 
ATOM   235 S SG  . CYS A 1 32 ? 1.930   6.972   -4.261  1.00 11.16 ? 32   CYS A SG  1 
ATOM   236 N N   . LYS A 1 33 ? -0.931  10.001  -6.433  1.00 11.62 ? 33   LYS A N   1 
ATOM   237 C CA  A LYS A 1 33 ? -1.726  10.655  -7.486  0.67 12.45 ? 33   LYS A CA  1 
ATOM   238 C CA  B LYS A 1 33 ? -1.684  10.733  -7.445  0.33 11.82 ? 33   LYS A CA  1 
ATOM   239 C C   . LYS A 1 33 ? -1.033  10.543  -8.798  1.00 10.34 ? 33   LYS A C   1 
ATOM   240 O O   . LYS A 1 33 ? 0.219   10.535  -8.860  1.00 11.80 ? 33   LYS A O   1 
ATOM   241 C CB  A LYS A 1 33 ? -1.923  12.119  -7.134  0.67 15.68 ? 33   LYS A CB  1 
ATOM   242 C CB  B LYS A 1 33 ? -1.749  12.226  -7.105  0.33 15.30 ? 33   LYS A CB  1 
ATOM   243 C CG  A LYS A 1 33 ? -2.534  12.426  -5.791  0.67 16.85 ? 33   LYS A CG  1 
ATOM   244 C CG  B LYS A 1 33 ? -2.974  12.897  -7.688  0.33 18.91 ? 33   LYS A CG  1 
ATOM   245 C CD  A LYS A 1 33 ? -3.815  11.690  -5.494  0.67 17.78 ? 33   LYS A CD  1 
ATOM   246 C CD  B LYS A 1 33 ? -2.917  14.403  -7.769  0.33 22.85 ? 33   LYS A CD  1 
ATOM   247 C CE  A LYS A 1 33 ? -4.131  11.408  -4.028  0.67 22.42 ? 33   LYS A CE  1 
ATOM   248 C CE  B LYS A 1 33 ? -4.092  15.046  -7.057  0.33 30.51 ? 33   LYS A CE  1 
ATOM   249 N NZ  A LYS A 1 33 ? -5.549  10.953  -3.883  0.67 24.31 ? 33   LYS A NZ  1 
ATOM   250 N NZ  B LYS A 1 33 ? -3.912  15.153  -5.579  0.33 36.86 ? 33   LYS A NZ  1 
ATOM   251 N N   . ILE A 1 34 ? -1.809  10.417  -9.833  1.00 11.27 ? 34   ILE A N   1 
ATOM   252 C CA  . ILE A 1 34 ? -1.297  10.500  -11.186 1.00 10.44 ? 34   ILE A CA  1 
ATOM   253 C C   . ILE A 1 34 ? -1.594  11.895  -11.704 1.00 11.14 ? 34   ILE A C   1 
ATOM   254 O O   . ILE A 1 34 ? -2.726  12.333  -11.762 1.00 13.27 ? 34   ILE A O   1 
ATOM   255 C CB  . ILE A 1 34 ? -1.924  9.420   -12.105 1.00 11.78 ? 34   ILE A CB  1 
ATOM   256 C CG1 . ILE A 1 34 ? -1.785  8.033   -11.521 1.00 12.81 ? 34   ILE A CG1 1 
ATOM   257 C CG2 . ILE A 1 34 ? -1.385  9.533   -13.536 1.00 16.61 ? 34   ILE A CG2 1 
ATOM   258 C CD1 . ILE A 1 34 ? -0.386  7.542   -11.271 1.00 13.14 ? 34   ILE A CD1 1 
ATOM   259 N N   . ILE A 1 35 ? -0.516  12.608  -12.062 1.00 10.17 ? 35   ILE A N   1 
ATOM   260 C CA  . ILE A 1 35 ? -0.615  13.984  -12.561 1.00 10.41 ? 35   ILE A CA  1 
ATOM   261 C C   . ILE A 1 35 ? 0.006   14.050  -13.936 1.00 10.47 ? 35   ILE A C   1 
ATOM   262 O O   . ILE A 1 35 ? 0.591   13.126  -14.435 1.00 11.19 ? 35   ILE A O   1 
ATOM   263 C CB  . ILE A 1 35 ? 0.060   14.966  -11.603 1.00 11.17 ? 35   ILE A CB  1 
ATOM   264 C CG1 . ILE A 1 35 ? 1.579   14.850  -11.586 1.00 11.35 ? 35   ILE A CG1 1 
ATOM   265 C CG2 . ILE A 1 35 ? -0.569  14.866  -10.210 1.00 12.79 ? 35   ILE A CG2 1 
ATOM   266 C CD1 . ILE A 1 35 ? 2.263   16.021  -10.953 1.00 13.30 ? 35   ILE A CD1 1 
ATOM   267 N N   . SER A 1 36 ? -0.169  15.229  -14.548 1.00 11.12 ? 36   SER A N   1 
ATOM   268 C CA  . SER A 1 36 ? 0.234   15.373  -15.948 1.00 11.78 ? 36   SER A CA  1 
ATOM   269 C C   . SER A 1 36 ? 1.604   16.021  -16.087 1.00 11.80 ? 36   SER A C   1 
ATOM   270 O O   . SER A 1 36 ? 2.080   16.147  -17.230 1.00 14.66 ? 36   SER A O   1 
ATOM   271 C CB  A SER A 1 36 ? -0.765  16.240  -16.718 0.68 11.68 ? 36   SER A CB  1 
ATOM   272 C CB  B SER A 1 36 ? -0.861  16.027  -16.795 0.32 15.00 ? 36   SER A CB  1 
ATOM   273 O OG  A SER A 1 36 ? -0.817  17.635  -16.374 0.68 12.85 ? 36   SER A OG  1 
ATOM   274 O OG  B SER A 1 36 ? -1.883  15.029  -16.924 0.32 19.68 ? 36   SER A OG  1 
ATOM   275 N N   . ALA A 1 37 ? 2.198   16.507  -15.035 1.00 11.04 ? 37   ALA A N   1 
ATOM   276 C CA  . ALA A 1 37 ? 3.504   17.127  -15.028 1.00 12.13 ? 37   ALA A CA  1 
ATOM   277 C C   . ALA A 1 37 ? 4.546   16.148  -14.605 1.00 10.62 ? 37   ALA A C   1 
ATOM   278 O O   . ALA A 1 37 ? 4.327   15.197  -13.872 1.00 13.90 ? 37   ALA A O   1 
ATOM   279 C CB  . ALA A 1 37 ? 3.502   18.297  -14.046 1.00 17.03 ? 37   ALA A CB  1 
ATOM   280 N N   . SER A 1 38 ? 5.771   16.387  -15.028 1.00 10.80 ? 38   SER A N   1 
ATOM   281 C CA  . SER A 1 38 ? 6.904   15.508  -14.795 1.00 10.67 ? 38   SER A CA  1 
ATOM   282 C C   . SER A 1 38 ? 7.613   15.765  -13.468 1.00 10.32 ? 38   SER A C   1 
ATOM   283 O O   . SER A 1 38 ? 8.471   14.983  -13.120 1.00 13.03 ? 38   SER A O   1 
ATOM   284 C CB  . SER A 1 38 ? 7.891   15.591  -15.965 1.00 11.87 ? 38   SER A CB  1 
ATOM   285 O OG  . SER A 1 38 ? 8.279   16.910  -16.258 1.00 12.21 ? 38   SER A OG  1 
ATOM   286 N N   . THR A 1 39 ? 7.244   16.828  -12.786 1.00 11.29 ? 39   THR A N   1 
ATOM   287 C CA  . THR A 1 39 ? 7.826   17.109  -11.503 1.00 13.08 ? 39   THR A CA  1 
ATOM   288 C C   . THR A 1 39 ? 6.700   17.099  -10.507 1.00 12.79 ? 39   THR A C   1 
ATOM   289 O O   . THR A 1 39 ? 5.595   17.556  -10.792 1.00 16.20 ? 39   THR A O   1 
ATOM   290 C CB  . THR A 1 39 ? 8.484   18.482  -11.445 1.00 17.87 ? 39   THR A CB  1 
ATOM   291 O OG1 . THR A 1 39 ? 7.557   19.516  -11.698 1.00 29.84 ? 39   THR A OG1 1 
ATOM   292 C CG2 . THR A 1 39 ? 9.641   18.449  -12.366 1.00 21.94 ? 39   THR A CG2 1 
ATOM   293 N N   . CYS A 1 40 ? 6.997   16.485  -9.393  1.00 11.68 ? 40   CYS A N   1 
ATOM   294 C CA  . CYS A 1 40 ? 5.985   16.348  -8.393  1.00 11.62 ? 40   CYS A CA  1 
ATOM   295 C C   . CYS A 1 40 ? 5.924   17.573  -7.497  1.00 12.49 ? 40   CYS A C   1 
ATOM   296 O O   . CYS A 1 40 ? 6.976   18.207  -7.238  1.00 14.41 ? 40   CYS A O   1 
ATOM   297 C CB  A CYS A 1 40 ? 6.251   15.108  -7.537  0.87 11.26 ? 40   CYS A CB  1 
ATOM   298 C CB  B CYS A 1 40 ? 6.270   15.156  -7.469  0.13 12.71 ? 40   CYS A CB  1 
ATOM   299 S SG  . CYS A 1 40 ? 5.920   13.578  -8.441  0.87 10.96 ? 40   CYS A SG  1 
ATOM   300 N N   . PRO A 1 41 ? 4.737   17.896  -7.029  1.00 11.69 ? 41   PRO A N   1 
ATOM   301 C CA  . PRO A 1 41 ? 4.555   19.065  -6.187  1.00 12.98 ? 41   PRO A CA  1 
ATOM   302 C C   . PRO A 1 41 ? 5.051   18.783  -4.773  1.00 13.51 ? 41   PRO A C   1 
ATOM   303 O O   . PRO A 1 41 ? 5.152   17.641  -4.342  1.00 13.85 ? 41   PRO A O   1 
ATOM   304 C CB  . PRO A 1 41 ? 3.057   19.256  -6.174  1.00 13.11 ? 41   PRO A CB  1 
ATOM   305 C CG  . PRO A 1 41 ? 2.467   17.907  -6.376  1.00 13.12 ? 41   PRO A CG  1 
ATOM   306 C CD  . PRO A 1 41 ? 3.462   17.244  -7.292  1.00 12.42 ? 41   PRO A CD  1 
ATOM   307 N N   . SER A 1 42 ? 5.407   19.840  -4.091  1.00 15.39 ? 42   SER A N   1 
ATOM   308 C CA  . SER A 1 42 ? 5.995   19.650  -2.789  1.00 16.44 ? 42   SER A CA  1 
ATOM   309 C C   . SER A 1 42 ? 5.135   18.918  -1.772  1.00 16.10 ? 42   SER A C   1 
ATOM   310 O O   . SER A 1 42 ? 5.747   18.320  -0.874  1.00 16.04 ? 42   SER A O   1 
ATOM   311 C CB  . SER A 1 42 ? 6.408   21.034  -2.296  1.00 20.84 ? 42   SER A CB  1 
ATOM   312 O OG  . SER A 1 42 ? 5.256   21.782  -2.053  1.00 32.13 ? 42   SER A OG  1 
ATOM   313 N N   . ASP A 1 43 ? 3.808   18.931  -1.901  1.00 15.52 ? 43   ASP A N   1 
ATOM   314 C CA  . ASP A 1 43 ? 2.930   18.166  -1.035  1.00 16.90 ? 43   ASP A CA  1 
ATOM   315 C C   . ASP A 1 43 ? 2.683   16.717  -1.458  1.00 14.92 ? 43   ASP A C   1 
ATOM   316 O O   . ASP A 1 43 ? 2.141   15.924  -0.681  1.00 17.03 ? 43   ASP A O   1 
ATOM   317 C CB  . ASP A 1 43 ? 1.576   18.835  -0.827  1.00 17.74 ? 43   ASP A CB  1 
ATOM   318 C CG  . ASP A 1 43 ? 0.912   19.184  -2.113  1.00 15.23 ? 43   ASP A CG  1 
ATOM   319 O OD1 . ASP A 1 43 ? -0.348  19.246  -2.039  1.00 16.91 ? 43   ASP A OD1 1 
ATOM   320 O OD2 . ASP A 1 43 ? 1.446   19.383  -3.198  1.00 19.10 ? 43   ASP A OD2 1 
ATOM   321 N N   . TYR A 1 44 ? 3.102   16.336  -2.658  1.00 13.24 ? 44   TYR A N   1 
ATOM   322 C CA  . TYR A 1 44 ? 3.158   14.918  -3.096  1.00 11.64 ? 44   TYR A CA  1 
ATOM   323 C C   . TYR A 1 44 ? 4.493   14.700  -3.696  1.00 11.03 ? 44   TYR A C   1 
ATOM   324 O O   . TYR A 1 44 ? 4.620   14.472  -4.893  1.00 11.96 ? 44   TYR A O   1 
ATOM   325 C CB  . TYR A 1 44 ? 2.062   14.548  -4.099  1.00 12.99 ? 44   TYR A CB  1 
ATOM   326 C CG  . TYR A 1 44 ? 0.702   14.588  -3.475  1.00 14.14 ? 44   TYR A CG  1 
ATOM   327 C CD1 . TYR A 1 44 ? 0.102   13.451  -3.030  1.00 15.99 ? 44   TYR A CD1 1 
ATOM   328 C CD2 . TYR A 1 44 ? 0.013   15.794  -3.343  1.00 16.18 ? 44   TYR A CD2 1 
ATOM   329 C CE1 . TYR A 1 44 ? -1.128  13.446  -2.450  1.00 19.17 ? 44   TYR A CE1 1 
ATOM   330 C CE2 . TYR A 1 44 ? -1.256  15.818  -2.771  1.00 21.49 ? 44   TYR A CE2 1 
ATOM   331 C CZ  . TYR A 1 44 ? -1.805  14.643  -2.333  1.00 23.61 ? 44   TYR A CZ  1 
ATOM   332 O OH  . TYR A 1 44 ? -3.045  14.602  -1.757  1.00 31.14 ? 44   TYR A OH  1 
ATOM   333 N N   . PRO A 1 45 ? 5.579   14.845  -2.902  1.00 11.63 ? 45   PRO A N   1 
ATOM   334 C CA  . PRO A 1 45 ? 6.869   15.009  -3.514  1.00 12.78 ? 45   PRO A CA  1 
ATOM   335 C C   . PRO A 1 45 ? 7.589   13.741  -3.857  1.00 11.85 ? 45   PRO A C   1 
ATOM   336 O O   . PRO A 1 45 ? 8.599   13.806  -4.507  1.00 14.09 ? 45   PRO A O   1 
ATOM   337 C CB  . PRO A 1 45 ? 7.673   15.731  -2.370  1.00 14.56 ? 45   PRO A CB  1 
ATOM   338 C CG  . PRO A 1 45 ? 7.059   15.120  -1.151  1.00 15.42 ? 45   PRO A CG  1 
ATOM   339 C CD  . PRO A 1 45 ? 5.594   15.068  -1.452  1.00 13.30 ? 45   PRO A CD  1 
ATOM   340 N N   . LYS A 1 46 ? 7.085   12.591  -3.343  1.00 11.23 ? 46   LYS A N   1 
ATOM   341 C CA  . LYS A 1 46 ? 7.858   11.376  -3.479  1.00 11.73 ? 46   LYS A CA  1 
ATOM   342 C C   . LYS A 1 46 ? 7.515   10.516  -4.675  1.00 11.32 ? 46   LYS A C   1 
ATOM   343 O O   . LYS A 1 46 ? 6.471   10.700  -5.308  1.00 12.20 ? 46   LYS A O   1 
ATOM   344 C CB  . LYS A 1 46 ? 7.708   10.530  -2.197  1.00 12.25 ? 46   LYS A CB  1 
ATOM   345 C CG  . LYS A 1 46 ? 8.125   11.238  -0.972  1.00 13.84 ? 46   LYS A CG  1 
ATOM   346 C CD  . LYS A 1 46 ? 9.503   11.832  -0.941  1.00 15.93 ? 46   LYS A CD  1 
ATOM   347 C CE  . LYS A 1 46 ? 9.951   12.273  0.452   1.00 26.34 ? 46   LYS A CE  1 
ATOM   348 N NZ  . LYS A 1 46 ? 11.319  12.814  0.336   1.00 25.55 ? 46   LYS A NZ  1 
ATOM   349 O OXT . LYS A 1 46 ? 8.324   9.596   -4.968  1.00 14.27 ? 46   LYS A OXT 1 
ATOM   350 N N   . LYS B 1 1  ? -9.000  -12.245 9.309   1.00 12.71 ? 1    LYS B N   1 
ATOM   351 C CA  . LYS B 1 1  ? -8.247  -11.259 10.058  1.00 12.17 ? 1    LYS B CA  1 
ATOM   352 C C   . LYS B 1 1  ? -6.973  -10.970 9.338   1.00 11.48 ? 1    LYS B C   1 
ATOM   353 O O   . LYS B 1 1  ? -6.320  -11.872 8.812   1.00 13.92 ? 1    LYS B O   1 
ATOM   354 C CB  . LYS B 1 1  ? -7.945  -11.821 11.475  1.00 13.41 ? 1    LYS B CB  1 
ATOM   355 C CG  . LYS B 1 1  ? -7.405  -10.732 12.398  1.00 16.77 ? 1    LYS B CG  1 
ATOM   356 C CD  . LYS B 1 1  ? -7.247  -11.242 13.768  1.00 16.93 ? 1    LYS B CD  1 
ATOM   357 C CE  . LYS B 1 1  ? -6.845  -10.304 14.857  1.00 16.98 ? 1    LYS B CE  1 
ATOM   358 N NZ  . LYS B 1 1  ? -7.680  -9.061  14.817  1.00 30.38 ? 1    LYS B NZ  1 
ATOM   359 N N   . SER B 1 2  ? -6.539  -9.733  9.335   1.00 10.53 ? 2    SER B N   1 
ATOM   360 C CA  . SER B 1 2  ? -5.195  -9.413  8.924   1.00 10.67 ? 2    SER B CA  1 
ATOM   361 C C   . SER B 1 2  ? -4.280  -9.306  10.136  1.00 10.18 ? 2    SER B C   1 
ATOM   362 O O   . SER B 1 2  ? -4.638  -8.729  11.147  1.00 11.27 ? 2    SER B O   1 
ATOM   363 C CB  . SER B 1 2  ? -5.179  -8.131  8.127   1.00 11.15 ? 2    SER B CB  1 
ATOM   364 O OG  . SER B 1 2  ? -5.756  -7.037  8.877   1.00 12.41 ? 2    SER B OG  1 
ATOM   365 N N   . CYS B 1 3  ? -3.088  -9.889  9.987   1.00 10.49 ? 3    CYS B N   1 
ATOM   366 C CA  . CYS B 1 3  ? -2.102  -9.943  11.032  1.00 10.74 ? 3    CYS B CA  1 
ATOM   367 C C   . CYS B 1 3  ? -0.799  -9.394  10.468  1.00 10.18 ? 3    CYS B C   1 
ATOM   368 O O   . CYS B 1 3  ? -0.262  -9.950  9.521   1.00 11.42 ? 3    CYS B O   1 
ATOM   369 C CB  . CYS B 1 3  ? -1.868  -11.400 11.477  1.00 12.08 ? 3    CYS B CB  1 
ATOM   370 S SG  . CYS B 1 3  ? -3.372  -12.137 12.180  1.00 13.23 ? 3    CYS B SG  1 
ATOM   371 N N   . CYS B 1 4  ? -0.296  -8.329  11.051  1.00 10.50 ? 4    CYS B N   1 
ATOM   372 C CA  . CYS B 1 4  ? 0.795   -7.624  10.438  1.00 11.16 ? 4    CYS B CA  1 
ATOM   373 C C   . CYS B 1 4  ? 2.039   -7.686  11.274  1.00 11.31 ? 4    CYS B C   1 
ATOM   374 O O   . CYS B 1 4  ? 1.989   -7.775  12.512  1.00 12.18 ? 4    CYS B O   1 
ATOM   375 C CB  A CYS B 1 4  ? 0.435   -6.157  10.150  0.83 11.23 ? 4    CYS B CB  1 
ATOM   376 C CB  B CYS B 1 4  ? 0.379   -6.147  10.273  0.17 13.64 ? 4    CYS B CB  1 
ATOM   377 S SG  . CYS B 1 4  ? -0.887  -6.001  8.930   0.83 10.73 ? 4    CYS B SG  1 
ATOM   378 N N   . PRO B 1 5  ? 3.219   -7.674  10.642  1.00 11.60 ? 5    PRO B N   1 
ATOM   379 C CA  . PRO B 1 5  ? 4.455   -7.843  11.387  1.00 12.86 ? 5    PRO B CA  1 
ATOM   380 C C   . PRO B 1 5  ? 4.866   -6.654  12.228  1.00 12.78 ? 5    PRO B C   1 
ATOM   381 O O   . PRO B 1 5  ? 5.637   -6.813  13.173  1.00 15.76 ? 5    PRO B O   1 
ATOM   382 C CB  . PRO B 1 5  ? 5.472   -8.018  10.247  1.00 15.08 ? 5    PRO B CB  1 
ATOM   383 C CG  . PRO B 1 5  ? 4.903   -7.362  9.076   1.00 14.60 ? 5    PRO B CG  1 
ATOM   384 C CD  . PRO B 1 5  ? 3.428   -7.588  9.179   1.00 12.71 ? 5    PRO B CD  1 
ATOM   385 N N   . ASN B 1 6  ? 4.377   -5.495  11.896  1.00 12.15 ? 6    ASN B N   1 
ATOM   386 C CA  . ASN B 1 6  ? 4.794   -4.236  12.510  1.00 12.34 ? 6    ASN B CA  1 
ATOM   387 C C   . ASN B 1 6  ? 3.811   -3.192  12.079  1.00 12.33 ? 6    ASN B C   1 
ATOM   388 O O   . ASN B 1 6  ? 2.919   -3.421  11.242  1.00 11.89 ? 6    ASN B O   1 
ATOM   389 C CB  . ASN B 1 6  ? 6.238   -3.881  12.168  1.00 12.57 ? 6    ASN B CB  1 
ATOM   390 C CG  . ASN B 1 6  ? 6.512   -4.045  10.719  1.00 12.34 ? 6    ASN B CG  1 
ATOM   391 O OD1 . ASN B 1 6  ? 5.785   -3.486  9.872   1.00 14.43 ? 6    ASN B OD1 1 
ATOM   392 N ND2 . ASN B 1 6  ? 7.488   -4.805  10.392  1.00 14.30 ? 6    ASN B ND2 1 
ATOM   393 N N   . THR B 1 7  ? 3.885   -2.020  12.710  1.00 13.74 ? 7    THR B N   1 
ATOM   394 C CA  . THR B 1 7  ? 2.902   -0.982  12.456  1.00 14.34 ? 7    THR B CA  1 
ATOM   395 C C   . THR B 1 7  ? 3.058   -0.436  11.056  1.00 13.12 ? 7    THR B C   1 
ATOM   396 O O   . THR B 1 7  ? 2.049   -0.043  10.480  1.00 13.06 ? 7    THR B O   1 
ATOM   397 C CB  . THR B 1 7  ? 2.904   0.135   13.516  1.00 18.97 ? 7    THR B CB  1 
ATOM   398 O OG1 . THR B 1 7  ? 4.164   0.764   13.430  1.00 25.04 ? 7    THR B OG1 1 
ATOM   399 C CG2 . THR B 1 7  ? 2.629   -0.475  14.863  1.00 23.08 ? 7    THR B CG2 1 
ATOM   400 N N   . THR B 1 8  ? 4.251   -0.426  10.470  1.00 14.22 ? 8    THR B N   1 
ATOM   401 C CA  . THR B 1 8  ? 4.331   0.038   9.075   1.00 13.99 ? 8    THR B CA  1 
ATOM   402 C C   . THR B 1 8  ? 3.580   -0.934  8.175   1.00 11.67 ? 8    THR B C   1 
ATOM   403 O O   . THR B 1 8  ? 2.898   -0.503  7.229   1.00 11.46 ? 8    THR B O   1 
ATOM   404 C CB  . THR B 1 8  ? 5.767   0.227   8.597   1.00 16.07 ? 8    THR B CB  1 
ATOM   405 O OG1 . THR B 1 8  ? 6.396   1.284   9.313   1.00 24.66 ? 8    THR B OG1 1 
ATOM   406 C CG2 . THR B 1 8  ? 5.807   0.608   7.114   1.00 18.23 ? 8    THR B CG2 1 
ATOM   407 N N   . GLY B 1 9  ? 3.669   -2.235  8.462   1.00 11.14 ? 9    GLY B N   1 
ATOM   408 C CA  . GLY B 1 9  ? 2.943   -3.204  7.653   1.00 10.22 ? 9    GLY B CA  1 
ATOM   409 C C   . GLY B 1 9  ? 1.457   -2.986  7.787   1.00 9.21  ? 9    GLY B C   1 
ATOM   410 O O   . GLY B 1 9  ? 0.749   -3.043  6.791   1.00 9.40  ? 9    GLY B O   1 
ATOM   411 N N   . ARG B 1 10 ? 0.993   -2.734  9.005   1.00 9.65  ? 10   ARG B N   1 
ATOM   412 C CA  . ARG B 1 10 ? -0.399  -2.386  9.221   1.00 9.29  ? 10   ARG B CA  1 
ATOM   413 C C   . ARG B 1 10 ? -0.798  -1.178  8.393   1.00 8.85  ? 10   ARG B C   1 
ATOM   414 O O   . ARG B 1 10 ? -1.860  -1.171  7.784   1.00 9.15  ? 10   ARG B O   1 
ATOM   415 C CB  . ARG B 1 10 ? -0.619  -2.152  10.709  1.00 9.69  ? 10   ARG B CB  1 
ATOM   416 C CG  . ARG B 1 10 ? -1.954  -1.575  11.054  1.00 10.55 ? 10   ARG B CG  1 
ATOM   417 C CD  . ARG B 1 10 ? -3.129  -2.352  10.528  1.00 10.31 ? 10   ARG B CD  1 
ATOM   418 N NE  . ARG B 1 10 ? -3.123  -3.735  11.019  1.00 10.95 ? 10   ARG B NE  1 
ATOM   419 C CZ  . ARG B 1 10 ? -3.831  -4.687  10.528  1.00 10.93 ? 10   ARG B CZ  1 
ATOM   420 N NH1 . ARG B 1 10 ? -4.598  -4.488  9.468   1.00 12.95 ? 10   ARG B NH1 1 
ATOM   421 N NH2 . ARG B 1 10 ? -3.764  -5.898  11.033  1.00 13.62 ? 10   ARG B NH2 1 
ATOM   422 N N   . ASP B 1 11 ? 0.021   -0.133  8.449   1.00 9.46  ? 11   ASP B N   1 
ATOM   423 C CA  . ASP B 1 11 ? -0.316  1.078   7.686   1.00 10.11 ? 11   ASP B CA  1 
ATOM   424 C C   . ASP B 1 11 ? -0.402  0.829   6.232   1.00 9.37  ? 11   ASP B C   1 
ATOM   425 O O   . ASP B 1 11 ? -1.312  1.346   5.578   1.00 9.69  ? 11   ASP B O   1 
ATOM   426 C CB  . ASP B 1 11 ? 0.712   2.135   8.055   1.00 10.93 ? 11   ASP B CB  1 
ATOM   427 C CG  . ASP B 1 11 ? 0.667   2.595   9.523   1.00 12.93 ? 11   ASP B CG  1 
ATOM   428 O OD1 . ASP B 1 11 ? 1.641   3.321   9.886   1.00 15.99 ? 11   ASP B OD1 1 
ATOM   429 O OD2 . ASP B 1 11 ? -0.299  2.309   10.260  1.00 14.38 ? 11   ASP B OD2 1 
ATOM   430 N N   . ILE B 1 12 ? 0.516   0.035   5.689   1.00 9.16  ? 12   ILE B N   1 
ATOM   431 C CA  . ILE B 1 12 ? 0.437   -0.282  4.282   1.00 9.23  ? 12   ILE B CA  1 
ATOM   432 C C   . ILE B 1 12 ? -0.800  -1.078  3.944   1.00 8.62  ? 12   ILE B C   1 
ATOM   433 O O   . ILE B 1 12 ? -1.507  -0.765  3.002   1.00 9.04  ? 12   ILE B O   1 
ATOM   434 C CB  . ILE B 1 12 ? 1.704   -1.071  3.872   1.00 9.71  ? 12   ILE B CB  1 
ATOM   435 C CG1 . ILE B 1 12 ? 2.956   -0.193  3.964   1.00 10.61 ? 12   ILE B CG1 1 
ATOM   436 C CG2 . ILE B 1 12 ? 1.477   -1.657  2.467   1.00 10.69 ? 12   ILE B CG2 1 
ATOM   437 C CD1 . ILE B 1 12 ? 4.242   -0.967  4.011   0.86 11.93 ? 12   ILE B CD1 1 
ATOM   438 N N   . TYR B 1 13 ? -1.068  -2.112  4.733   1.00 8.06  ? 13   TYR B N   1 
ATOM   439 C CA  . TYR B 1 13 ? -2.210  -2.951  4.471   1.00 8.41  ? 13   TYR B CA  1 
ATOM   440 C C   . TYR B 1 13 ? -3.473  -2.115  4.477   1.00 7.90  ? 13   TYR B C   1 
ATOM   441 O O   . TYR B 1 13 ? -4.306  -2.208  3.573   1.00 8.70  ? 13   TYR B O   1 
ATOM   442 C CB  . TYR B 1 13 ? -2.269  -4.048  5.540   1.00 8.78  ? 13   TYR B CB  1 
ATOM   443 C CG  . TYR B 1 13 ? -3.434  -4.961  5.338   1.00 8.68  ? 13   TYR B CG  1 
ATOM   444 C CD1 . TYR B 1 13 ? -4.656  -4.744  6.000   1.00 9.27  ? 13   TYR B CD1 1 
ATOM   445 C CD2 . TYR B 1 13 ? -3.344  -6.044  4.493   1.00 8.96  ? 13   TYR B CD2 1 
ATOM   446 C CE1 . TYR B 1 13 ? -5.728  -5.584  5.801   1.00 9.43  ? 13   TYR B CE1 1 
ATOM   447 C CE2 . TYR B 1 13 ? -4.427  -6.880  4.291   1.00 9.46  ? 13   TYR B CE2 1 
ATOM   448 C CZ  . TYR B 1 13 ? -5.607  -6.673  4.945   1.00 9.40  ? 13   TYR B CZ  1 
ATOM   449 O OH  . TYR B 1 13 ? -6.625  -7.528  4.702   1.00 10.71 ? 13   TYR B OH  1 
ATOM   450 N N   . ASN B 1 14 ? -3.615  -1.266  5.504   1.00 7.97  ? 14   ASN B N   1 
ATOM   451 C CA  . ASN B 1 14 ? -4.844  -0.507  5.596   1.00 8.51  ? 14   ASN B CA  1 
ATOM   452 C C   . ASN B 1 14 ? -4.946  0.519   4.487   1.00 8.55  ? 14   ASN B C   1 
ATOM   453 O O   . ASN B 1 14 ? -6.063  0.773   4.017   1.00 9.50  ? 14   ASN B O   1 
ATOM   454 C CB  . ASN B 1 14 ? -4.923  0.161   6.958   1.00 8.99  ? 14   ASN B CB  1 
ATOM   455 C CG  . ASN B 1 14 ? -5.287  -0.801  8.063   1.00 8.72  ? 14   ASN B CG  1 
ATOM   456 O OD1 . ASN B 1 14 ? -5.333  -2.006  7.894   1.00 10.03 ? 14   ASN B OD1 1 
ATOM   457 N ND2 . ASN B 1 14 ? -5.609  -0.266  9.228   1.00 9.95  ? 14   ASN B ND2 1 
ATOM   458 N N   . THR B 1 15 ? -3.850  1.139   4.075   1.00 9.07  ? 15   THR B N   1 
ATOM   459 C CA  . THR B 1 15 ? -3.905  2.065   2.948   1.00 9.29  ? 15   THR B CA  1 
ATOM   460 C C   . THR B 1 15 ? -4.425  1.346   1.735   1.00 8.76  ? 15   THR B C   1 
ATOM   461 O O   . THR B 1 15 ? -5.277  1.858   0.976   1.00 9.52  ? 15   THR B O   1 
ATOM   462 C CB  . THR B 1 15 ? -2.474  2.583   2.652   1.00 10.01 ? 15   THR B CB  1 
ATOM   463 O OG1 . THR B 1 15 ? -2.024  3.303   3.786   1.00 16.31 ? 15   THR B OG1 1 
ATOM   464 C CG2 . THR B 1 15 ? -2.423  3.419   1.422   1.00 10.94 ? 15   THR B CG2 1 
ATOM   465 N N   . CYS B 1 16 ? -3.918  0.148   1.485   1.00 8.31  ? 16   CYS B N   1 
ATOM   466 C CA  . CYS B 1 16 ? -4.362  -0.611  0.337   1.00 8.47  ? 16   CYS B CA  1 
ATOM   467 C C   . CYS B 1 16 ? -5.834  -0.978  0.429   1.00 8.27  ? 16   CYS B C   1 
ATOM   468 O O   . CYS B 1 16 ? -6.566  -0.893  -0.529  1.00 9.15  ? 16   CYS B O   1 
ATOM   469 C CB  A CYS B 1 16 ? -3.422  -1.810  0.256   0.86 9.13  ? 16   CYS B CB  1 
ATOM   470 C CB  B CYS B 1 16 ? -3.516  -1.838  0.102   0.14 12.02 ? 16   CYS B CB  1 
ATOM   471 S SG  . CYS B 1 16 ? -3.873  -3.063  -0.941  0.86 9.88  ? 16   CYS B SG  1 
ATOM   472 N N   . ARG B 1 17 ? -6.295  -1.358  1.631   1.00 8.64  ? 17   ARG B N   1 
ATOM   473 C CA  . ARG B 1 17 ? -7.698  -1.673  1.792   1.00 8.70  ? 17   ARG B CA  1 
ATOM   474 C C   . ARG B 1 17 ? -8.536  -0.411  1.569   1.00 8.78  ? 17   ARG B C   1 
ATOM   475 O O   . ARG B 1 17 ? -9.613  -0.477  0.928   1.00 9.73  ? 17   ARG B O   1 
ATOM   476 C CB  . ARG B 1 17 ? -7.969  -2.275  3.193   1.00 9.34  ? 17   ARG B CB  1 
ATOM   477 C CG  . ARG B 1 17 ? -7.292  -3.604  3.403   1.00 9.90  ? 17   ARG B CG  1 
ATOM   478 C CD  . ARG B 1 17 ? -7.897  -4.750  2.660   1.00 10.27 ? 17   ARG B CD  1 
ATOM   479 N NE  . ARG B 1 17 ? -9.135  -5.233  3.290   1.00 11.44 ? 17   ARG B NE  1 
ATOM   480 C CZ  . ARG B 1 17 ? -10.174 -5.727  2.661   1.00 11.80 ? 17   ARG B CZ  1 
ATOM   481 N NH1 . ARG B 1 17 ? -10.269 -5.846  1.369   1.00 13.16 ? 17   ARG B NH1 1 
ATOM   482 N NH2 . ARG B 1 17 ? -11.176 -6.151  3.447   1.00 14.45 ? 17   ARG B NH2 1 
ATOM   483 N N   . LEU B 1 18 ? -8.093  0.720   2.065   1.00 8.90  ? 18   LEU B N   1 
ATOM   484 C CA  . LEU B 1 18 ? -8.798  1.976   1.854   1.00 9.70  ? 18   LEU B CA  1 
ATOM   485 C C   . LEU B 1 18 ? -8.934  2.319   0.389   1.00 10.27 ? 18   LEU B C   1 
ATOM   486 O O   . LEU B 1 18 ? -9.894  2.991   0.028   1.00 12.28 ? 18   LEU B O   1 
ATOM   487 C CB  . LEU B 1 18 ? -8.092  3.111   2.593   1.00 10.02 ? 18   LEU B CB  1 
ATOM   488 C CG  . LEU B 1 18 ? -8.294  3.110   4.103   1.00 10.75 ? 18   LEU B CG  1 
ATOM   489 C CD1 . LEU B 1 18 ? -7.333  4.010   4.814   1.00 11.94 ? 18   LEU B CD1 1 
ATOM   490 C CD2 . LEU B 1 18 ? -9.705  3.553   4.467   1.00 11.66 ? 18   LEU B CD2 1 
ATOM   491 N N   . GLY B 1 19 ? -7.994  1.871   -0.423  1.00 9.43  ? 19   GLY B N   1 
ATOM   492 C CA  . GLY B 1 19 ? -8.025  2.070   -1.849  1.00 10.19 ? 19   GLY B CA  1 
ATOM   493 C C   . GLY B 1 19 ? -8.721  1.023   -2.641  1.00 10.61 ? 19   GLY B C   1 
ATOM   494 O O   . GLY B 1 19 ? -8.664  1.018   -3.885  1.00 11.53 ? 19   GLY B O   1 
ATOM   495 N N   . GLY B 1 20 ? -9.395  0.089   -1.977  1.00 10.53 ? 20   GLY B N   1 
ATOM   496 C CA  . GLY B 1 20 ? -10.191 -0.881  -2.616  1.00 11.86 ? 20   GLY B CA  1 
ATOM   497 C C   . GLY B 1 20 ? -9.509  -2.206  -2.881  1.00 11.21 ? 20   GLY B C   1 
ATOM   498 O O   . GLY B 1 20 ? -10.042 -3.070  -3.540  1.00 13.54 ? 20   GLY B O   1 
ATOM   499 N N   . GLY B 1 21 ? -8.311  -2.422  -2.378  1.00 10.63 ? 21   GLY B N   1 
ATOM   500 C CA  . GLY B 1 21 ? -7.633  -3.685  -2.639  1.00 10.78 ? 21   GLY B CA  1 
ATOM   501 C C   . GLY B 1 21 ? -8.230  -4.800  -1.809  1.00 10.82 ? 21   GLY B C   1 
ATOM   502 O O   . GLY B 1 21 ? -8.749  -4.638  -0.737  1.00 12.59 ? 21   GLY B O   1 
ATOM   503 N N   . SER B 1 22 ? -8.123  -5.989  -2.386  1.00 11.34 ? 22   SER B N   1 
ATOM   504 C CA  . SER B 1 22 ? -8.549  -7.203  -1.726  1.00 11.86 ? 22   SER B CA  1 
ATOM   505 C C   . SER B 1 22 ? -7.600  -7.492  -0.571  1.00 11.17 ? 22   SER B C   1 
ATOM   506 O O   . SER B 1 22 ? -6.469  -7.056  -0.500  1.00 11.03 ? 22   SER B O   1 
ATOM   507 C CB  . SER B 1 22 ? -8.610  -8.375  -2.657  1.00 13.60 ? 22   SER B CB  1 
ATOM   508 O OG  . SER B 1 22 ? -7.346  -8.697  -3.074  1.00 14.59 ? 22   SER B OG  1 
ATOM   509 N N   . ARG B 1 23 ? -8.061  -8.380  0.309   1.00 11.76 ? 23   ARG B N   1 
ATOM   510 C CA  . ARG B 1 23 ? -7.188  -8.775  1.412   1.00 11.27 ? 23   ARG B CA  1 
ATOM   511 C C   . ARG B 1 23 ? -5.901  -9.410  0.886   1.00 10.79 ? 23   ARG B C   1 
ATOM   512 O O   . ARG B 1 23 ? -4.828  -9.113  1.403   1.00 11.24 ? 23   ARG B O   1 
ATOM   513 C CB  . ARG B 1 23 ? -7.896  -9.755  2.341   1.00 11.28 ? 23   ARG B CB  1 
ATOM   514 C CG  . ARG B 1 23 ? -9.069  -9.086  3.038   1.00 12.72 ? 23   ARG B CG  1 
ATOM   515 C CD  . ARG B 1 23 ? -9.710  -9.980  4.095   1.00 14.78 ? 23   ARG B CD  1 
ATOM   516 N NE  . ARG B 1 23 ? -10.116 -11.290 3.526   1.00 18.66 ? 23   ARG B NE  1 
ATOM   517 C CZ  . ARG B 1 23 ? -10.449 -12.317 4.316   1.00 15.54 ? 23   ARG B CZ  1 
ATOM   518 N NH1 . ARG B 1 23 ? -10.438 -12.254 5.632   1.00 16.54 ? 23   ARG B NH1 1 
ATOM   519 N NH2 . ARG B 1 23 ? -10.789 -13.422 3.683   1.00 18.60 ? 23   ARG B NH2 1 
ATOM   520 N N   . GLU B 1 24 ? -6.014  -10.277 -0.082  1.00 12.24 ? 24   GLU B N   1 
ATOM   521 C CA  . GLU B 1 24 ? -4.852  -10.943 -0.581  1.00 12.85 ? 24   GLU B CA  1 
ATOM   522 C C   . GLU B 1 24 ? -3.874  -10.007 -1.236  1.00 11.64 ? 24   GLU B C   1 
ATOM   523 O O   . GLU B 1 24 ? -2.668  -10.087 -1.091  1.00 12.42 ? 24   GLU B O   1 
ATOM   524 C CB  . GLU B 1 24 ? -5.202  -12.004 -1.659  1.00 17.34 ? 24   GLU B CB  1 
ATOM   525 N N   . ARG B 1 25 ? -4.293  -9.109  -2.033  1.00 12.17 ? 25   ARG B N   1 
ATOM   526 C CA  . ARG B 1 25 ? -3.521  -8.126  -2.719  1.00 10.71 ? 25   ARG B CA  1 
ATOM   527 C C   . ARG B 1 25 ? -2.817  -7.226  -1.668  1.00 10.20 ? 25   ARG B C   1 
ATOM   528 O O   . ARG B 1 25 ? -1.637  -6.953  -1.769  1.00 10.45 ? 25   ARG B O   1 
ATOM   529 C CB  . ARG B 1 25 ? -4.297  -7.317  -3.755  1.00 10.97 ? 25   ARG B CB  1 
ATOM   530 C CG  . ARG B 1 25 ? -3.393  -6.438  -4.610  1.00 11.64 ? 25   ARG B CG  1 
ATOM   531 C CD  . ARG B 1 25 ? -4.206  -5.848  -5.733  1.00 13.54 ? 25   ARG B CD  1 
ATOM   532 N NE  . ARG B 1 25 ? -3.333  -5.223  -6.700  1.00 12.75 ? 25   ARG B NE  1 
ATOM   533 C CZ  . ARG B 1 25 ? -3.714  -4.773  -7.867  1.00 12.45 ? 25   ARG B CZ  1 
ATOM   534 N NH1 . ARG B 1 25 ? -2.851  -4.216  -8.674  1.00 13.49 ? 25   ARG B NH1 1 
ATOM   535 N NH2 . ARG B 1 25 ? -4.971  -4.895  -8.243  1.00 13.55 ? 25   ARG B NH2 1 
ATOM   536 N N   . CYS B 1 26 ? -3.588  -6.791  -0.709  1.00 9.86  ? 26   CYS B N   1 
ATOM   537 C CA  . CYS B 1 26 ? -3.024  -5.914  0.301   1.00 9.52  ? 26   CYS B CA  1 
ATOM   538 C C   . CYS B 1 26 ? -2.048  -6.660  1.210   1.00 9.48  ? 26   CYS B C   1 
ATOM   539 O O   . CYS B 1 26 ? -1.056  -6.080  1.627   1.00 9.66  ? 26   CYS B O   1 
ATOM   540 C CB  A CYS B 1 26 ? -4.133  -5.244  1.102   0.86 10.34 ? 26   CYS B CB  1 
ATOM   541 C CB  B CYS B 1 26 ? -4.085  -5.260  1.182   0.14 9.90  ? 26   CYS B CB  1 
ATOM   542 S SG  . CYS B 1 26 ? -5.183  -4.222  0.041   0.86 9.93  ? 26   CYS B SG  1 
ATOM   543 N N   . ALA B 1 27 ? -2.300  -7.916  1.492   1.00 9.63  ? 27   ALA B N   1 
ATOM   544 C CA  . ALA B 1 27 ? -1.315  -8.710  2.226   1.00 10.25 ? 27   ALA B CA  1 
ATOM   545 C C   . ALA B 1 27 ? 0.003   -8.777  1.457   1.00 10.26 ? 27   ALA B C   1 
ATOM   546 O O   . ALA B 1 27 ? 1.071   -8.668  2.035   1.00 10.81 ? 27   ALA B O   1 
ATOM   547 C CB  . ALA B 1 27 ? -1.892  -10.099 2.497   1.00 12.16 ? 27   ALA B CB  1 
ATOM   548 N N   . SER B 1 28 ? -0.089  -8.958  0.145   1.00 11.22 ? 28   SER B N   1 
ATOM   549 C CA  . SER B 1 28 ? 1.137   -9.062  -0.636  1.00 11.54 ? 28   SER B CA  1 
ATOM   550 C C   . SER B 1 28 ? 1.939   -7.787  -0.626  1.00 11.52 ? 28   SER B C   1 
ATOM   551 O O   . SER B 1 28 ? 3.163   -7.841  -0.589  1.00 14.06 ? 28   SER B O   1 
ATOM   552 C CB  A SER B 1 28 ? 0.703   -9.415  -2.072  0.61 13.20 ? 28   SER B CB  1 
ATOM   553 C CB  B SER B 1 28 ? 0.813   -9.520  -2.073  0.39 14.42 ? 28   SER B CB  1 
ATOM   554 O OG  A SER B 1 28 ? 1.849   -9.371  -2.885  0.61 24.46 ? 28   SER B OG  1 
ATOM   555 O OG  B SER B 1 28 ? 0.318   -8.460  -2.876  0.39 14.62 ? 28   SER B OG  1 
ATOM   556 N N   . LEU B 1 29 ? 1.267   -6.652  -0.604  1.00 9.94  ? 29   LEU B N   1 
ATOM   557 C CA  . LEU B 1 29 ? 1.964   -5.354  -0.597  1.00 10.37 ? 29   LEU B CA  1 
ATOM   558 C C   . LEU B 1 29 ? 2.554   -5.025  0.754   1.00 9.70  ? 29   LEU B C   1 
ATOM   559 O O   . LEU B 1 29 ? 3.507   -4.260  0.874   1.00 10.75 ? 29   LEU B O   1 
ATOM   560 C CB  . LEU B 1 29 ? 1.002   -4.227  -1.009  1.00 10.13 ? 29   LEU B CB  1 
ATOM   561 C CG  . LEU B 1 29 ? 0.582   -4.303  -2.490  1.00 10.18 ? 29   LEU B CG  1 
ATOM   562 C CD1 . LEU B 1 29 ? -0.539  -3.315  -2.731  1.00 12.11 ? 29   LEU B CD1 1 
ATOM   563 C CD2 . LEU B 1 29 ? 1.776   -4.009  -3.400  1.00 14.80 ? 29   LEU B CD2 1 
ATOM   564 N N   . SER B 1 30 ? 1.963   -5.567  1.825   1.00 9.61  ? 30   SER B N   1 
ATOM   565 C CA  . SER B 1 30 ? 2.279   -5.145  3.177   1.00 9.88  ? 30   SER B CA  1 
ATOM   566 C C   . SER B 1 30 ? 3.149   -6.125  3.946   1.00 9.97  ? 30   SER B C   1 
ATOM   567 O O   . SER B 1 30 ? 3.757   -5.718  4.937   1.00 11.39 ? 30   SER B O   1 
ATOM   568 C CB  . SER B 1 30 ? 0.959   -4.969  3.942   1.00 9.66  ? 30   SER B CB  1 
ATOM   569 O OG  . SER B 1 30 ? 0.238   -6.124  4.049   1.00 9.43  ? 30   SER B OG  1 
ATOM   570 N N   . GLY B 1 31 ? 3.140   -7.374  3.527   1.00 10.35 ? 31   GLY B N   1 
ATOM   571 C CA  . GLY B 1 31 ? 3.811   -8.369  4.369   1.00 11.48 ? 31   GLY B CA  1 
ATOM   572 C C   . GLY B 1 31 ? 2.959   -8.905  5.461   1.00 11.20 ? 31   GLY B C   1 
ATOM   573 O O   . GLY B 1 31 ? 3.366   -9.746  6.255   1.00 14.19 ? 31   GLY B O   1 
ATOM   574 N N   . CYS B 1 32 ? 1.742   -8.568  5.563   1.00 10.80 ? 32   CYS B N   1 
ATOM   575 C CA  . CYS B 1 32 ? 0.759   -9.041  6.484   1.00 10.56 ? 32   CYS B CA  1 
ATOM   576 C C   . CYS B 1 32 ? 0.281   -10.416 6.031   1.00 10.57 ? 32   CYS B C   1 
ATOM   577 O O   . CYS B 1 32 ? 0.382   -10.759 4.864   1.00 12.21 ? 32   CYS B O   1 
ATOM   578 C CB  A CYS B 1 32 ? -0.414  -8.109  6.742   0.83 11.22 ? 32   CYS B CB  1 
ATOM   579 C CB  B CYS B 1 32 ? -0.455  -8.115  6.445   0.17 12.14 ? 32   CYS B CB  1 
ATOM   580 S SG  . CYS B 1 32 ? 0.078   -6.406  7.179   0.83 10.86 ? 32   CYS B SG  1 
ATOM   581 N N   . LYS B 1 33 ? -0.255  -11.145 6.981   1.00 11.07 ? 33   LYS B N   1 
ATOM   582 C CA  . LYS B 1 33 ? -0.854  -12.444 6.699   1.00 11.62 ? 33   LYS B CA  1 
ATOM   583 C C   . LYS B 1 33 ? -2.356  -12.360 6.913   1.00 11.10 ? 33   LYS B C   1 
ATOM   584 O O   . LYS B 1 33 ? -2.817  -11.673 7.827   1.00 13.07 ? 33   LYS B O   1 
ATOM   585 C CB  A LYS B 1 33 ? -0.328  -13.490 7.679   0.60 12.95 ? 33   LYS B CB  1 
ATOM   586 C CB  B LYS B 1 33 ? -0.224  -13.559 7.525   0.40 17.07 ? 33   LYS B CB  1 
ATOM   587 C CG  A LYS B 1 33 ? 1.158   -13.735 7.421   0.60 15.83 ? 33   LYS B CG  1 
ATOM   588 C CG  B LYS B 1 33 ? 1.247   -13.794 7.209   0.40 18.29 ? 33   LYS B CG  1 
ATOM   589 C CD  A LYS B 1 33 ? 1.692   -14.839 8.313   0.60 19.44 ? 33   LYS B CD  1 
ATOM   590 C CD  B LYS B 1 33 ? 1.548   -13.943 5.731   0.40 22.53 ? 33   LYS B CD  1 
ATOM   591 C CE  A LYS B 1 33 ? 3.165   -15.099 8.033   0.60 27.54 ? 33   LYS B CE  1 
ATOM   592 C CE  B LYS B 1 33 ? 3.032   -13.976 5.442   0.40 22.04 ? 33   LYS B CE  1 
ATOM   593 N NZ  A LYS B 1 33 ? 3.372   -15.582 6.638   0.60 34.89 ? 33   LYS B NZ  1 
ATOM   594 N NZ  B LYS B 1 33 ? 3.357   -13.862 3.989   0.40 23.59 ? 33   LYS B NZ  1 
ATOM   595 N N   . ILE B 1 34 ? -3.095  -13.048 6.078   1.00 11.00 ? 34   ILE B N   1 
ATOM   596 C CA  . ILE B 1 34 ? -4.510  -13.180 6.201   1.00 11.03 ? 34   ILE B CA  1 
ATOM   597 C C   . ILE B 1 34 ? -4.740  -14.503 6.884   1.00 11.26 ? 34   ILE B C   1 
ATOM   598 O O   . ILE B 1 34 ? -4.446  -15.586 6.352   1.00 14.31 ? 34   ILE B O   1 
ATOM   599 C CB  . ILE B 1 34 ? -5.299  -13.125 4.874   1.00 11.89 ? 34   ILE B CB  1 
ATOM   600 C CG1 . ILE B 1 34 ? -4.934  -11.847 4.091   1.00 12.90 ? 34   ILE B CG1 1 
ATOM   601 C CG2 . ILE B 1 34 ? -6.752  -13.236 5.133   1.00 14.11 ? 34   ILE B CG2 1 
ATOM   602 C CD1 . ILE B 1 34 ? -5.096  -10.576 4.927   1.00 14.18 ? 34   ILE B CD1 1 
ATOM   603 N N   . ILE B 1 35 ? -5.232  -14.450 8.093   1.00 11.23 ? 35   ILE B N   1 
ATOM   604 C CA  . ILE B 1 35 ? -5.569  -15.625 8.841   1.00 13.93 ? 35   ILE B CA  1 
ATOM   605 C C   . ILE B 1 35 ? -7.067  -15.641 9.015   1.00 16.95 ? 35   ILE B C   1 
ATOM   606 O O   . ILE B 1 35 ? -7.742  -14.649 9.247   1.00 37.58 ? 35   ILE B O   1 
ATOM   607 C CB  A ILE B 1 35 ? -4.944  -15.752 10.215  0.61 17.78 ? 35   ILE B CB  1 
ATOM   608 C CB  B ILE B 1 35 ? -4.862  -15.394 10.201  0.39 14.23 ? 35   ILE B CB  1 
ATOM   609 C CG1 A ILE B 1 35 ? -5.614  -14.678 11.054  0.61 16.07 ? 35   ILE B CG1 1 
ATOM   610 C CG1 B ILE B 1 35 ? -3.365  -15.064 10.034  0.39 14.82 ? 35   ILE B CG1 1 
ATOM   611 C CG2 A ILE B 1 35 ? -3.445  -15.779 10.108  0.61 20.06 ? 35   ILE B CG2 1 
ATOM   612 C CG2 B ILE B 1 35 ? -5.045  -16.506 11.229  0.60 21.16 ? 35   ILE B CG2 1 
ATOM   613 C CD1 A ILE B 1 35 ? -5.339  -14.850 12.517  0.61 18.50 ? 35   ILE B CD1 1 
ATOM   614 C CD1 B ILE B 1 35 ? -2.550  -16.255 9.584   0.39 14.07 ? 35   ILE B CD1 1 
ATOM   615 N N   . SER B 1 36 ? -7.661  -16.810 8.852   1.00 12.90 ? 36   SER B N   1 
ATOM   616 C CA  . SER B 1 36 ? -9.148  -16.939 8.917   1.00 12.97 ? 36   SER B CA  1 
ATOM   617 C C   . SER B 1 36 ? -9.559  -17.377 10.290  1.00 11.39 ? 36   SER B C   1 
ATOM   618 O O   . SER B 1 36 ? -10.398 -18.228 10.465  1.00 13.96 ? 36   SER B O   1 
ATOM   619 C CB  . SER B 1 36 ? -9.651  -17.882 7.856   1.00 14.00 ? 36   SER B CB  1 
ATOM   620 O OG  . SER B 1 36 ? -8.911  -19.044 7.895   1.00 16.05 ? 36   SER B OG  1 
ATOM   621 N N   . ALA B 1 37 ? -8.971  -16.778 11.288  1.00 13.70 ? 37   ALA B N   1 
ATOM   622 C CA  . ALA B 1 37 ? -9.299  -17.024 12.671  1.00 12.11 ? 37   ALA B CA  1 
ATOM   623 C C   . ALA B 1 37 ? -8.983  -15.738 13.399  1.00 12.82 ? 37   ALA B C   1 
ATOM   624 O O   . ALA B 1 37 ? -8.507  -14.772 12.837  1.00 15.18 ? 37   ALA B O   1 
ATOM   625 C CB  . ALA B 1 37 ? -8.567  -18.215 13.176  1.00 13.80 ? 37   ALA B CB  1 
ATOM   626 N N   . SER B 1 38 ? -9.296  -15.685 14.669  1.00 13.93 ? 38   SER B N   1 
ATOM   627 C CA  . SER B 1 38 ? -9.256  -14.457 15.398  1.00 17.12 ? 38   SER B CA  1 
ATOM   628 C C   . SER B 1 38 ? -7.918  -14.196 16.083  1.00 17.50 ? 38   SER B C   1 
ATOM   629 O O   . SER B 1 38 ? -7.582  -13.071 16.379  1.00 23.42 ? 38   SER B O   1 
ATOM   630 C CB  . SER B 1 38 ? -10.466 -14.400 16.338  1.00 24.18 ? 38   SER B CB  1 
ATOM   631 O OG  . SER B 1 38 ? -10.612 -15.314 17.319  1.00 30.93 ? 38   SER B OG  1 
ATOM   632 N N   . THR B 1 39 ? -7.073  -15.193 16.302  1.00 18.05 ? 39   THR B N   1 
ATOM   633 C CA  . THR B 1 39 ? -5.859  -14.930 17.046  1.00 19.50 ? 39   THR B CA  1 
ATOM   634 C C   . THR B 1 39 ? -4.684  -14.844 16.099  1.00 18.97 ? 39   THR B C   1 
ATOM   635 O O   . THR B 1 39 ? -4.325  -15.853 15.477  1.00 18.43 ? 39   THR B O   1 
ATOM   636 C CB  . THR B 1 39 ? -5.644  -16.032 18.100  1.00 21.14 ? 39   THR B CB  1 
ATOM   637 O OG1 . THR B 1 39 ? -6.844  -16.073 18.891  1.00 26.93 ? 39   THR B OG1 1 
ATOM   638 C CG2 . THR B 1 39 ? -4.487  -15.655 18.977  1.00 28.08 ? 39   THR B CG2 1 
ATOM   639 N N   . CYS B 1 40 ? -4.078  -13.665 16.023  1.00 16.10 ? 40   CYS B N   1 
ATOM   640 C CA  . CYS B 1 40 ? -2.841  -13.570 15.267  1.00 15.80 ? 40   CYS B CA  1 
ATOM   641 C C   . CYS B 1 40 ? -1.666  -14.270 15.923  1.00 16.49 ? 40   CYS B C   1 
ATOM   642 O O   . CYS B 1 40 ? -1.595  -14.334 17.152  1.00 22.82 ? 40   CYS B O   1 
ATOM   643 C CB  . CYS B 1 40 ? -2.416  -12.108 15.018  1.00 16.67 ? 40   CYS B CB  1 
ATOM   644 S SG  . CYS B 1 40 ? -3.576  -11.250 13.943  1.00 16.14 ? 40   CYS B SG  1 
ATOM   645 N N   . PRO B 1 41 ? -0.760  -14.802 15.191  1.00 18.00 ? 41   PRO B N   1 
ATOM   646 C CA  . PRO B 1 41 ? 0.472   -15.323 15.847  1.00 19.48 ? 41   PRO B CA  1 
ATOM   647 C C   . PRO B 1 41 ? 1.288   -14.166 16.421  1.00 17.31 ? 41   PRO B C   1 
ATOM   648 O O   . PRO B 1 41 ? 1.208   -13.008 15.977  1.00 15.88 ? 41   PRO B O   1 
ATOM   649 C CB  . PRO B 1 41 ? 1.191   -16.067 14.735  1.00 25.54 ? 41   PRO B CB  1 
ATOM   650 C CG  . PRO B 1 41 ? 0.695   -15.409 13.494  1.00 25.01 ? 41   PRO B CG  1 
ATOM   651 C CD  . PRO B 1 41 ? -0.690  -14.959 13.737  1.00 18.90 ? 41   PRO B CD  1 
ATOM   652 N N   . SER B 1 42 ? 2.114   -14.439 17.422  1.00 18.99 ? 42   SER B N   1 
ATOM   653 C CA  . SER B 1 42 ? 2.876   -13.390 18.119  1.00 19.50 ? 42   SER B CA  1 
ATOM   654 C C   . SER B 1 42 ? 3.833   -12.691 17.169  1.00 16.52 ? 42   SER B C   1 
ATOM   655 O O   . SER B 1 42 ? 4.220   -11.517 17.453  1.00 19.51 ? 42   SER B O   1 
ATOM   656 C CB  . SER B 1 42 ? 3.579   -13.988 19.346  1.00 20.98 ? 42   SER B CB  1 
ATOM   657 O OG  . SER B 1 42 ? 4.507   -14.975 18.938  1.00 20.78 ? 42   SER B OG  1 
ATOM   658 N N   . ASP B 1 43 ? 4.234   -13.367 16.095  1.00 16.45 ? 43   ASP B N   1 
ATOM   659 C CA  . ASP B 1 43 ? 5.157   -12.676 15.220  1.00 19.14 ? 43   ASP B CA  1 
ATOM   660 C C   . ASP B 1 43 ? 4.453   -11.750 14.234  1.00 14.33 ? 43   ASP B C   1 
ATOM   661 O O   . ASP B 1 43 ? 5.105   -11.040 13.475  1.00 17.53 ? 43   ASP B O   1 
ATOM   662 C CB  . ASP B 1 43 ? 5.994   -13.715 14.465  1.00 23.35 ? 43   ASP B CB  1 
ATOM   663 C CG  . ASP B 1 43 ? 5.237   -14.843 13.825  1.00 23.68 ? 43   ASP B CG  1 
ATOM   664 O OD1 . ASP B 1 43 ? 4.060   -15.140 14.073  1.00 29.67 ? 43   ASP B OD1 1 
ATOM   665 O OD2 . ASP B 1 43 ? 5.864   -15.534 12.971  1.00 39.79 ? 43   ASP B OD2 1 
ATOM   666 N N   . TYR B 1 44 ? 3.124   -11.789 14.215  1.00 14.42 ? 44   TYR B N   1 
ATOM   667 C CA  . TYR B 1 44 ? 2.333   -10.860 13.343  1.00 14.29 ? 44   TYR B CA  1 
ATOM   668 C C   . TYR B 1 44 ? 1.226   -10.225 14.156  1.00 14.77 ? 44   TYR B C   1 
ATOM   669 O O   . TYR B 1 44 ? 0.059   -10.491 13.943  1.00 14.93 ? 44   TYR B O   1 
ATOM   670 C CB  . TYR B 1 44 ? 1.756   -11.584 12.157  1.00 14.27 ? 44   TYR B CB  1 
ATOM   671 C CG  . TYR B 1 44 ? 2.824   -11.951 11.182  1.00 14.85 ? 44   TYR B CG  1 
ATOM   672 C CD1 . TYR B 1 44 ? 3.653   -13.057 11.353  1.00 16.90 ? 44   TYR B CD1 1 
ATOM   673 C CD2 . TYR B 1 44 ? 3.042   -11.196 10.044  1.00 14.64 ? 44   TYR B CD2 1 
ATOM   674 C CE1 . TYR B 1 44 ? 4.628   -13.361 10.421  1.00 20.06 ? 44   TYR B CE1 1 
ATOM   675 C CE2 . TYR B 1 44 ? 4.011   -11.473 9.124   1.00 14.93 ? 44   TYR B CE2 1 
ATOM   676 C CZ  . TYR B 1 44 ? 4.806   -12.553 9.331   1.00 16.74 ? 44   TYR B CZ  1 
ATOM   677 O OH  . TYR B 1 44 ? 5.791   -12.891 8.442   1.00 20.16 ? 44   TYR B OH  1 
ATOM   678 N N   . PRO B 1 45 ? 1.610   -9.436  15.174  1.00 15.71 ? 45   PRO B N   1 
ATOM   679 C CA  . PRO B 1 45 ? 0.647   -8.982  16.160  1.00 17.50 ? 45   PRO B CA  1 
ATOM   680 C C   . PRO B 1 45 ? 0.020   -7.612  15.883  1.00 18.18 ? 45   PRO B C   1 
ATOM   681 O O   . PRO B 1 45 ? -0.753  -7.155  16.723  1.00 25.62 ? 45   PRO B O   1 
ATOM   682 C CB  . PRO B 1 45 ? 1.528   -8.789  17.409  1.00 19.74 ? 45   PRO B CB  1 
ATOM   683 C CG  . PRO B 1 45 ? 2.795   -8.271  16.781  1.00 20.49 ? 45   PRO B CG  1 
ATOM   684 C CD  . PRO B 1 45 ? 2.984   -9.009  15.500  1.00 17.34 ? 45   PRO B CD  1 
ATOM   685 N N   . LYS B 1 46 ? 0.374   -6.991  14.768  1.00 15.98 ? 46   LYS B N   1 
ATOM   686 C CA  . LYS B 1 46 ? -0.101  -5.625  14.563  1.00 15.29 ? 46   LYS B CA  1 
ATOM   687 C C   . LYS B 1 46 ? -1.228  -5.538  13.564  1.00 15.84 ? 46   LYS B C   1 
ATOM   688 O O   . LYS B 1 46 ? -1.533  -6.560  12.916  1.00 14.65 ? 46   LYS B O   1 
ATOM   689 C CB  . LYS B 1 46 ? 1.020   -4.684  14.151  1.00 17.30 ? 46   LYS B CB  1 
ATOM   690 C CG  . LYS B 1 46 ? 2.236   -4.579  15.072  1.00 19.88 ? 46   LYS B CG  1 
ATOM   691 C CD  . LYS B 1 46 ? 1.829   -4.265  16.497  1.00 25.49 ? 46   LYS B CD  1 
ATOM   692 C CE  . LYS B 1 46 ? 3.042   -4.077  17.392  1.00 31.98 ? 46   LYS B CE  1 
ATOM   693 N NZ  . LYS B 1 46 ? 2.780   -3.425  18.695  1.00 37.81 ? 46   LYS B NZ  1 
ATOM   694 O OXT . LYS B 1 46 ? -1.812  -4.434  13.429  1.00 20.69 ? 46   LYS B OXT 1 
HETATM 695 S S   . SO4 C 2 .  ? -4.945  -3.738  -11.888 1.00 14.03 ? 1047 SO4 A S   1 
HETATM 696 O O1  . SO4 C 2 .  ? -4.548  -4.717  -12.895 1.00 22.68 ? 1047 SO4 A O1  1 
HETATM 697 O O2  . SO4 C 2 .  ? -5.827  -4.346  -10.929 1.00 16.79 ? 1047 SO4 A O2  1 
HETATM 698 O O3  . SO4 C 2 .  ? -5.614  -2.595  -12.566 1.00 16.62 ? 1047 SO4 A O3  1 
HETATM 699 O O4  . SO4 C 2 .  ? -3.749  -3.202  -11.232 1.00 13.34 ? 1047 SO4 A O4  1 
HETATM 700 S S   . SO4 D 2 .  ? 4.755   6.588   -13.374 0.65 11.48 ? 1048 SO4 A S   1 
HETATM 701 O O1  . SO4 D 2 .  ? 5.429   5.831   -14.424 0.65 17.70 ? 1048 SO4 A O1  1 
HETATM 702 O O2  . SO4 D 2 .  ? 3.283   6.673   -13.780 0.65 24.72 ? 1048 SO4 A O2  1 
HETATM 703 O O3  . SO4 D 2 .  ? 5.256   7.935   -13.283 0.65 16.35 ? 1048 SO4 A O3  1 
HETATM 704 O O4  . SO4 D 2 .  ? 4.810   5.859   -12.132 0.65 19.17 ? 1048 SO4 A O4  1 
HETATM 705 S S   . SO4 E 2 .  ? 8.507   10.990  4.281   1.00 17.83 ? 1049 SO4 A S   1 
HETATM 706 O O1  . SO4 E 2 .  ? 8.387   10.513  2.971   1.00 24.83 ? 1049 SO4 A O1  1 
HETATM 707 O O2  . SO4 E 2 .  ? 8.288   9.793   5.239   1.00 33.33 ? 1049 SO4 A O2  1 
HETATM 708 O O3  . SO4 E 2 .  ? 7.556   11.996  4.650   1.00 24.31 ? 1049 SO4 A O3  1 
HETATM 709 O O4  . SO4 E 2 .  ? 9.883   11.438  4.566   1.00 23.88 ? 1049 SO4 A O4  1 
HETATM 710 S S   . SO4 F 2 .  ? -1.337  2.080   -17.392 0.54 22.50 ? 1050 SO4 A S   1 
HETATM 711 O O1  . SO4 F 2 .  ? -1.104  1.456   -16.160 0.54 24.51 ? 1050 SO4 A O1  1 
HETATM 712 O O2  . SO4 F 2 .  ? -1.793  1.128   -18.443 0.54 32.50 ? 1050 SO4 A O2  1 
HETATM 713 O O3  . SO4 F 2 .  ? -2.461  3.095   -17.253 0.54 36.94 ? 1050 SO4 A O3  1 
HETATM 714 O O4  . SO4 F 2 .  ? -0.186  2.812   -17.937 0.54 19.72 ? 1050 SO4 A O4  1 
HETATM 715 S S   . SO4 G 2 .  ? -7.727  -7.164  -6.223  1.00 17.47 ? 1047 SO4 B S   1 
HETATM 716 O O1  . SO4 G 2 .  ? -7.049  -6.787  -7.481  1.00 20.11 ? 1047 SO4 B O1  1 
HETATM 717 O O2  . SO4 G 2 .  ? -9.131  -7.364  -6.488  1.00 25.92 ? 1047 SO4 B O2  1 
HETATM 718 O O3  . SO4 G 2 .  ? -7.539  -6.089  -5.227  1.00 16.16 ? 1047 SO4 B O3  1 
HETATM 719 O O4  . SO4 G 2 .  ? -7.104  -8.398  -5.703  1.00 18.88 ? 1047 SO4 B O4  1 
HETATM 720 S S   A SO4 H 2 .  ? -9.544  -6.621  6.738   0.60 14.82 ? 1048 SO4 B S   1 
HETATM 721 S S   B SO4 H 2 .  ? -9.280  -6.539  7.084   0.40 12.20 ? 1048 SO4 B S   1 
HETATM 722 O O1  A SO4 H 2 .  ? -9.108  -5.331  6.151   0.60 12.48 ? 1048 SO4 B O1  1 
HETATM 723 O O1  B SO4 H 2 .  ? -8.653  -7.574  6.280   0.40 19.39 ? 1048 SO4 B O1  1 
HETATM 724 O O2  A SO4 H 2 .  ? -9.955  -6.395  8.148   0.60 16.45 ? 1048 SO4 B O2  1 
HETATM 725 O O2  B SO4 H 2 .  ? -10.626 -6.961  7.507   0.40 18.03 ? 1048 SO4 B O2  1 
HETATM 726 O O3  A SO4 H 2 .  ? -8.431  -7.571  6.735   0.60 14.58 ? 1048 SO4 B O3  1 
HETATM 727 O O3  B SO4 H 2 .  ? -9.409  -5.295  6.274   0.40 19.18 ? 1048 SO4 B O3  1 
HETATM 728 O O4  A SO4 H 2 .  ? -10.679 -7.140  5.989   0.60 17.60 ? 1048 SO4 B O4  1 
HETATM 729 O O4  B SO4 H 2 .  ? -8.466  -6.248  8.270   0.40 20.41 ? 1048 SO4 B O4  1 
HETATM 730 O O   . HOH I 3 .  ? 8.731   10.501  -7.923  1.00 30.64 ? 2001 HOH A O   1 
HETATM 731 O O   . HOH I 3 .  ? 8.123   15.746  2.289   1.00 33.87 ? 2002 HOH A O   1 
HETATM 732 O O   . HOH I 3 .  ? 13.685  6.106   0.735   1.00 19.45 ? 2003 HOH A O   1 
HETATM 733 O O   . HOH I 3 .  ? 6.781   13.541  2.247   1.00 24.34 ? 2004 HOH A O   1 
HETATM 734 O O   . HOH I 3 .  ? 1.653   11.662  4.791   1.00 18.68 ? 2005 HOH A O   1 
HETATM 735 O O   . HOH I 3 .  ? 12.317  8.195   0.233   1.00 24.57 ? 2006 HOH A O   1 
HETATM 736 O O   . HOH I 3 .  ? 2.032   -2.884  -16.355 1.00 42.19 ? 2007 HOH A O   1 
HETATM 737 O O   . HOH I 3 .  ? -1.554  -6.099  -17.955 1.00 38.68 ? 2008 HOH A O   1 
HETATM 738 O O   . HOH I 3 .  ? 6.560   7.448   4.780   1.00 19.13 ? 2009 HOH A O   1 
HETATM 739 O O   . HOH I 3 .  ? 9.675   8.321   -8.279  1.00 37.05 ? 2010 HOH A O   1 
HETATM 740 O O   . HOH I 3 .  ? 8.411   3.118   3.590   1.00 27.25 ? 2011 HOH A O   1 
HETATM 741 O O   . HOH I 3 .  ? 11.891  4.339   -1.054  1.00 37.37 ? 2012 HOH A O   1 
HETATM 742 O O   . HOH I 3 .  ? -5.462  8.849   0.380   1.00 30.34 ? 2013 HOH A O   1 
HETATM 743 O O   . HOH I 3 .  ? 7.358   3.885   -8.504  1.00 20.69 ? 2014 HOH A O   1 
HETATM 744 O O   . HOH I 3 .  ? 6.894   2.400   -10.332 1.00 34.42 ? 2015 HOH A O   1 
HETATM 745 O O   . HOH I 3 .  ? 4.519   21.738  -8.151  1.00 30.92 ? 2016 HOH A O   1 
HETATM 746 O O   . HOH I 3 .  ? 9.552   16.647  0.596   1.00 46.85 ? 2017 HOH A O   1 
HETATM 747 O O   . HOH I 3 .  ? 3.560   -6.820  -6.029  1.00 23.29 ? 2018 HOH A O   1 
HETATM 748 O O   . HOH I 3 .  ? -0.006  -5.151  -8.573  1.00 14.05 ? 2019 HOH A O   1 
HETATM 749 O O   . HOH I 3 .  ? 6.804   1.616   -14.629 1.00 44.25 ? 2020 HOH A O   1 
HETATM 750 O O   . HOH I 3 .  ? 5.420   2.994   -12.780 1.00 26.07 ? 2021 HOH A O   1 
HETATM 751 O O   . HOH I 3 .  ? 2.844   -2.630  -13.746 1.00 17.66 ? 2022 HOH A O   1 
HETATM 752 O O   . HOH I 3 .  ? 0.934   -0.571  -16.928 1.00 41.34 ? 2023 HOH A O   1 
HETATM 753 O O   . HOH I 3 .  ? -0.121  -7.597  -9.534  1.00 29.07 ? 2024 HOH A O   1 
HETATM 754 O O   . HOH I 3 .  ? -0.046  -6.473  -15.771 1.00 29.67 ? 2025 HOH A O   1 
HETATM 755 O O   . HOH I 3 .  ? -6.019  6.517   -9.056  1.00 28.83 ? 2026 HOH A O   1 
HETATM 756 O O   . HOH I 3 .  ? -5.621  6.600   -2.702  1.00 18.85 ? 2027 HOH A O   1 
HETATM 757 O O   . HOH I 3 .  ? 0.586   6.756   1.335   1.00 20.24 ? 2028 HOH A O   1 
HETATM 758 O O   . HOH I 3 .  ? -3.549  10.621  -1.103  1.00 27.83 ? 2029 HOH A O   1 
HETATM 759 O O   . HOH I 3 .  ? -4.949  8.194   -4.838  1.00 23.05 ? 2030 HOH A O   1 
HETATM 760 O O   . HOH I 3 .  ? -4.606  9.658   -9.574  1.00 29.60 ? 2031 HOH A O   1 
HETATM 761 O O   . HOH I 3 .  ? -4.600  10.986  -12.963 1.00 48.88 ? 2032 HOH A O   1 
HETATM 762 O O   . HOH I 3 .  ? -1.212  12.897  -18.785 1.00 53.57 ? 2033 HOH A O   1 
HETATM 763 O O   . HOH I 3 .  ? 1.444   14.148  -19.018 1.00 16.53 ? 2034 HOH A O   1 
HETATM 764 O O   . HOH I 3 .  ? 8.458   18.228  -4.652  1.00 33.63 ? 2035 HOH A O   1 
HETATM 765 O O   . HOH I 3 .  ? 9.518   15.246  -8.811  1.00 15.08 ? 2036 HOH A O   1 
HETATM 766 O O   . HOH I 3 .  ? 5.047   22.341  -5.406  1.00 20.01 ? 2037 HOH A O   1 
HETATM 767 O O   . HOH I 3 .  ? 8.235   18.498  -0.066  1.00 30.68 ? 2038 HOH A O   1 
HETATM 768 O O   . HOH I 3 .  ? 4.881   24.334  -3.191  1.00 43.38 ? 2039 HOH A O   1 
HETATM 769 O O   . HOH I 3 .  ? -1.725  18.332  0.027   1.00 28.51 ? 2040 HOH A O   1 
HETATM 770 O O   . HOH I 3 .  ? -0.419  15.147  0.899   1.00 40.71 ? 2041 HOH A O   1 
HETATM 771 O O   . HOH I 3 .  ? 9.439   13.022  -7.132  1.00 18.33 ? 2042 HOH A O   1 
HETATM 772 O O   . HOH I 3 .  ? 10.804  9.370   -4.143  1.00 29.01 ? 2043 HOH A O   1 
HETATM 773 O O   . HOH I 3 .  ? 13.136  10.984  0.461   1.00 36.77 ? 2044 HOH A O   1 
HETATM 774 O O   . HOH I 3 .  ? -2.635  -4.413  -14.744 1.00 30.38 ? 2045 HOH A O   1 
HETATM 775 O O   . HOH I 3 .  ? 7.470   5.437   -15.710 1.00 32.16 ? 2046 HOH A O   1 
HETATM 776 O O   . HOH I 3 .  ? 7.221   7.853   -11.847 1.00 30.44 ? 2047 HOH A O   1 
HETATM 777 O O   . HOH I 3 .  ? 1.668   8.382   -14.549 1.00 16.16 ? 2048 HOH A O   1 
HETATM 778 O O   . HOH I 3 .  ? 11.741  13.003  3.234   1.00 47.18 ? 2049 HOH A O   1 
HETATM 779 O O   . HOH I 3 .  ? -7.690  -7.229  16.534  0.45 26.26 ? 2050 HOH A O   1 
HETATM 780 O O   . HOH I 3 .  ? 8.305   9.887   8.057   1.00 43.43 ? 2051 HOH A O   1 
HETATM 781 O O   . HOH I 3 .  ? 11.084  12.095  6.703   1.00 36.95 ? 2052 HOH A O   1 
HETATM 782 O O   . HOH I 3 .  ? -4.028  3.164   -15.106 1.00 23.28 ? 2053 HOH A O   1 
HETATM 783 O O   . HOH I 3 .  ? -3.428  -0.478  -17.716 1.00 28.51 ? 2054 HOH A O   1 
HETATM 784 O O   . HOH J 3 .  ? -6.254  -7.871  16.821  0.55 18.37 ? 2001 HOH B O   1 
HETATM 785 O O   . HOH J 3 .  ? -9.719  -10.816 15.849  1.00 26.75 ? 2002 HOH B O   1 
HETATM 786 O O   . HOH J 3 .  ? -7.270  -7.127  12.427  1.00 42.25 ? 2003 HOH B O   1 
HETATM 787 O O   . HOH J 3 .  ? -4.585  -7.744  13.809  1.00 35.76 ? 2004 HOH B O   1 
HETATM 788 O O   . HOH J 3 .  ? 9.176   -1.813  13.483  1.00 32.30 ? 2005 HOH B O   1 
HETATM 789 O O   . HOH J 3 .  ? 6.941   -2.979  7.381   1.00 17.03 ? 2006 HOH B O   1 
HETATM 790 O O   . HOH J 3 .  ? 8.672   -6.776  12.437  1.00 34.47 ? 2007 HOH B O   1 
HETATM 791 O O   . HOH J 3 .  ? 6.024   -1.788  15.200  1.00 28.15 ? 2008 HOH B O   1 
HETATM 792 O O   . HOH J 3 .  ? 6.737   -0.429  11.917  1.00 26.24 ? 2009 HOH B O   1 
HETATM 793 O O   . HOH J 3 .  ? 3.719   3.176   11.759  1.00 32.57 ? 2010 HOH B O   1 
HETATM 794 O O   . HOH J 3 .  ? 3.515   4.430   7.226   1.00 34.11 ? 2011 HOH B O   1 
HETATM 795 O O   . HOH J 3 .  ? 3.843   3.531   9.298   1.00 36.09 ? 2012 HOH B O   1 
HETATM 796 O O   . HOH J 3 .  ? -0.521  1.865   12.811  1.00 28.13 ? 2013 HOH B O   1 
HETATM 797 O O   . HOH J 3 .  ? -3.252  -13.741 1.103   1.00 40.90 ? 2014 HOH B O   1 
HETATM 798 O O   . HOH J 3 .  ? -6.452  -1.644  11.597  1.00 28.56 ? 2015 HOH B O   1 
HETATM 799 O O   . HOH J 3 .  ? -5.398  4.311   -0.311  1.00 14.15 ? 2016 HOH B O   1 
HETATM 800 O O   . HOH J 3 .  ? -11.227 -2.617  0.294   1.00 15.08 ? 2017 HOH B O   1 
HETATM 801 O O   . HOH J 3 .  ? -11.168 3.674   -2.248  1.00 16.08 ? 2018 HOH B O   1 
HETATM 802 O O   . HOH J 3 .  ? -11.822 -4.566  -1.279  1.00 33.61 ? 2019 HOH B O   1 
HETATM 803 O O   . HOH J 3 .  ? -8.872  -11.913 -3.527  1.00 35.26 ? 2020 HOH B O   1 
HETATM 804 O O   . HOH J 3 .  ? -10.447 -11.303 0.127   1.00 46.84 ? 2021 HOH B O   1 
HETATM 805 O O   . HOH J 3 .  ? -11.853 -15.688 5.336   1.00 31.72 ? 2022 HOH B O   1 
HETATM 806 O O   . HOH J 3 .  ? -9.765  -10.119 7.456   1.00 16.89 ? 2023 HOH B O   1 
HETATM 807 O O   . HOH J 3 .  ? -10.804 -9.051  -0.113  1.00 21.12 ? 2024 HOH B O   1 
HETATM 808 O O   . HOH J 3 .  ? -1.446  -12.461 -0.468  1.00 21.96 ? 2025 HOH B O   1 
HETATM 809 O O   . HOH J 3 .  ? -8.436  -11.566 -0.939  1.00 25.76 ? 2026 HOH B O   1 
HETATM 810 O O   . HOH J 3 .  ? -0.581  -4.983  -5.951  1.00 15.43 ? 2027 HOH B O   1 
HETATM 811 O O   . HOH J 3 .  ? 5.242   -7.783  -2.711  1.00 39.85 ? 2028 HOH B O   1 
HETATM 812 O O   . HOH J 3 .  ? 4.037   -9.905  1.295   1.00 27.46 ? 2029 HOH B O   1 
HETATM 813 O O   . HOH J 3 .  ? 0.609   -7.128  -4.902  1.00 31.27 ? 2030 HOH B O   1 
HETATM 814 O O   . HOH J 3 .  ? 1.121   -12.240 0.563   1.00 27.77 ? 2031 HOH B O   1 
HETATM 815 O O   . HOH J 3 .  ? 5.928   -4.124  5.094   1.00 13.49 ? 2032 HOH B O   1 
HETATM 816 O O   . HOH J 3 .  ? 5.615   -11.207 5.933   1.00 37.47 ? 2033 HOH B O   1 
HETATM 817 O O   . HOH J 3 .  ? 6.599   -8.910  6.173   1.00 34.05 ? 2034 HOH B O   1 
HETATM 818 O O   . HOH J 3 .  ? 2.165   -11.415 2.867   1.00 23.73 ? 2035 HOH B O   1 
HETATM 819 O O   . HOH J 3 .  ? -1.690  -14.530 4.031   1.00 23.14 ? 2036 HOH B O   1 
HETATM 820 O O   . HOH J 3 .  ? -7.396  -19.299 19.026  1.00 23.33 ? 2037 HOH B O   1 
HETATM 821 O O   . HOH J 3 .  ? -5.265  -18.477 14.987  1.00 32.03 ? 2038 HOH B O   1 
HETATM 822 O O   . HOH J 3 .  ? -7.601  -18.207 16.557  1.00 18.17 ? 2039 HOH B O   1 
HETATM 823 O O   . HOH J 3 .  ? 5.086   -17.114 20.497  1.00 34.35 ? 2040 HOH B O   1 
HETATM 824 O O   . HOH J 3 .  ? 2.043   -17.304 18.268  1.00 36.28 ? 2041 HOH B O   1 
HETATM 825 O O   . HOH J 3 .  ? 3.929   -10.324 19.878  1.00 24.90 ? 2042 HOH B O   1 
HETATM 826 O O   . HOH J 3 .  ? 8.053   -14.362 9.767   1.00 40.13 ? 2043 HOH B O   1 
HETATM 827 O O   . HOH J 3 .  ? -2.297  -8.593  14.463  1.00 30.14 ? 2044 HOH B O   1 
HETATM 828 O O   . HOH J 3 .  ? -0.896  -1.800  14.635  1.00 32.78 ? 2045 HOH B O   1 
HETATM 829 O O   . HOH J 3 .  ? -7.848  -3.733  -6.410  1.00 28.07 ? 2046 HOH B O   1 
HETATM 830 O O   . HOH J 3 .  ? -13.557 -5.780  6.334   1.00 33.85 ? 2047 HOH B O   1 
HETATM 831 O O   . HOH J 3 .  ? -11.371 -4.383  9.281   1.00 33.41 ? 2048 HOH B O   1 
HETATM 832 O O   . HOH J 3 .  ? -12.724 -8.505  5.427   1.00 30.40 ? 2049 HOH B O   1 
HETATM 833 O O   . HOH J 3 .  ? -8.483  -7.765  10.239  1.00 20.46 ? 2050 HOH B O   1 
HETATM 834 O O   . HOH J 3 .  ? -7.453  -3.961  8.337   1.00 19.70 ? 2051 HOH B O   1 
HETATM 835 O O   . HOH J 3 .  ? -11.217 -3.666  5.551   1.00 21.74 ? 2052 HOH B O   1 
# 
loop_
_atom_site_anisotrop.id 
_atom_site_anisotrop.type_symbol 
_atom_site_anisotrop.pdbx_label_atom_id 
_atom_site_anisotrop.pdbx_label_alt_id 
_atom_site_anisotrop.pdbx_label_comp_id 
_atom_site_anisotrop.pdbx_label_asym_id 
_atom_site_anisotrop.pdbx_label_seq_id 
_atom_site_anisotrop.pdbx_PDB_ins_code 
_atom_site_anisotrop.U[1][1] 
_atom_site_anisotrop.U[2][2] 
_atom_site_anisotrop.U[3][3] 
_atom_site_anisotrop.U[1][2] 
_atom_site_anisotrop.U[1][3] 
_atom_site_anisotrop.U[2][3] 
_atom_site_anisotrop.pdbx_auth_seq_id 
_atom_site_anisotrop.pdbx_auth_comp_id 
_atom_site_anisotrop.pdbx_auth_asym_id 
_atom_site_anisotrop.pdbx_auth_atom_id 
1   N N   . LYS A 1  ? 0.1575 0.1455 0.1194 -0.0139 -0.0116 0.0120  1    LYS A N   
2   C CA  . LYS A 1  ? 0.1312 0.1329 0.1076 0.0000  0.0028  0.0144  1    LYS A CA  
3   C C   . LYS A 1  ? 0.1313 0.1140 0.1117 0.0024  -0.0080 0.0189  1    LYS A C   
4   O O   . LYS A 1  ? 0.1320 0.1510 0.1196 0.0157  0.0143  0.0374  1    LYS A O   
5   C CB  . LYS A 1  ? 0.1580 0.1459 0.1177 -0.0212 0.0026  0.0084  1    LYS A CB  
6   C CG  . LYS A 1  ? 0.1421 0.2111 0.1636 -0.0435 -0.0045 0.0013  1    LYS A CG  
7   C CD  . LYS A 1  ? 0.1742 0.2314 0.1598 0.0190  -0.0067 0.0305  1    LYS A CD  
8   C CE  . LYS A 1  ? 0.1599 0.2803 0.1722 0.0078  -0.0061 0.0327  1    LYS A CE  
9   N NZ  . LYS A 1  ? 0.1688 0.3586 0.1941 0.0430  -0.0020 0.0820  1    LYS A NZ  
10  N N   . SER A 2  ? 0.1346 0.1180 0.1049 0.0071  -0.0004 0.0084  2    SER A N   
11  C CA  . SER A 2  ? 0.1425 0.1119 0.1011 -0.0028 -0.0075 0.0187  2    SER A CA  
12  C C   . SER A 2  ? 0.1334 0.1099 0.1066 0.0030  -0.0093 0.0141  2    SER A C   
13  O O   . SER A 2  ? 0.1292 0.1310 0.1118 0.0075  -0.0103 0.0138  2    SER A O   
14  C CB  . SER A 2  ? 0.1579 0.1111 0.1177 0.0030  -0.0248 0.0127  2    SER A CB  
15  O OG  . SER A 2  ? 0.1651 0.1289 0.1652 0.0059  -0.0321 0.0159  2    SER A OG  
16  N N   . CYS A 3  ? 0.1220 0.1245 0.1008 0.0081  -0.0148 0.0114  3    CYS A N   
17  C CA  . CYS A 3  ? 0.1326 0.1196 0.1052 0.0069  -0.0097 0.0094  3    CYS A CA  
18  C C   . CYS A 3  ? 0.1329 0.1210 0.1018 0.0182  -0.0094 0.0078  3    CYS A C   
19  O O   . CYS A 3  ? 0.1324 0.1876 0.1032 0.0230  -0.0078 0.0281  3    CYS A O   
20  C CB  A CYS A 3  ? 0.1626 0.1202 0.1208 0.0054  -0.0179 0.0173  3    CYS A CB  
21  C CB  B CYS A 3  ? 0.1950 0.1234 0.0771 0.0303  0.0319  -0.0012 3    CYS A CB  
22  S SG  . CYS A 3  ? 0.1741 0.1168 0.1113 0.0128  -0.0234 0.0141  3    CYS A SG  
23  N N   . CYS A 4  ? 0.1284 0.1181 0.1106 0.0018  -0.0100 0.0199  4    CYS A N   
24  C CA  . CYS A 4  ? 0.1355 0.1249 0.1137 0.0037  -0.0150 0.0222  4    CYS A CA  
25  C C   . CYS A 4  ? 0.1404 0.1351 0.1096 0.0101  -0.0126 0.0156  4    CYS A C   
26  O O   . CYS A 4  ? 0.1438 0.1207 0.1160 0.0089  -0.0084 0.0096  4    CYS A O   
27  C CB  . CYS A 4  ? 0.1401 0.1347 0.1311 0.0058  -0.0141 0.0237  4    CYS A CB  
28  S SG  . CYS A 4  ? 0.1514 0.1422 0.1382 0.0183  -0.0092 0.0149  4    CYS A SG  
29  N N   . PRO A 5  ? 0.1362 0.1558 0.1172 0.0140  -0.0144 0.0119  5    PRO A N   
30  C CA  . PRO A 5  ? 0.1617 0.1662 0.1110 0.0360  -0.0178 0.0044  5    PRO A CA  
31  C C   . PRO A 5  ? 0.1648 0.1294 0.1292 0.0212  -0.0247 -0.0008 5    PRO A C   
32  O O   . PRO A 5  ? 0.2100 0.1400 0.1374 0.0334  -0.0395 -0.0199 5    PRO A O   
33  C CB  . PRO A 5  ? 0.1583 0.2329 0.1290 0.0471  -0.0158 0.0099  5    PRO A CB  
34  C CG  . PRO A 5  ? 0.1699 0.2559 0.1457 -0.0094 0.0125  0.0078  5    PRO A CG  
35  C CD  . PRO A 5  ? 0.1618 0.1974 0.1211 -0.0176 -0.0070 0.0300  5    PRO A CD  
36  N N   . ASN A 6  ? 0.1550 0.1243 0.1139 0.0082  -0.0238 0.0104  6    ASN A N   
37  C CA  . ASN A 6  ? 0.1580 0.1123 0.1287 0.0070  -0.0290 0.0033  6    ASN A CA  
38  C C   . ASN A 6  ? 0.1494 0.1124 0.1117 0.0065  -0.0257 0.0031  6    ASN A C   
39  O O   . ASN A 6  ? 0.1489 0.1238 0.1025 0.0045  -0.0231 -0.0003 6    ASN A O   
40  C CB  . ASN A 6  ? 0.1800 0.1449 0.1097 0.0172  -0.0317 -0.0054 6    ASN A CB  
41  C CG  . ASN A 6  ? 0.1758 0.1501 0.1077 0.0216  -0.0077 -0.0004 6    ASN A CG  
42  O OD1 . ASN A 6  ? 0.1871 0.1633 0.1406 -0.0149 0.0172  -0.0239 6    ASN A OD1 
43  N ND2 . ASN A 6  ? 0.1985 0.1855 0.1436 0.0300  0.0187  -0.0094 6    ASN A ND2 
44  N N   . THR A 7  ? 0.1417 0.1264 0.1184 0.0002  -0.0223 -0.0093 7    THR A N   
45  C CA  . THR A 7  ? 0.1315 0.1278 0.1258 0.0066  -0.0125 -0.0034 7    THR A CA  
46  C C   . THR A 7  ? 0.1298 0.1220 0.1097 0.0131  -0.0258 0.0023  7    THR A C   
47  O O   . THR A 7  ? 0.1506 0.1331 0.1134 0.0051  -0.0205 -0.0057 7    THR A O   
48  C CB  A THR A 7  ? 0.1470 0.1551 0.2084 0.0160  -0.0516 -0.0363 7    THR A CB  
49  C CB  B THR A 7  ? 0.1055 0.1998 0.2278 -0.0123 -0.0126 0.0329  7    THR A CB  
50  O OG1 A THR A 7  ? 0.1551 0.1561 0.3446 0.0104  -0.0701 -0.0528 7    THR A OG1 
51  O OG1 B THR A 7  ? 0.1692 0.2588 0.1796 0.0126  -0.0721 0.0016  7    THR A OG1 
52  C CG2 A THR A 7  ? 0.1467 0.1568 0.2132 0.0236  -0.0664 -0.0322 7    THR A CG2 
53  C CG2 B THR A 7  ? 0.1368 0.2406 0.2029 -0.0488 0.0717  -0.1253 7    THR A CG2 
54  N N   . THR A 8  ? 0.1285 0.1358 0.1095 0.0078  -0.0281 -0.0031 8    THR A N   
55  C CA  . THR A 8  ? 0.1484 0.1276 0.1068 0.0113  -0.0214 0.0118  8    THR A CA  
56  C C   . THR A 8  ? 0.1480 0.1253 0.0916 0.0071  -0.0154 -0.0010 8    THR A C   
57  O O   . THR A 8  ? 0.1454 0.1154 0.1060 0.0140  -0.0148 0.0031  8    THR A O   
58  C CB  . THR A 8  ? 0.1844 0.1809 0.1030 -0.0210 -0.0106 -0.0016 8    THR A CB  
59  O OG1 . THR A 8  ? 0.2942 0.2768 0.1242 -0.0596 -0.0539 0.0376  8    THR A OG1 
60  C CG2 . THR A 8  ? 0.2410 0.1579 0.1315 -0.0035 0.0152  0.0183  8    THR A CG2 
61  N N   . GLY A 9  ? 0.1294 0.1119 0.1030 0.0079  -0.0151 -0.0095 9    GLY A N   
62  C CA  . GLY A 9  ? 0.1159 0.1154 0.1091 0.0064  -0.0085 -0.0047 9    GLY A CA  
63  C C   . GLY A 9  ? 0.1037 0.1030 0.1131 0.0151  -0.0199 0.0079  9    GLY A C   
64  O O   . GLY A 9  ? 0.1043 0.1249 0.1019 0.0092  -0.0087 -0.0084 9    GLY A O   
65  N N   . ARG A 10 ? 0.1098 0.1103 0.1027 0.0119  -0.0117 -0.0036 10   ARG A N   
66  C CA  . ARG A 10 ? 0.1026 0.1188 0.0991 0.0098  -0.0148 0.0044  10   ARG A CA  
67  C C   . ARG A 10 ? 0.0947 0.1226 0.1032 0.0034  -0.0049 -0.0013 10   ARG A C   
68  O O   . ARG A 10 ? 0.1117 0.1285 0.0991 0.0037  0.0015  0.0008  10   ARG A O   
69  C CB  . ARG A 10 ? 0.1199 0.1362 0.1122 -0.0068 -0.0124 0.0046  10   ARG A CB  
70  C CG  . ARG A 10 ? 0.1144 0.1474 0.1245 -0.0074 -0.0039 0.0220  10   ARG A CG  
71  C CD  . ARG A 10 ? 0.1275 0.1467 0.1158 0.0088  -0.0035 0.0251  10   ARG A CD  
72  N NE  . ARG A 10 ? 0.1241 0.1346 0.1260 -0.0035 -0.0082 0.0150  10   ARG A NE  
73  C CZ  . ARG A 10 ? 0.1298 0.1432 0.1198 0.0080  -0.0108 0.0184  10   ARG A CZ  
74  N NH1 . ARG A 10 ? 0.1580 0.1432 0.1629 0.0002  -0.0338 0.0264  10   ARG A NH1 
75  N NH2 . ARG A 10 ? 0.1839 0.1554 0.1372 0.0165  -0.0368 -0.0031 10   ARG A NH2 
76  N N   . ASP A 11 ? 0.1128 0.1130 0.1067 0.0112  -0.0065 -0.0061 11   ASP A N   
77  C CA  . ASP A 11 ? 0.1139 0.1236 0.1232 0.0088  -0.0107 -0.0008 11   ASP A CA  
78  C C   . ASP A 11 ? 0.1111 0.1098 0.0866 0.0097  -0.0124 0.0020  11   ASP A C   
79  O O   . ASP A 11 ? 0.1120 0.1132 0.0934 0.0161  -0.0009 0.0005  11   ASP A O   
80  C CB  . ASP A 11 ? 0.1521 0.1350 0.1576 0.0328  -0.0601 0.0024  11   ASP A CB  
81  C CG  . ASP A 11 ? 0.1770 0.1318 0.2416 0.0248  -0.0837 -0.0423 11   ASP A CG  
82  O OD1 . ASP A 11 ? 0.1285 0.2543 0.3490 0.0053  -0.0269 -0.0370 11   ASP A OD1 
83  O OD2 . ASP A 11 ? 0.2820 0.1814 0.2931 0.0467  -0.1797 -0.0115 11   ASP A OD2 
84  N N   . ILE A 12 ? 0.1151 0.1063 0.0818 0.0078  -0.0009 0.0040  12   ILE A N   
85  C CA  . ILE A 12 ? 0.1161 0.1004 0.0840 0.0097  0.0019  0.0105  12   ILE A CA  
86  C C   . ILE A 12 ? 0.1042 0.1048 0.0880 0.0090  0.0012  0.0014  12   ILE A C   
87  O O   . ILE A 12 ? 0.1169 0.1068 0.0879 0.0029  0.0016  0.0076  12   ILE A O   
88  C CB  . ILE A 12 ? 0.1103 0.1207 0.0886 0.0107  0.0009  0.0123  12   ILE A CB  
89  C CG1 . ILE A 12 ? 0.1248 0.1355 0.0914 0.0085  0.0095  0.0097  12   ILE A CG1 
90  C CG2 . ILE A 12 ? 0.1251 0.1386 0.1135 -0.0156 0.0007  0.0077  12   ILE A CG2 
91  C CD1 . ILE A 12 ? 0.1642 0.1253 0.0964 0.0279  0.0231  0.0039  12   ILE A CD1 
92  N N   . TYR A 13 ? 0.1079 0.1050 0.0799 0.0030  -0.0053 0.0018  13   TYR A N   
93  C CA  . TYR A 13 ? 0.1204 0.1068 0.0840 0.0061  0.0057  0.0115  13   TYR A CA  
94  C C   . TYR A 13 ? 0.1153 0.0995 0.0884 0.0189  -0.0020 0.0146  13   TYR A C   
95  O O   . TYR A 13 ? 0.1203 0.1079 0.0867 0.0111  -0.0091 0.0056  13   TYR A O   
96  C CB  . TYR A 13 ? 0.1127 0.0995 0.0888 0.0109  0.0063  0.0044  13   TYR A CB  
97  C CG  . TYR A 13 ? 0.1123 0.0927 0.0987 0.0054  0.0051  0.0095  13   TYR A CG  
98  C CD1 . TYR A 13 ? 0.1148 0.1251 0.0945 -0.0012 -0.0020 0.0235  13   TYR A CD1 
99  C CD2 . TYR A 13 ? 0.1154 0.0889 0.1068 0.0090  0.0102  0.0110  13   TYR A CD2 
100 C CE1 . TYR A 13 ? 0.1328 0.1201 0.1042 -0.0065 -0.0022 0.0168  13   TYR A CE1 
101 C CE2 . TYR A 13 ? 0.1408 0.1121 0.1014 0.0048  0.0234  0.0090  13   TYR A CE2 
102 C CZ  . TYR A 13 ? 0.1508 0.1097 0.0926 -0.0051 0.0022  0.0146  13   TYR A CZ  
103 O OH  . TYR A 13 ? 0.2014 0.1415 0.0943 -0.0005 -0.0034 0.0167  13   TYR A OH  
104 N N   . ASN A 14 ? 0.1141 0.1114 0.0804 0.0102  0.0034  0.0038  14   ASN A N   
105 C CA  . ASN A 14 ? 0.1154 0.1128 0.1033 0.0111  0.0071  0.0046  14   ASN A CA  
106 C C   . ASN A 14 ? 0.1208 0.1201 0.0816 0.0169  -0.0018 0.0037  14   ASN A C   
107 O O   . ASN A 14 ? 0.1202 0.1294 0.0932 0.0196  0.0035  0.0013  14   ASN A O   
108 C CB  . ASN A 14 ? 0.1136 0.1364 0.1207 0.0063  -0.0019 0.0137  14   ASN A CB  
109 C CG  . ASN A 14 ? 0.1399 0.1950 0.1333 0.0196  0.0216  0.0196  14   ASN A CG  
110 O OD1 . ASN A 14 ? 0.1605 0.2021 0.1895 0.0403  -0.0156 0.0098  14   ASN A OD1 
111 N ND2 . ASN A 14 ? 0.1643 0.2178 0.1561 0.0628  0.0416  0.0524  14   ASN A ND2 
112 N N   . THR A 15 ? 0.1197 0.1065 0.0903 0.0132  -0.0036 0.0006  15   THR A N   
113 C CA  . THR A 15 ? 0.1272 0.1087 0.0935 0.0193  -0.0066 0.0047  15   THR A CA  
114 C C   . THR A 15 ? 0.1130 0.1054 0.0914 0.0175  -0.0030 0.0052  15   THR A C   
115 O O   . THR A 15 ? 0.1343 0.1094 0.1059 0.0173  -0.0081 0.0041  15   THR A O   
116 C CB  . THR A 15 ? 0.1276 0.1122 0.0965 0.0175  -0.0075 0.0129  15   THR A CB  
117 O OG1 . THR A 15 ? 0.1253 0.1267 0.0977 0.0210  -0.0154 0.0096  15   THR A OG1 
118 C CG2 . THR A 15 ? 0.1296 0.1137 0.1152 0.0154  -0.0038 0.0126  15   THR A CG2 
119 N N   . CYS A 16 ? 0.1112 0.1111 0.0903 0.0110  -0.0032 0.0059  16   CYS A N   
120 C CA  . CYS A 16 ? 0.1102 0.1089 0.0982 0.0042  -0.0137 0.0051  16   CYS A CA  
121 C C   . CYS A 16 ? 0.1062 0.1267 0.0924 0.0068  -0.0074 0.0004  16   CYS A C   
122 O O   . CYS A 16 ? 0.1310 0.1100 0.1017 0.0017  -0.0041 0.0014  16   CYS A O   
123 C CB  A CYS A 16 ? 0.1110 0.1317 0.0865 0.0095  -0.0077 0.0108  16   CYS A CB  
124 C CB  B CYS A 16 ? 0.0889 0.1649 0.1907 0.0095  0.0061  -0.0389 16   CYS A CB  
125 S SG  . CYS A 16 ? 0.1084 0.1426 0.1086 0.0070  -0.0098 -0.0075 16   CYS A SG  
126 N N   . ARG A 17 ? 0.1231 0.1063 0.0924 0.0119  -0.0087 0.0005  17   ARG A N   
127 C CA  . ARG A 17 ? 0.1126 0.1171 0.0989 0.0159  -0.0075 0.0033  17   ARG A CA  
128 C C   . ARG A 17 ? 0.1234 0.1156 0.0962 0.0136  0.0064  -0.0032 17   ARG A C   
129 O O   . ARG A 17 ? 0.1551 0.1288 0.0977 0.0254  0.0009  -0.0031 17   ARG A O   
130 C CB  . ARG A 17 ? 0.1308 0.1193 0.1026 0.0134  -0.0021 0.0026  17   ARG A CB  
131 C CG  . ARG A 17 ? 0.1670 0.1134 0.1139 0.0192  -0.0026 0.0119  17   ARG A CG  
132 C CD  . ARG A 17 ? 0.1454 0.1336 0.1113 0.0234  0.0008  0.0233  17   ARG A CD  
133 N NE  . ARG A 17 ? 0.1539 0.1653 0.1266 0.0076  -0.0101 0.0478  17   ARG A NE  
134 C CZ  . ARG A 17 ? 0.1961 0.1784 0.1179 -0.0078 0.0154  0.0276  17   ARG A CZ  
135 N NH1 . ARG A 17 ? 0.2141 0.1810 0.1250 -0.0283 0.0011  0.0094  17   ARG A NH1 
136 N NH2 . ARG A 17 ? 0.2364 0.2548 0.1516 -0.0381 0.0349  0.0536  17   ARG A NH2 
137 N N   . LEU A 18 ? 0.1258 0.1194 0.1089 0.0231  0.0058  -0.0087 18   LEU A N   
138 C CA  . LEU A 18 ? 0.1307 0.1237 0.0964 0.0209  0.0034  -0.0101 18   LEU A CA  
139 C C   . LEU A 18 ? 0.1302 0.1309 0.1043 0.0231  0.0025  -0.0087 18   LEU A C   
140 O O   . LEU A 18 ? 0.1396 0.1333 0.1254 0.0241  0.0073  -0.0184 18   LEU A O   
141 C CB  . LEU A 18 ? 0.1179 0.1377 0.1343 0.0351  -0.0146 -0.0124 18   LEU A CB  
142 C CG  . LEU A 18 ? 0.1263 0.1455 0.1460 0.0348  -0.0144 -0.0022 18   LEU A CG  
143 C CD1 . LEU A 18 ? 0.1618 0.1864 0.1434 0.0202  -0.0313 -0.0229 18   LEU A CD1 
144 C CD2 . LEU A 18 ? 0.1507 0.1730 0.1491 0.0062  -0.0018 -0.0210 18   LEU A CD2 
145 N N   . GLY A 19 ? 0.1368 0.1103 0.1170 0.0118  0.0100  0.0005  19   GLY A N   
146 C CA  . GLY A 19 ? 0.1655 0.1224 0.1306 -0.0009 0.0037  -0.0040 19   GLY A CA  
147 C C   . GLY A 19 ? 0.1854 0.1413 0.1369 -0.0052 -0.0118 -0.0219 19   GLY A C   
148 O O   . GLY A 19 ? 0.2489 0.1573 0.1687 -0.0376 -0.0156 -0.0348 19   GLY A O   
149 N N   . GLY A 20 ? 0.1697 0.1411 0.1244 0.0113  -0.0119 -0.0233 20   GLY A N   
150 C CA  . GLY A 20 ? 0.1818 0.1883 0.1394 0.0257  -0.0343 -0.0413 20   GLY A CA  
151 C C   . GLY A 20 ? 0.1745 0.1533 0.1231 0.0090  -0.0214 -0.0242 20   GLY A C   
152 O O   . GLY A 20 ? 0.1975 0.1758 0.1302 0.0039  -0.0436 -0.0208 20   GLY A O   
153 N N   . GLY A 21 ? 0.1571 0.1303 0.1191 0.0003  -0.0164 -0.0109 21   GLY A N   
154 C CA  . GLY A 21 ? 0.1453 0.1404 0.1177 -0.0022 -0.0155 -0.0032 21   GLY A CA  
155 C C   . GLY A 21 ? 0.1363 0.1431 0.0937 -0.0036 -0.0141 0.0020  21   GLY A C   
156 O O   . GLY A 21 ? 0.1433 0.1463 0.1372 0.0004  -0.0135 0.0143  21   GLY A O   
157 N N   . SER A 22 ? 0.1438 0.1402 0.1132 0.0029  0.0009  0.0004  22   SER A N   
158 C CA  . SER A 22 ? 0.1710 0.1446 0.0974 0.0002  -0.0069 0.0100  22   SER A CA  
159 C C   . SER A 22 ? 0.1382 0.1369 0.1034 0.0132  -0.0094 0.0146  22   SER A C   
160 O O   . SER A 22 ? 0.1660 0.1275 0.0922 0.0103  -0.0017 0.0154  22   SER A O   
161 C CB  . SER A 22 ? 0.1880 0.2053 0.1251 -0.0060 -0.0363 0.0224  22   SER A CB  
162 O OG  . SER A 22 ? 0.1745 0.2506 0.1528 0.0025  -0.0085 0.0516  22   SER A OG  
163 N N   . ARG A 23 ? 0.1560 0.1344 0.0935 0.0216  -0.0025 0.0219  23   ARG A N   
164 C CA  . ARG A 23 ? 0.1542 0.1264 0.1041 0.0129  0.0024  0.0203  23   ARG A CA  
165 C C   . ARG A 23 ? 0.1346 0.1358 0.1011 -0.0009 -0.0067 0.0171  23   ARG A C   
166 O O   . ARG A 23 ? 0.1480 0.1312 0.0917 0.0097  -0.0021 0.0096  23   ARG A O   
167 C CB  . ARG A 23 ? 0.2015 0.1393 0.1023 0.0031  0.0165  0.0230  23   ARG A CB  
168 C CG  . ARG A 23 ? 0.1743 0.1322 0.1184 0.0041  0.0102  0.0206  23   ARG A CG  
169 C CD  . ARG A 23 ? 0.2386 0.1635 0.1726 -0.0290 0.0587  0.0237  23   ARG A CD  
170 N NE  . ARG A 23 ? 0.2344 0.1735 0.2090 -0.0365 0.0491  0.0134  23   ARG A NE  
171 C CZ  . ARG A 23 ? 0.2197 0.1967 0.1459 -0.0093 0.0273  0.0438  23   ARG A CZ  
172 N NH1 . ARG A 23 ? 0.2948 0.2199 0.1409 -0.0136 -0.0051 0.0368  23   ARG A NH1 
173 N NH2 . ARG A 23 ? 0.2253 0.2550 0.2246 -0.0047 0.0426  0.0869  23   ARG A NH2 
174 N N   . GLU A 24 ? 0.1467 0.1538 0.1065 0.0242  -0.0159 0.0099  24   GLU A N   
175 C CA  . GLU A 24 ? 0.1370 0.1695 0.1245 0.0192  -0.0165 0.0223  24   GLU A CA  
176 C C   . GLU A 24 ? 0.1368 0.1533 0.1132 0.0196  -0.0235 0.0071  24   GLU A C   
177 O O   . GLU A 24 ? 0.1611 0.1532 0.1183 0.0283  -0.0194 0.0050  24   GLU A O   
178 C CB  . GLU A 24 ? 0.1443 0.2838 0.1582 0.0416  -0.0167 0.0723  24   GLU A CB  
179 C CG  . GLU A 24 ? 0.2636 0.2990 0.2680 0.0173  -0.0769 0.1362  24   GLU A CG  
180 C CD  . GLU A 24 ? 0.3923 0.2707 0.3974 0.1455  0.0120  0.1344  24   GLU A CD  
181 O OE1 . GLU A 24 ? 0.4339 0.6360 0.3936 0.2655  -0.0228 -0.0183 24   GLU A OE1 
182 O OE2 . GLU A 24 ? 0.3984 0.3297 0.6790 -0.0965 -0.2557 0.2455  24   GLU A OE2 
183 N N   . ARG A 25 ? 0.1489 0.1503 0.1010 0.0108  -0.0241 0.0049  25   ARG A N   
184 C CA  . ARG A 25 ? 0.1225 0.1487 0.1053 0.0102  0.0057  -0.0044 25   ARG A CA  
185 C C   . ARG A 25 ? 0.1219 0.1153 0.1017 0.0057  0.0058  0.0001  25   ARG A C   
186 O O   . ARG A 25 ? 0.1217 0.1334 0.1032 -0.0029 0.0107  0.0119  25   ARG A O   
187 C CB  . ARG A 25 ? 0.1330 0.1516 0.1367 -0.0049 0.0107  -0.0208 25   ARG A CB  
188 C CG  . ARG A 25 ? 0.1923 0.1371 0.1445 0.0008  0.0042  -0.0103 25   ARG A CG  
189 C CD  . ARG A 25 ? 0.2033 0.1655 0.1332 -0.0348 0.0107  -0.0084 25   ARG A CD  
190 N NE  . ARG A 25 ? 0.1682 0.2094 0.1209 -0.0090 0.0059  -0.0060 25   ARG A NE  
191 C CZ  . ARG A 25 ? 0.1468 0.1992 0.1167 -0.0045 -0.0092 -0.0041 25   ARG A CZ  
192 N NH1 . ARG A 25 ? 0.1534 0.2088 0.1234 0.0088  -0.0156 -0.0069 25   ARG A NH1 
193 N NH2 . ARG A 25 ? 0.2183 0.1849 0.1268 -0.0158 0.0178  0.0027  25   ARG A NH2 
194 N N   . CYS A 26 ? 0.1228 0.1241 0.0884 0.0170  -0.0021 0.0092  26   CYS A N   
195 C CA  . CYS A 26 ? 0.1224 0.1299 0.0899 0.0128  -0.0059 0.0120  26   CYS A CA  
196 C C   . CYS A 26 ? 0.0983 0.1187 0.0995 0.0089  0.0066  0.0143  26   CYS A C   
197 O O   . CYS A 26 ? 0.1142 0.1301 0.0892 0.0131  -0.0027 0.0081  26   CYS A O   
198 C CB  A CYS A 26 ? 0.1327 0.1320 0.0930 0.0242  -0.0076 -0.0028 26   CYS A CB  
199 C CB  B CYS A 26 ? 0.1245 0.1794 0.1084 0.0217  0.0014  -0.0214 26   CYS A CB  
200 S SG  . CYS A 26 ? 0.1230 0.1361 0.0987 0.0186  -0.0084 -0.0033 26   CYS A SG  
201 N N   . ALA A 27 ? 0.1090 0.1242 0.0887 0.0092  0.0006  0.0164  27   ALA A N   
202 C CA  . ALA A 27 ? 0.1179 0.1218 0.0942 0.0083  0.0046  0.0053  27   ALA A CA  
203 C C   . ALA A 27 ? 0.1076 0.1190 0.0976 0.0051  -0.0020 0.0138  27   ALA A C   
204 O O   . ALA A 27 ? 0.1096 0.1358 0.1013 -0.0031 0.0036  0.0070  27   ALA A O   
205 C CB  . ALA A 27 ? 0.1563 0.1170 0.1107 0.0079  0.0076  0.0148  27   ALA A CB  
206 N N   . SER A 28 ? 0.1053 0.1298 0.0975 0.0068  0.0041  0.0081  28   SER A N   
207 C CA  . SER A 28 ? 0.0999 0.1419 0.1111 0.0085  0.0001  -0.0006 28   SER A CA  
208 C C   . SER A 28 ? 0.0939 0.1627 0.0981 0.0036  0.0110  0.0046  28   SER A C   
209 O O   . SER A 28 ? 0.1302 0.1609 0.1091 0.0099  0.0087  0.0152  28   SER A O   
210 C CB  . SER A 28 ? 0.1118 0.1702 0.1159 -0.0166 -0.0080 0.0062  28   SER A CB  
211 O OG  . SER A 28 ? 0.1264 0.2145 0.1276 0.0040  -0.0156 0.0221  28   SER A OG  
212 N N   . LEU A 29 ? 0.1070 0.1363 0.0991 -0.0037 0.0041  0.0148  29   LEU A N   
213 C CA  . LEU A 29 ? 0.1116 0.1463 0.1080 -0.0028 0.0053  0.0204  29   LEU A CA  
214 C C   . LEU A 29 ? 0.1055 0.1493 0.0982 -0.0057 0.0083  0.0195  29   LEU A C   
215 O O   . LEU A 29 ? 0.1444 0.1802 0.1162 -0.0222 -0.0105 0.0465  29   LEU A O   
216 C CB  . LEU A 29 ? 0.1250 0.1448 0.1057 0.0058  0.0084  0.0192  29   LEU A CB  
217 C CG  . LEU A 29 ? 0.1184 0.1397 0.1117 0.0046  0.0116  0.0272  29   LEU A CG  
218 C CD1 . LEU A 29 ? 0.1890 0.1456 0.2049 0.0055  0.0279  -0.0088 29   LEU A CD1 
219 C CD2 . LEU A 29 ? 0.1351 0.1978 0.1320 -0.0199 0.0123  0.0141  29   LEU A CD2 
220 N N   . SER A 30 ? 0.1048 0.1458 0.1008 -0.0032 -0.0081 0.0207  30   SER A N   
221 C CA  . SER A 30 ? 0.1090 0.1479 0.0941 -0.0042 -0.0108 0.0160  30   SER A CA  
222 C C   . SER A 30 ? 0.1129 0.1657 0.0884 -0.0124 0.0140  0.0048  30   SER A C   
223 O O   . SER A 30 ? 0.1333 0.1730 0.1090 -0.0069 -0.0037 -0.0073 30   SER A O   
224 C CB  . SER A 30 ? 0.1078 0.1447 0.0969 0.0031  -0.0095 0.0147  30   SER A CB  
225 O OG  . SER A 30 ? 0.1140 0.1378 0.0958 0.0020  0.0114  0.0135  30   SER A OG  
226 N N   . GLY A 31 ? 0.1224 0.1505 0.1027 -0.0054 0.0053  -0.0062 31   GLY A N   
227 C CA  . GLY A 31 ? 0.1479 0.1672 0.1055 0.0072  0.0040  -0.0155 31   GLY A CA  
228 C C   . GLY A 31 ? 0.1204 0.1463 0.1205 0.0062  0.0057  -0.0178 31   GLY A C   
229 O O   . GLY A 31 ? 0.1454 0.1539 0.1543 0.0097  0.0137  -0.0237 31   GLY A O   
230 N N   . CYS A 32 ? 0.1423 0.1310 0.1129 0.0043  0.0011  0.0038  32   CYS A N   
231 C CA  . CYS A 32 ? 0.1350 0.1205 0.1132 0.0097  0.0013  0.0101  32   CYS A CA  
232 C C   . CYS A 32 ? 0.1255 0.1513 0.1166 0.0060  -0.0032 0.0038  32   CYS A C   
233 O O   . CYS A 32 ? 0.1353 0.1634 0.1515 -0.0054 -0.0115 0.0052  32   CYS A O   
234 C CB  . CYS A 32 ? 0.1353 0.1421 0.1170 0.0103  0.0021  0.0079  32   CYS A CB  
235 S SG  . CYS A 32 ? 0.1483 0.1311 0.1447 0.0120  -0.0167 0.0103  32   CYS A SG  
236 N N   . LYS A 33 ? 0.1242 0.1979 0.1193 0.0121  -0.0051 0.0355  33   LYS A N   
237 C CA  A LYS A 33 ? 0.1459 0.2046 0.1225 0.0552  0.0007  0.0211  33   LYS A CA  
238 C CA  B LYS A 33 ? 0.1341 0.1953 0.1197 0.0089  -0.0009 0.0312  33   LYS A CA  
239 C C   . LYS A 33 ? 0.1227 0.1516 0.1186 0.0116  0.0005  0.0378  33   LYS A C   
240 O O   . LYS A 33 ? 0.1270 0.2064 0.1152 0.0072  -0.0065 0.0152  33   LYS A O   
241 C CB  A LYS A 33 ? 0.2301 0.2195 0.1464 0.0822  0.0041  0.0079  33   LYS A CB  
242 C CB  B LYS A 33 ? 0.2024 0.2037 0.1751 0.0628  0.0245  0.0104  33   LYS A CB  
243 C CG  A LYS A 33 ? 0.1864 0.2692 0.1847 0.0622  0.0302  -0.0357 33   LYS A CG  
244 C CG  B LYS A 33 ? 0.2531 0.2269 0.2384 0.0585  -0.0261 0.0576  33   LYS A CG  
245 C CD  A LYS A 33 ? 0.2352 0.2538 0.1867 0.0270  0.0099  0.0007  33   LYS A CD  
246 C CD  B LYS A 33 ? 0.3647 0.2174 0.2859 0.0947  -0.1087 -0.0046 33   LYS A CD  
247 C CE  A LYS A 33 ? 0.3786 0.2745 0.1987 -0.0249 0.0769  -0.0244 33   LYS A CE  
248 C CE  B LYS A 33 ? 0.3541 0.3445 0.4608 0.1929  -0.1482 -0.0442 33   LYS A CE  
249 N NZ  A LYS A 33 ? 0.3745 0.2421 0.3071 0.0065  0.1566  -0.0559 33   LYS A NZ  
250 N NZ  B LYS A 33 ? 0.6104 0.3307 0.4594 0.2601  -0.0599 -0.2180 33   LYS A NZ  
251 N N   . ILE A 34 ? 0.1239 0.1833 0.1212 0.0132  0.0005  0.0403  34   ILE A N   
252 C CA  . ILE A 34 ? 0.1173 0.1608 0.1184 -0.0060 -0.0033 0.0456  34   ILE A CA  
253 C C   . ILE A 34 ? 0.1232 0.1696 0.1303 0.0040  -0.0157 0.0476  34   ILE A C   
254 O O   . ILE A 34 ? 0.1224 0.1991 0.1826 0.0168  -0.0139 0.0590  34   ILE A O   
255 C CB  . ILE A 34 ? 0.1443 0.1791 0.1244 -0.0361 -0.0067 0.0424  34   ILE A CB  
256 C CG1 . ILE A 34 ? 0.1810 0.1750 0.1308 -0.0338 -0.0009 0.0289  34   ILE A CG1 
257 C CG2 . ILE A 34 ? 0.2705 0.2480 0.1128 -0.0906 -0.0150 0.0381  34   ILE A CG2 
258 C CD1 . ILE A 34 ? 0.1984 0.1566 0.1444 -0.0255 -0.0218 0.0303  34   ILE A CD1 
259 N N   . ILE A 35 ? 0.1312 0.1335 0.1216 0.0151  0.0052  0.0332  35   ILE A N   
260 C CA  . ILE A 35 ? 0.1477 0.1364 0.1116 0.0192  -0.0063 0.0368  35   ILE A CA  
261 C C   . ILE A 35 ? 0.1335 0.1516 0.1126 0.0049  -0.0102 0.0277  35   ILE A C   
262 O O   . ILE A 35 ? 0.1624 0.1543 0.1083 0.0120  -0.0038 0.0314  35   ILE A O   
263 C CB  . ILE A 35 ? 0.1634 0.1312 0.1300 0.0197  -0.0199 0.0317  35   ILE A CB  
264 C CG1 . ILE A 35 ? 0.1614 0.1353 0.1344 0.0233  -0.0238 0.0214  35   ILE A CG1 
265 C CG2 . ILE A 35 ? 0.2022 0.1511 0.1324 0.0367  0.0017  0.0198  35   ILE A CG2 
266 C CD1 . ILE A 35 ? 0.1932 0.1571 0.1549 0.0173  -0.0474 0.0014  35   ILE A CD1 
267 N N   . SER A 36 ? 0.1410 0.1506 0.1310 0.0220  -0.0066 0.0416  36   SER A N   
268 C CA  . SER A 36 ? 0.1397 0.1838 0.1242 0.0090  -0.0072 0.0604  36   SER A CA  
269 C C   . SER A 36 ? 0.1509 0.1656 0.1319 -0.0076 -0.0145 0.0423  36   SER A C   
270 O O   . SER A 36 ? 0.1696 0.2348 0.1526 -0.0225 0.0172  -0.0013 36   SER A O   
271 C CB  A SER A 36 ? 0.1334 0.1804 0.1301 -0.0050 -0.0028 0.0571  36   SER A CB  
272 C CB  B SER A 36 ? 0.1829 0.2401 0.1468 0.0068  -0.0752 0.0275  36   SER A CB  
273 O OG  A SER A 36 ? 0.1557 0.1744 0.1582 -0.0065 -0.0277 0.0717  36   SER A OG  
274 O OG  B SER A 36 ? 0.1625 0.3710 0.2140 -0.0567 -0.0370 0.0823  36   SER A OG  
275 N N   . ALA A 37 ? 0.1379 0.1518 0.1299 0.0027  -0.0050 0.0495  37   ALA A N   
276 C CA  . ALA A 37 ? 0.1457 0.1442 0.1709 -0.0082 -0.0091 0.0492  37   ALA A CA  
277 C C   . ALA A 37 ? 0.1471 0.1292 0.1272 -0.0084 -0.0099 0.0239  37   ALA A C   
278 O O   . ALA A 37 ? 0.1628 0.1629 0.2023 -0.0264 -0.0177 0.0842  37   ALA A O   
279 C CB  . ALA A 37 ? 0.1671 0.1336 0.3463 0.0084  -0.0304 -0.0130 37   ALA A CB  
280 N N   . SER A 38 ? 0.1417 0.1409 0.1278 -0.0163 -0.0337 0.0505  38   SER A N   
281 C CA  . SER A 38 ? 0.1502 0.1407 0.1145 -0.0041 -0.0260 0.0220  38   SER A CA  
282 C C   . SER A 38 ? 0.1391 0.1412 0.1119 -0.0061 -0.0213 0.0298  38   SER A C   
283 O O   . SER A 38 ? 0.1843 0.1766 0.1340 0.0204  -0.0468 0.0206  38   SER A O   
284 C CB  . SER A 38 ? 0.1646 0.1674 0.1189 -0.0070 -0.0213 0.0102  38   SER A CB  
285 O OG  . SER A 38 ? 0.1208 0.1979 0.1454 -0.0037 -0.0165 0.0604  38   SER A OG  
286 N N   . THR A 39 ? 0.1702 0.1451 0.1137 -0.0117 -0.0335 0.0170  39   THR A N   
287 C CA  . THR A 39 ? 0.2069 0.1624 0.1276 0.0056  -0.0549 0.0050  39   THR A CA  
288 C C   . THR A 39 ? 0.2266 0.1390 0.1205 0.0333  -0.0470 -0.0018 39   THR A C   
289 O O   . THR A 39 ? 0.2465 0.2207 0.1485 0.0771  -0.0339 0.0143  39   THR A O   
290 C CB  . THR A 39 ? 0.2223 0.2022 0.2545 -0.0332 -0.1057 -0.0102 39   THR A CB  
291 O OG1 . THR A 39 ? 0.3568 0.1672 0.6097 0.0280  -0.1782 -0.0546 39   THR A OG1 
292 C CG2 . THR A 39 ? 0.3088 0.2650 0.2596 -0.0850 -0.0384 0.0643  39   THR A CG2 
293 N N   . CYS A 40 ? 0.1827 0.1298 0.1313 -0.0033 -0.0356 0.0050  40   CYS A N   
294 C CA  . CYS A 40 ? 0.1821 0.1271 0.1324 0.0139  -0.0302 -0.0037 40   CYS A CA  
295 C C   . CYS A 40 ? 0.1933 0.1265 0.1548 0.0184  -0.0470 -0.0048 40   CYS A C   
296 O O   . CYS A 40 ? 0.2318 0.1434 0.1721 -0.0239 -0.0415 -0.0048 40   CYS A O   
297 C CB  A CYS A 40 ? 0.1658 0.1247 0.1373 0.0111  -0.0163 0.0063  40   CYS A CB  
298 C CB  B CYS A 40 ? 0.2446 0.1249 0.1133 0.0278  -0.0025 -0.0086 40   CYS A CB  
299 S SG  . CYS A 40 ? 0.1674 0.1235 0.1254 0.0078  -0.0163 0.0113  40   CYS A SG  
300 N N   . PRO A 41 ? 0.2131 0.1058 0.1253 0.0213  -0.0347 -0.0037 41   PRO A N   
301 C CA  . PRO A 41 ? 0.2309 0.1176 0.1448 0.0355  -0.0504 -0.0057 41   PRO A CA  
302 C C   . PRO A 41 ? 0.2669 0.1126 0.1338 0.0225  -0.0441 0.0033  41   PRO A C   
303 O O   . PRO A 41 ? 0.2601 0.1240 0.1421 0.0233  -0.0401 0.0081  41   PRO A O   
304 C CB  . PRO A 41 ? 0.2443 0.1299 0.1239 0.0447  -0.0071 0.0017  41   PRO A CB  
305 C CG  . PRO A 41 ? 0.2097 0.1368 0.1522 0.0431  -0.0175 0.0076  41   PRO A CG  
306 C CD  . PRO A 41 ? 0.2054 0.1323 0.1341 0.0171  -0.0142 -0.0015 41   PRO A CD  
307 N N   . SER A 42 ? 0.2868 0.1234 0.1745 0.0253  -0.0785 -0.0059 42   SER A N   
308 C CA  . SER A 42 ? 0.2920 0.1776 0.1550 0.0314  -0.0787 -0.0187 42   SER A CA  
309 C C   . SER A 42 ? 0.2824 0.1735 0.1560 0.0493  -0.0704 -0.0321 42   SER A C   
310 O O   . SER A 42 ? 0.2756 0.1605 0.1736 0.0207  -0.0731 -0.0081 42   SER A O   
311 C CB  . SER A 42 ? 0.3465 0.1838 0.2615 0.0138  -0.1585 -0.0289 42   SER A CB  
312 O OG  . SER A 42 ? 0.5151 0.3170 0.3889 0.1685  -0.1779 -0.1771 42   SER A OG  
313 N N   . ASP A 43 ? 0.2765 0.1567 0.1566 0.0836  -0.0524 -0.0348 43   ASP A N   
314 C CA  . ASP A 43 ? 0.2921 0.2063 0.1438 0.0932  -0.0140 -0.0399 43   ASP A CA  
315 C C   . ASP A 43 ? 0.2403 0.2045 0.1221 0.0700  -0.0188 -0.0137 43   ASP A C   
316 O O   . ASP A 43 ? 0.2983 0.2211 0.1278 0.0796  0.0148  -0.0122 43   ASP A O   
317 C CB  . ASP A 43 ? 0.3009 0.2341 0.1389 0.1120  -0.0238 0.0068  43   ASP A CB  
318 C CG  . ASP A 43 ? 0.2508 0.1990 0.1289 0.0388  0.0026  0.0073  43   ASP A CG  
319 O OD1 . ASP A 43 ? 0.2448 0.2508 0.1471 0.0391  -0.0087 0.0386  43   ASP A OD1 
320 O OD2 . ASP A 43 ? 0.2907 0.3138 0.1213 0.1496  0.0214  0.0121  43   ASP A OD2 
321 N N   . TYR A 44 ? 0.2391 0.1413 0.1226 0.0516  -0.0332 -0.0070 44   TYR A N   
322 C CA  . TYR A 44 ? 0.2029 0.1279 0.1115 0.0264  -0.0277 0.0121  44   TYR A CA  
323 C C   . TYR A 44 ? 0.1959 0.1018 0.1214 0.0172  -0.0194 0.0099  44   TYR A C   
324 O O   . TYR A 44 ? 0.2088 0.1322 0.1135 0.0002  -0.0115 0.0045  44   TYR A O   
325 C CB  . TYR A 44 ? 0.1885 0.1479 0.1574 0.0395  -0.0379 -0.0151 44   TYR A CB  
326 C CG  . TYR A 44 ? 0.2078 0.1777 0.1518 0.0433  -0.0196 0.0056  44   TYR A CG  
327 C CD1 . TYR A 44 ? 0.2105 0.1804 0.2169 0.0236  -0.0158 -0.0045 44   TYR A CD1 
328 C CD2 . TYR A 44 ? 0.2195 0.1789 0.2163 0.0387  0.0198  -0.0218 44   TYR A CD2 
329 C CE1 . TYR A 44 ? 0.1810 0.2828 0.2647 0.0072  -0.0413 0.0471  44   TYR A CE1 
330 C CE2 . TYR A 44 ? 0.2259 0.2837 0.3068 0.0860  0.0403  0.0288  44   TYR A CE2 
331 C CZ  . TYR A 44 ? 0.1986 0.3227 0.3759 0.0249  0.0723  -0.0076 44   TYR A CZ  
332 O OH  . TYR A 44 ? 0.2507 0.4985 0.4341 0.0347  0.1362  0.0186  44   TYR A OH  
333 N N   . PRO A 45 ? 0.1905 0.1253 0.1262 0.0063  -0.0243 0.0020  45   PRO A N   
334 C CA  . PRO A 45 ? 0.1948 0.1346 0.1561 -0.0137 -0.0133 0.0026  45   PRO A CA  
335 C C   . PRO A 45 ? 0.1693 0.1312 0.1499 -0.0160 -0.0066 0.0168  45   PRO A C   
336 O O   . PRO A 45 ? 0.1831 0.1644 0.1880 -0.0157 0.0143  0.0261  45   PRO A O   
337 C CB  . PRO A 45 ? 0.2209 0.1378 0.1947 0.0040  -0.0638 0.0024  45   PRO A CB  
338 C CG  . PRO A 45 ? 0.2575 0.1569 0.1716 -0.0045 -0.0855 0.0118  45   PRO A CG  
339 C CD  . PRO A 45 ? 0.2347 0.1490 0.1214 0.0281  -0.0408 0.0121  45   PRO A CD  
340 N N   . LYS A 46 ? 0.1575 0.1299 0.1390 -0.0096 -0.0121 0.0130  46   LYS A N   
341 C CA  . LYS A 46 ? 0.1580 0.1270 0.1608 -0.0068 -0.0278 0.0097  46   LYS A CA  
342 C C   . LYS A 46 ? 0.1455 0.1354 0.1490 -0.0145 -0.0066 0.0053  46   LYS A C   
343 O O   . LYS A 46 ? 0.1449 0.1643 0.1545 0.0110  -0.0113 -0.0011 46   LYS A O   
344 C CB  . LYS A 46 ? 0.1453 0.1564 0.1639 0.0201  -0.0169 0.0265  46   LYS A CB  
345 C CG  . LYS A 46 ? 0.1717 0.2091 0.1450 -0.0021 -0.0075 0.0405  46   LYS A CG  
346 C CD  . LYS A 46 ? 0.1913 0.2377 0.1763 -0.0308 -0.0176 0.0119  46   LYS A CD  
347 C CE  . LYS A 46 ? 0.3444 0.4243 0.2319 -0.1245 -0.0830 -0.0079 46   LYS A CE  
348 N NZ  . LYS A 46 ? 0.2941 0.3511 0.3256 -0.0482 -0.1500 0.0133  46   LYS A NZ  
349 O OXT . LYS A 46 ? 0.1521 0.1654 0.2248 0.0153  -0.0252 -0.0268 46   LYS A OXT 
350 N N   . LYS B 1  ? 0.1630 0.1347 0.1851 -0.0099 0.0225  0.0149  1    LYS B N   
351 C CA  . LYS B 1  ? 0.1610 0.1272 0.1743 -0.0098 0.0271  0.0243  1    LYS B CA  
352 C C   . LYS B 1  ? 0.1370 0.1245 0.1747 0.0089  0.0192  0.0218  1    LYS B C   
353 O O   . LYS B 1  ? 0.1765 0.1200 0.2324 -0.0026 0.0590  0.0101  1    LYS B O   
354 C CB  . LYS B 1  ? 0.1764 0.1731 0.1601 0.0246  0.0361  0.0174  1    LYS B CB  
355 C CG  . LYS B 1  ? 0.2308 0.2113 0.1951 -0.0461 -0.0104 0.0364  1    LYS B CG  
356 C CD  . LYS B 1  ? 0.1816 0.2797 0.1819 -0.0036 -0.0125 0.0329  1    LYS B CD  
357 C CE  . LYS B 1  ? 0.2058 0.2497 0.1898 0.0247  0.0148  0.0128  1    LYS B CE  
358 N NZ  . LYS B 1  ? 0.3332 0.3589 0.4621 0.1485  -0.0569 -0.0701 1    LYS B NZ  
359 N N   . SER B 2  ? 0.1333 0.1229 0.1438 0.0055  0.0034  0.0293  2    SER B N   
360 C CA  . SER B 2  ? 0.1398 0.1344 0.1314 -0.0024 -0.0027 0.0235  2    SER B CA  
361 C C   . SER B 2  ? 0.1443 0.1138 0.1289 0.0074  0.0052  0.0254  2    SER B C   
362 O O   . SER B 2  ? 0.1579 0.1505 0.1198 0.0160  -0.0012 0.0158  2    SER B O   
363 C CB  . SER B 2  ? 0.1603 0.1343 0.1292 -0.0113 -0.0063 0.0303  2    SER B CB  
364 O OG  . SER B 2  ? 0.1904 0.1274 0.1538 -0.0062 -0.0122 0.0283  2    SER B OG  
365 N N   . CYS B 3  ? 0.1379 0.1535 0.1072 0.0038  0.0034  0.0218  3    CYS B N   
366 C CA  . CYS B 3  ? 0.1388 0.1414 0.1279 0.0186  0.0019  0.0333  3    CYS B CA  
367 C C   . CYS B 3  ? 0.1352 0.1315 0.1200 0.0254  0.0037  0.0248  3    CYS B C   
368 O O   . CYS B 3  ? 0.1488 0.1629 0.1220 -0.0021 0.0073  0.0037  3    CYS B O   
369 C CB  . CYS B 3  ? 0.1705 0.1520 0.1366 0.0136  0.0034  0.0463  3    CYS B CB  
370 S SG  . CYS B 3  ? 0.1846 0.1578 0.1604 -0.0197 -0.0099 0.0359  3    CYS B SG  
371 N N   . CYS B 4  ? 0.1344 0.1502 0.1142 0.0127  0.0059  0.0139  4    CYS B N   
372 C CA  . CYS B 4  ? 0.1339 0.1551 0.1352 0.0106  -0.0021 0.0184  4    CYS B CA  
373 C C   . CYS B 4  ? 0.1349 0.1724 0.1222 0.0066  -0.0095 0.0158  4    CYS B C   
374 O O   . CYS B 4  ? 0.1469 0.1827 0.1331 0.0005  -0.0074 0.0190  4    CYS B O   
375 C CB  A CYS B 4  ? 0.1541 0.1509 0.1218 0.0049  -0.0185 0.0109  4    CYS B CB  
376 C CB  B CYS B 4  ? 0.1038 0.1517 0.2627 -0.0056 -0.0198 0.0299  4    CYS B CB  
377 S SG  . CYS B 4  ? 0.1408 0.1385 0.1283 0.0166  -0.0090 0.0136  4    CYS B SG  
378 N N   . PRO B 5  ? 0.1418 0.1781 0.1207 0.0160  -0.0111 -0.0003 5    PRO B N   
379 C CA  . PRO B 5  ? 0.1351 0.1748 0.1788 0.0332  -0.0166 0.0016  5    PRO B CA  
380 C C   . PRO B 5  ? 0.1454 0.1880 0.1523 0.0059  -0.0241 0.0193  5    PRO B C   
381 O O   . PRO B 5  ? 0.1874 0.2284 0.1829 0.0342  -0.0696 0.0050  5    PRO B O   
382 C CB  . PRO B 5  ? 0.1490 0.2394 0.1846 0.0236  -0.0015 -0.0141 5    PRO B CB  
383 C CG  . PRO B 5  ? 0.1436 0.2272 0.1839 0.0018  0.0093  0.0000  5    PRO B CG  
384 C CD  . PRO B 5  ? 0.1518 0.1926 0.1387 0.0080  0.0155  -0.0033 5    PRO B CD  
385 N N   . ASN B 6  ? 0.1450 0.1803 0.1364 0.0112  -0.0220 0.0096  6    ASN B N   
386 C CA  . ASN B 6  ? 0.1392 0.1890 0.1407 0.0199  -0.0195 -0.0111 6    ASN B CA  
387 C C   . ASN B 6  ? 0.1486 0.1898 0.1302 0.0238  -0.0372 -0.0068 6    ASN B C   
388 O O   . ASN B 6  ? 0.1427 0.1798 0.1294 0.0041  -0.0289 -0.0077 6    ASN B O   
389 C CB  . ASN B 6  ? 0.1362 0.1973 0.1441 0.0170  -0.0284 -0.0002 6    ASN B CB  
390 C CG  . ASN B 6  ? 0.1203 0.2072 0.1413 0.0049  -0.0215 0.0119  6    ASN B CG  
391 O OD1 . ASN B 6  ? 0.1491 0.2488 0.1505 0.0349  -0.0272 0.0107  6    ASN B OD1 
392 N ND2 . ASN B 6  ? 0.1344 0.2452 0.1638 0.0290  -0.0116 0.0076  6    ASN B ND2 
393 N N   . THR B 7  ? 0.1690 0.2023 0.1508 0.0307  -0.0561 -0.0420 7    THR B N   
394 C CA  . THR B 7  ? 0.1803 0.2105 0.1541 0.0534  -0.0592 -0.0565 7    THR B CA  
395 C C   . THR B 7  ? 0.1519 0.1607 0.1861 0.0098  -0.0559 -0.0393 7    THR B C   
396 O O   . THR B 7  ? 0.1496 0.1860 0.1605 0.0170  -0.0363 -0.0348 7    THR B O   
397 C CB  . THR B 7  ? 0.3004 0.2162 0.2040 0.0506  -0.0793 -0.0857 7    THR B CB  
398 O OG1 . THR B 7  ? 0.2887 0.2879 0.3748 0.0322  -0.0861 -0.1718 7    THR B OG1 
399 C CG2 . THR B 7  ? 0.4030 0.3187 0.1552 0.1628  -0.0706 -0.0871 7    THR B CG2 
400 N N   . THR B 8  ? 0.1620 0.1834 0.1948 0.0203  -0.0486 -0.0399 8    THR B N   
401 C CA  . THR B 8  ? 0.1568 0.1594 0.2153 0.0022  -0.0381 -0.0232 8    THR B CA  
402 C C   . THR B 8  ? 0.1328 0.1577 0.1528 -0.0116 -0.0100 0.0017  8    THR B C   
403 O O   . THR B 8  ? 0.1319 0.1454 0.1582 0.0070  -0.0048 0.0127  8    THR B O   
404 C CB  . THR B 8  ? 0.1544 0.1876 0.2686 -0.0285 -0.0369 -0.0050 8    THR B CB  
405 O OG1 . THR B 8  ? 0.2104 0.3093 0.4173 -0.0611 -0.0437 -0.1271 8    THR B OG1 
406 C CG2 . THR B 8  ? 0.1563 0.2422 0.2943 -0.0310 -0.0141 0.0478  8    THR B CG2 
407 N N   . GLY B 9  ? 0.1222 0.1537 0.1474 0.0086  -0.0173 -0.0104 9    GLY B N   
408 C CA  . GLY B 9  ? 0.1227 0.1460 0.1196 0.0141  -0.0071 0.0058  9    GLY B CA  
409 C C   . GLY B 9  ? 0.1197 0.1248 0.1054 -0.0035 -0.0007 -0.0035 9    GLY B C   
410 O O   . GLY B 9  ? 0.1207 0.1281 0.1084 0.0137  -0.0079 0.0025  9    GLY B O   
411 N N   . ARG B 10 ? 0.1152 0.1393 0.1119 0.0060  -0.0083 -0.0068 10   ARG B N   
412 C CA  . ARG B 10 ? 0.1166 0.1390 0.0973 -0.0047 -0.0104 -0.0021 10   ARG B CA  
413 C C   . ARG B 10 ? 0.1127 0.1332 0.0904 0.0125  -0.0009 -0.0115 10   ARG B C   
414 O O   . ARG B 10 ? 0.1145 0.1226 0.1106 0.0075  -0.0035 -0.0057 10   ARG B O   
415 C CB  . ARG B 10 ? 0.1384 0.1271 0.1028 0.0045  -0.0145 -0.0058 10   ARG B CB  
416 C CG  . ARG B 10 ? 0.1448 0.1438 0.1123 0.0083  -0.0036 -0.0125 10   ARG B CG  
417 C CD  . ARG B 10 ? 0.1371 0.1397 0.1151 0.0071  -0.0006 0.0023  10   ARG B CD  
418 N NE  . ARG B 10 ? 0.1676 0.1472 0.1014 -0.0039 0.0067  0.0057  10   ARG B NE  
419 C CZ  . ARG B 10 ? 0.1525 0.1448 0.1181 -0.0028 0.0109  0.0083  10   ARG B CZ  
420 N NH1 . ARG B 10 ? 0.1821 0.1603 0.1498 -0.0117 -0.0273 0.0107  10   ARG B NH1 
421 N NH2 . ARG B 10 ? 0.2015 0.1528 0.1633 -0.0114 0.0031  0.0341  10   ARG B NH2 
422 N N   . ASP B 11 ? 0.1115 0.1280 0.1197 0.0016  -0.0079 -0.0088 11   ASP B N   
423 C CA  . ASP B 11 ? 0.1251 0.1269 0.1322 0.0113  -0.0066 -0.0170 11   ASP B CA  
424 C C   . ASP B 11 ? 0.1242 0.1004 0.1315 0.0093  0.0044  -0.0017 11   ASP B C   
425 O O   . ASP B 11 ? 0.1232 0.1269 0.1180 0.0166  0.0070  -0.0067 11   ASP B O   
426 C CB  . ASP B 11 ? 0.1385 0.1199 0.1569 -0.0037 0.0041  -0.0187 11   ASP B CB  
427 C CG  . ASP B 11 ? 0.1954 0.1357 0.1603 0.0114  -0.0292 -0.0219 11   ASP B CG  
428 O OD1 . ASP B 11 ? 0.2019 0.1670 0.2386 0.0012  -0.0411 -0.0598 11   ASP B OD1 
429 O OD2 . ASP B 11 ? 0.1925 0.2033 0.1507 0.0091  -0.0200 -0.0359 11   ASP B OD2 
430 N N   . ILE B 12 ? 0.1057 0.1211 0.1212 0.0017  0.0023  0.0008  12   ILE B N   
431 C CA  . ILE B 12 ? 0.1188 0.1146 0.1174 0.0074  0.0118  0.0092  12   ILE B CA  
432 C C   . ILE B 12 ? 0.1208 0.1199 0.0869 0.0070  0.0135  0.0007  12   ILE B C   
433 O O   . ILE B 12 ? 0.1224 0.1218 0.0993 0.0148  0.0132  0.0113  12   ILE B O   
434 C CB  . ILE B 12 ? 0.1175 0.1265 0.1252 0.0170  0.0224  0.0229  12   ILE B CB  
435 C CG1 . ILE B 12 ? 0.1156 0.1489 0.1386 0.0053  0.0102  0.0344  12   ILE B CG1 
436 C CG2 . ILE B 12 ? 0.1330 0.1533 0.1201 0.0126  0.0274  0.0144  12   ILE B CG2 
437 C CD1 . ILE B 12 ? 0.1215 0.1663 0.1653 0.0309  0.0261  0.0379  12   ILE B CD1 
438 N N   . TYR B 13 ? 0.1027 0.1111 0.0923 0.0072  0.0039  0.0001  13   TYR B N   
439 C CA  . TYR B 13 ? 0.1150 0.1170 0.0876 0.0095  0.0076  0.0076  13   TYR B CA  
440 C C   . TYR B 13 ? 0.1104 0.1037 0.0860 0.0021  0.0053  0.0091  13   TYR B C   
441 O O   . TYR B 13 ? 0.1234 0.1173 0.0898 0.0064  -0.0003 0.0117  13   TYR B O   
442 C CB  . TYR B 13 ? 0.1291 0.1146 0.0902 0.0069  -0.0065 0.0071  13   TYR B CB  
443 C CG  . TYR B 13 ? 0.1221 0.1175 0.0900 0.0051  -0.0051 0.0150  13   TYR B CG  
444 C CD1 . TYR B 13 ? 0.1323 0.1188 0.1009 0.0051  0.0011  0.0122  13   TYR B CD1 
445 C CD2 . TYR B 13 ? 0.1204 0.1189 0.1011 0.0052  0.0011  0.0084  13   TYR B CD2 
446 C CE1 . TYR B 13 ? 0.1206 0.1276 0.1100 0.0067  0.0056  0.0266  13   TYR B CE1 
447 C CE2 . TYR B 13 ? 0.1255 0.1191 0.1149 0.0013  0.0054  0.0117  13   TYR B CE2 
448 C CZ  . TYR B 13 ? 0.1153 0.1291 0.1129 0.0014  -0.0144 0.0191  13   TYR B CZ  
449 O OH  . TYR B 13 ? 0.1366 0.1417 0.1286 -0.0200 0.0002  0.0256  13   TYR B OH  
450 N N   . ASN B 14 ? 0.0981 0.1136 0.0910 0.0043  -0.0045 0.0088  14   ASN B N   
451 C CA  . ASN B 14 ? 0.1087 0.1151 0.0997 0.0110  0.0070  0.0021  14   ASN B CA  
452 C C   . ASN B 14 ? 0.1047 0.1220 0.0983 0.0131  0.0044  0.0039  14   ASN B C   
453 O O   . ASN B 14 ? 0.1180 0.1373 0.1056 0.0147  0.0110  0.0080  14   ASN B O   
454 C CB  . ASN B 14 ? 0.1221 0.1210 0.0983 0.0097  0.0074  0.0032  14   ASN B CB  
455 C CG  . ASN B 14 ? 0.1055 0.1237 0.1021 0.0153  0.0075  0.0049  14   ASN B CG  
456 O OD1 . ASN B 14 ? 0.1484 0.1205 0.1123 0.0049  0.0163  0.0047  14   ASN B OD1 
457 N ND2 . ASN B 14 ? 0.1525 0.1244 0.1010 0.0166  0.0168  0.0048  14   ASN B ND2 
458 N N   . THR B 15 ? 0.1159 0.1267 0.1019 0.0150  0.0113  0.0126  15   THR B N   
459 C CA  . THR B 15 ? 0.1357 0.1148 0.1025 0.0092  0.0167  0.0068  15   THR B CA  
460 C C   . THR B 15 ? 0.1041 0.1266 0.1024 0.0133  0.0150  0.0102  15   THR B C   
461 O O   . THR B 15 ? 0.1193 0.1282 0.1142 0.0176  0.0105  0.0207  15   THR B O   
462 C CB  . THR B 15 ? 0.1445 0.1200 0.1157 -0.0173 0.0063  -0.0086 15   THR B CB  
463 O OG1 . THR B 15 ? 0.2381 0.2531 0.1286 -0.1045 0.0431  -0.0563 15   THR B OG1 
464 C CG2 . THR B 15 ? 0.1416 0.1260 0.1482 0.0068  0.0255  0.0238  15   THR B CG2 
465 N N   . CYS B 16 ? 0.0979 0.1194 0.0983 0.0140  0.0067  0.0106  16   CYS B N   
466 C CA  . CYS B 16 ? 0.1054 0.1195 0.0972 0.0043  0.0007  0.0072  16   CYS B CA  
467 C C   . CYS B 16 ? 0.1054 0.1248 0.0840 0.0135  0.0075  0.0120  16   CYS B C   
468 O O   . CYS B 16 ? 0.1053 0.1500 0.0921 0.0070  0.0007  0.0231  16   CYS B O   
469 C CB  A CYS B 16 ? 0.1040 0.1327 0.1103 0.0113  0.0081  0.0054  16   CYS B CB  
470 C CB  B CYS B 16 ? 0.1375 0.1892 0.1300 0.0593  -0.0247 -0.0451 16   CYS B CB  
471 S SG  . CYS B 16 ? 0.1348 0.1316 0.1092 0.0104  -0.0017 0.0036  16   CYS B SG  
472 N N   . ARG B 17 ? 0.1032 0.1320 0.0933 0.0188  0.0087  0.0223  17   ARG B N   
473 C CA  . ARG B 17 ? 0.1086 0.1282 0.0939 -0.0015 0.0027  0.0270  17   ARG B CA  
474 C C   . ARG B 17 ? 0.0975 0.1411 0.0947 0.0089  0.0052  0.0212  17   ARG B C   
475 O O   . ARG B 17 ? 0.1074 0.1519 0.1103 0.0099  0.0014  0.0195  17   ARG B O   
476 C CB  . ARG B 17 ? 0.1194 0.1371 0.0982 -0.0024 0.0085  0.0126  17   ARG B CB  
477 C CG  . ARG B 17 ? 0.1330 0.1457 0.0976 0.0024  0.0017  0.0322  17   ARG B CG  
478 C CD  . ARG B 17 ? 0.1275 0.1331 0.1295 0.0075  0.0156  0.0361  17   ARG B CD  
479 N NE  . ARG B 17 ? 0.1326 0.1700 0.1321 -0.0088 0.0006  0.0537  17   ARG B NE  
480 C CZ  . ARG B 17 ? 0.1327 0.1642 0.1514 -0.0126 -0.0019 0.0628  17   ARG B CZ  
481 N NH1 . ARG B 17 ? 0.1351 0.2056 0.1595 -0.0297 -0.0086 0.0459  17   ARG B NH1 
482 N NH2 . ARG B 17 ? 0.1367 0.2229 0.1893 -0.0162 0.0188  0.0544  17   ARG B NH2 
483 N N   . LEU B 18 ? 0.1037 0.1331 0.1015 0.0118  -0.0009 0.0133  18   LEU B N   
484 C CA  . LEU B 18 ? 0.1067 0.1494 0.1123 0.0208  -0.0027 0.0162  18   LEU B CA  
485 C C   . LEU B 18 ? 0.1129 0.1634 0.1140 0.0262  0.0057  0.0298  18   LEU B C   
486 O O   . LEU B 18 ? 0.1312 0.1976 0.1377 0.0519  0.0170  0.0497  18   LEU B O   
487 C CB  . LEU B 18 ? 0.1290 0.1256 0.1263 0.0137  0.0108  0.0146  18   LEU B CB  
488 C CG  . LEU B 18 ? 0.1347 0.1449 0.1289 0.0200  0.0169  -0.0006 18   LEU B CG  
489 C CD1 . LEU B 18 ? 0.1456 0.1729 0.1352 0.0299  -0.0020 -0.0167 18   LEU B CD1 
490 C CD2 . LEU B 18 ? 0.1429 0.1629 0.1375 0.0318  0.0169  0.0005  18   LEU B CD2 
491 N N   . GLY B 19 ? 0.1087 0.1435 0.1058 0.0153  0.0053  0.0194  19   GLY B N   
492 C CA  . GLY B 19 ? 0.1215 0.1648 0.1011 0.0232  0.0066  0.0288  19   GLY B CA  
493 C C   . GLY B 19 ? 0.1074 0.1898 0.1058 0.0148  0.0122  0.0254  19   GLY B C   
494 O O   . GLY B 19 ? 0.1442 0.1882 0.1054 0.0178  0.0012  0.0253  19   GLY B O   
495 N N   . GLY B 20 ? 0.1144 0.1857 0.0998 0.0007  -0.0040 0.0237  20   GLY B N   
496 C CA  . GLY B 20 ? 0.1323 0.2051 0.1132 0.0035  -0.0196 0.0059  20   GLY B CA  
497 C C   . GLY B 20 ? 0.1182 0.1911 0.1165 -0.0212 -0.0185 0.0146  20   GLY B C   
498 O O   . GLY B 20 ? 0.1421 0.2054 0.1668 -0.0141 -0.0335 -0.0111 20   GLY B O   
499 N N   . GLY B 21 ? 0.1262 0.1619 0.1157 -0.0148 -0.0167 0.0403  21   GLY B N   
500 C CA  . GLY B 21 ? 0.1299 0.1571 0.1226 -0.0302 -0.0106 0.0202  21   GLY B CA  
501 C C   . GLY B 21 ? 0.1297 0.1598 0.1214 -0.0117 -0.0152 0.0404  21   GLY B C   
502 O O   . GLY B 21 ? 0.1703 0.1847 0.1233 -0.0387 -0.0090 0.0420  21   GLY B O   
503 N N   . SER B 22 ? 0.1364 0.1615 0.1329 -0.0202 -0.0165 0.0366  22   SER B N   
504 C CA  . SER B 22 ? 0.1370 0.1658 0.1479 -0.0322 -0.0213 0.0382  22   SER B CA  
505 C C   . SER B 22 ? 0.1361 0.1446 0.1436 -0.0163 -0.0074 0.0356  22   SER B C   
506 O O   . SER B 22 ? 0.1306 0.1425 0.1461 -0.0163 -0.0150 0.0381  22   SER B O   
507 C CB  . SER B 22 ? 0.1577 0.1716 0.1877 -0.0445 -0.0311 0.0328  22   SER B CB  
508 O OG  . SER B 22 ? 0.1962 0.1878 0.1701 -0.0206 -0.0215 0.0180  22   SER B OG  
509 N N   . ARG B 23 ? 0.1385 0.1664 0.1419 -0.0303 -0.0084 0.0407  23   ARG B N   
510 C CA  . ARG B 23 ? 0.1333 0.1500 0.1448 -0.0240 -0.0102 0.0378  23   ARG B CA  
511 C C   . ARG B 23 ? 0.1476 0.1302 0.1321 -0.0183 -0.0103 0.0365  23   ARG B C   
512 O O   . ARG B 23 ? 0.1412 0.1384 0.1476 -0.0095 -0.0140 0.0231  23   ARG B O   
513 C CB  . ARG B 23 ? 0.1502 0.1366 0.1417 -0.0246 -0.0082 0.0334  23   ARG B CB  
514 C CG  . ARG B 23 ? 0.1371 0.1884 0.1578 -0.0139 -0.0065 0.0533  23   ARG B CG  
515 C CD  . ARG B 23 ? 0.1847 0.1645 0.2125 0.0012  0.0510  0.0525  23   ARG B CD  
516 N NE  . ARG B 23 ? 0.2558 0.2283 0.2250 -0.0800 0.0176  0.0491  23   ARG B NE  
517 C CZ  . ARG B 23 ? 0.1999 0.1830 0.2075 -0.0395 -0.0050 0.0324  23   ARG B CZ  
518 N NH1 . ARG B 23 ? 0.2367 0.1830 0.2088 -0.0102 0.0146  0.0321  23   ARG B NH1 
519 N NH2 . ARG B 23 ? 0.2485 0.2029 0.2555 -0.0495 0.0309  -0.0094 23   ARG B NH2 
520 N N   . GLU B 24 ? 0.1745 0.1300 0.1607 -0.0357 -0.0078 0.0240  24   GLU B N   
521 C CA  . GLU B 24 ? 0.1832 0.1122 0.1930 -0.0249 -0.0111 0.0086  24   GLU B CA  
522 C C   . GLU B 24 ? 0.1839 0.1294 0.1290 -0.0208 -0.0062 0.0046  24   GLU B C   
523 O O   . GLU B 24 ? 0.1791 0.1418 0.1511 -0.0099 0.0028  -0.0052 24   GLU B O   
524 C CB  . GLU B 24 ? 0.2698 0.1429 0.2461 -0.0620 0.0072  -0.0223 24   GLU B CB  
525 N N   . ARG B 25 ? 0.1843 0.1555 0.1228 -0.0394 -0.0158 0.0013  25   ARG B N   
526 C CA  . ARG B 25 ? 0.1552 0.1365 0.1153 -0.0163 0.0020  0.0041  25   ARG B CA  
527 C C   . ARG B 25 ? 0.1431 0.1278 0.1167 -0.0068 -0.0097 0.0123  25   ARG B C   
528 O O   . ARG B 25 ? 0.1432 0.1379 0.1161 -0.0099 0.0045  0.0071  25   ARG B O   
529 C CB  . ARG B 25 ? 0.1317 0.1644 0.1208 -0.0107 -0.0039 0.0041  25   ARG B CB  
530 C CG  . ARG B 25 ? 0.1665 0.1457 0.1299 -0.0081 -0.0054 0.0133  25   ARG B CG  
531 C CD  . ARG B 25 ? 0.1679 0.2129 0.1337 -0.0279 -0.0137 0.0286  25   ARG B CD  
532 N NE  . ARG B 25 ? 0.1552 0.1824 0.1470 -0.0163 -0.0184 0.0324  25   ARG B NE  
533 C CZ  . ARG B 25 ? 0.1703 0.1936 0.1092 -0.0311 -0.0123 0.0108  25   ARG B CZ  
534 N NH1 . ARG B 25 ? 0.1645 0.2097 0.1383 -0.0317 -0.0048 0.0142  25   ARG B NH1 
535 N NH2 . ARG B 25 ? 0.1718 0.2070 0.1361 -0.0293 -0.0242 0.0115  25   ARG B NH2 
536 N N   . CYS B 26 ? 0.1355 0.1226 0.1165 -0.0141 -0.0086 0.0117  26   CYS B N   
537 C CA  . CYS B 26 ? 0.1293 0.1208 0.1115 0.0013  -0.0074 0.0144  26   CYS B CA  
538 C C   . CYS B 26 ? 0.1196 0.1332 0.1076 -0.0005 -0.0027 0.0162  26   CYS B C   
539 O O   . CYS B 26 ? 0.1207 0.1296 0.1168 0.0026  -0.0044 0.0099  26   CYS B O   
540 C CB  A CYS B 26 ? 0.1251 0.1533 0.1143 0.0031  0.0074  0.0196  26   CYS B CB  
541 C CB  B CYS B 26 ? 0.1420 0.0744 0.1597 -0.0094 0.0258  0.0192  26   CYS B CB  
542 S SG  . CYS B 26 ? 0.1184 0.1372 0.1216 0.0044  -0.0038 0.0157  26   CYS B SG  
543 N N   . ALA B 27 ? 0.1309 0.1201 0.1150 0.0043  -0.0093 0.0105  27   ALA B N   
544 C CA  . ALA B 27 ? 0.1407 0.1231 0.1255 0.0109  -0.0091 0.0083  27   ALA B CA  
545 C C   . ALA B 27 ? 0.1419 0.1122 0.1357 0.0124  -0.0079 0.0089  27   ALA B C   
546 O O   . ALA B 27 ? 0.1427 0.1368 0.1310 0.0111  -0.0062 0.0222  27   ALA B O   
547 C CB  . ALA B 27 ? 0.1665 0.1354 0.1599 -0.0004 -0.0162 0.0382  27   ALA B CB  
548 N N   . SER B 28 ? 0.1582 0.1376 0.1305 0.0003  -0.0039 0.0004  28   SER B N   
549 C CA  . SER B 28 ? 0.1515 0.1312 0.1557 0.0139  -0.0095 -0.0115 28   SER B CA  
550 C C   . SER B 28 ? 0.1443 0.1393 0.1542 0.0116  0.0165  -0.0102 28   SER B C   
551 O O   . SER B 28 ? 0.1390 0.1596 0.2355 0.0172  0.0003  -0.0088 28   SER B O   
552 C CB  A SER B 28 ? 0.2168 0.1543 0.1305 -0.0168 0.0055  0.0069  28   SER B CB  
553 C CB  B SER B 28 ? 0.1319 0.2550 0.1607 -0.0010 0.0015  -0.0525 28   SER B CB  
554 O OG  A SER B 28 ? 0.2458 0.4495 0.2340 -0.0247 0.0672  -0.1362 28   SER B OG  
555 O OG  B SER B 28 ? 0.1622 0.2805 0.1127 -0.0040 -0.0004 -0.0504 28   SER B OG  
556 N N   . LEU B 29 ? 0.1357 0.1358 0.1063 0.0058  0.0016  0.0186  29   LEU B N   
557 C CA  . LEU B 29 ? 0.1556 0.1359 0.1026 0.0044  0.0004  0.0137  29   LEU B CA  
558 C C   . LEU B 29 ? 0.1211 0.1389 0.1084 0.0051  0.0157  0.0179  29   LEU B C   
559 O O   . LEU B 29 ? 0.1344 0.1604 0.1137 -0.0132 0.0137  0.0167  29   LEU B O   
560 C CB  . LEU B 29 ? 0.1394 0.1384 0.1071 0.0034  0.0085  0.0198  29   LEU B CB  
561 C CG  . LEU B 29 ? 0.1371 0.1380 0.1118 0.0049  0.0052  0.0275  29   LEU B CG  
562 C CD1 . LEU B 29 ? 0.1523 0.1722 0.1356 0.0321  -0.0055 0.0229  29   LEU B CD1 
563 C CD2 . LEU B 29 ? 0.1420 0.3056 0.1148 0.0206  0.0124  0.0638  29   LEU B CD2 
564 N N   . SER B 30 ? 0.1447 0.1208 0.0995 -0.0083 0.0039  0.0113  30   SER B N   
565 C CA  . SER B 30 ? 0.1455 0.1292 0.1008 -0.0017 0.0026  0.0126  30   SER B CA  
566 C C   . SER B 30 ? 0.1240 0.1455 0.1094 0.0008  0.0021  0.0035  30   SER B C   
567 O O   . SER B 30 ? 0.1450 0.1748 0.1129 -0.0024 -0.0049 0.0121  30   SER B O   
568 C CB  . SER B 30 ? 0.1430 0.1143 0.1097 0.0027  0.0011  0.0052  30   SER B CB  
569 O OG  . SER B 30 ? 0.1246 0.1255 0.1082 0.0097  0.0032  0.0051  30   SER B OG  
570 N N   . GLY B 31 ? 0.1297 0.1440 0.1196 0.0178  0.0175  0.0119  31   GLY B N   
571 C CA  . GLY B 31 ? 0.1441 0.1689 0.1230 0.0232  -0.0049 0.0154  31   GLY B CA  
572 C C   . GLY B 31 ? 0.1480 0.1604 0.1171 0.0499  0.0031  0.0058  31   GLY B C   
573 O O   . GLY B 31 ? 0.1895 0.1939 0.1559 0.0696  0.0105  0.0407  31   GLY B O   
574 N N   . CYS B 32 ? 0.1457 0.1492 0.1153 0.0072  -0.0010 0.0336  32   CYS B N   
575 C CA  . CYS B 32 ? 0.1567 0.1288 0.1159 -0.0012 -0.0001 0.0260  32   CYS B CA  
576 C C   . CYS B 32 ? 0.1391 0.1449 0.1175 0.0098  -0.0023 0.0187  32   CYS B C   
577 O O   . CYS B 32 ? 0.1946 0.1517 0.1176 0.0048  0.0099  0.0094  32   CYS B O   
578 C CB  A CYS B 32 ? 0.1503 0.1419 0.1343 0.0073  -0.0039 0.0126  32   CYS B CB  
579 C CB  B CYS B 32 ? 0.1922 0.1702 0.0990 0.0397  0.0269  -0.0021 32   CYS B CB  
580 S SG  . CYS B 32 ? 0.1691 0.1304 0.1132 0.0125  -0.0042 0.0155  32   CYS B SG  
581 N N   . LYS B 33 ? 0.1577 0.1299 0.1334 -0.0026 0.0135  0.0124  33   LYS B N   
582 C CA  . LYS B 33 ? 0.1537 0.1334 0.1544 -0.0006 0.0070  0.0116  33   LYS B CA  
583 C C   . LYS B 33 ? 0.1614 0.1163 0.1439 -0.0047 0.0132  0.0150  33   LYS B C   
584 O O   . LYS B 33 ? 0.1504 0.1777 0.1686 -0.0041 0.0159  -0.0232 33   LYS B O   
585 C CB  A LYS B 33 ? 0.1799 0.1154 0.1965 0.0255  0.0208  0.0107  33   LYS B CB  
586 C CB  B LYS B 33 ? 0.1945 0.1397 0.3143 0.0071  -0.0272 0.0577  33   LYS B CB  
587 C CG  A LYS B 33 ? 0.1545 0.1919 0.2551 0.0046  -0.0176 0.0279  33   LYS B CG  
588 C CG  B LYS B 33 ? 0.1894 0.1882 0.3173 0.0231  -0.0505 0.0416  33   LYS B CG  
589 C CD  A LYS B 33 ? 0.2326 0.1457 0.3602 0.0334  -0.1104 -0.0087 33   LYS B CD  
590 C CD  B LYS B 33 ? 0.3008 0.2072 0.3480 0.0298  0.0349  0.0459  33   LYS B CD  
591 C CE  A LYS B 33 ? 0.2456 0.2798 0.5210 0.0971  -0.1190 -0.0717 33   LYS B CE  
592 C CE  B LYS B 33 ? 0.2986 0.1714 0.3674 -0.0379 0.0397  0.0811  33   LYS B CE  
593 N NZ  A LYS B 33 ? 0.2949 0.5581 0.4726 0.1798  -0.0470 -0.0041 33   LYS B NZ  
594 N NZ  B LYS B 33 ? 0.2889 0.2533 0.3542 0.1635  0.0344  0.0529  33   LYS B NZ  
595 N N   . ILE B 34 ? 0.1515 0.1179 0.1485 -0.0015 0.0188  0.0094  34   ILE B N   
596 C CA  . ILE B 34 ? 0.1566 0.1262 0.1362 -0.0017 0.0183  0.0129  34   ILE B CA  
597 C C   . ILE B 34 ? 0.1550 0.1160 0.1566 -0.0075 0.0082  0.0185  34   ILE B C   
598 O O   . ILE B 34 ? 0.2562 0.1299 0.1578 0.0031  0.0234  0.0097  34   ILE B O   
599 C CB  . ILE B 34 ? 0.1605 0.1495 0.1418 -0.0047 0.0061  0.0294  34   ILE B CB  
600 C CG1 . ILE B 34 ? 0.1822 0.1483 0.1594 0.0131  0.0067  0.0373  34   ILE B CG1 
601 C CG2 . ILE B 34 ? 0.1584 0.1768 0.2007 -0.0116 -0.0121 0.0380  34   ILE B CG2 
602 C CD1 . ILE B 34 ? 0.2246 0.1458 0.1684 0.0147  0.0211  0.0414  34   ILE B CD1 
603 N N   . ILE B 35 ? 0.1528 0.1068 0.1672 -0.0140 0.0223  0.0170  35   ILE B N   
604 C CA  . ILE B 35 ? 0.1746 0.1274 0.2271 -0.0093 0.0520  0.0446  35   ILE B CA  
605 C C   . ILE B 35 ? 0.1720 0.1237 0.3481 0.0039  0.0775  0.0903  35   ILE B C   
606 O O   . ILE B 35 ? 0.2084 0.1452 1.0743 0.0242  0.2605  0.1464  35   ILE B O   
607 C CB  A ILE B 35 ? 0.2617 0.1759 0.2381 0.0267  0.0287  0.0976  35   ILE B CB  
608 C CB  B ILE B 35 ? 0.1920 0.1605 0.1884 0.0669  0.0737  0.0670  35   ILE B CB  
609 C CG1 A ILE B 35 ? 0.2273 0.2014 0.1818 -0.0051 -0.0051 0.0688  35   ILE B CG1 
610 C CG1 B ILE B 35 ? 0.1729 0.2019 0.1884 0.0616  0.0326  0.0670  35   ILE B CG1 
611 C CG2 A ILE B 35 ? 0.2512 0.1900 0.3211 0.0724  -0.0257 0.0945  35   ILE B CG2 
612 C CG2 B ILE B 35 ? 0.2291 0.2386 0.3364 -0.0398 -0.0572 0.1717  35   ILE B CG2 
613 C CD1 A ILE B 35 ? 0.2791 0.2176 0.2062 0.0142  -0.0703 0.0766  35   ILE B CD1 
614 C CD1 B ILE B 35 ? 0.1417 0.1938 0.1990 0.0259  0.0243  0.0166  35   ILE B CD1 
615 N N   . SER B 36 ? 0.1494 0.1815 0.1593 -0.0004 0.0284  0.0383  36   SER B N   
616 C CA  . SER B 36 ? 0.1507 0.1910 0.1511 0.0064  0.0164  0.0236  36   SER B CA  
617 C C   . SER B 36 ? 0.1502 0.1396 0.1429 0.0137  0.0180  0.0111  36   SER B C   
618 O O   . SER B 36 ? 0.1923 0.1428 0.1953 -0.0126 0.0459  -0.0033 36   SER B O   
619 C CB  . SER B 36 ? 0.1845 0.2052 0.1421 0.0147  0.0094  0.0041  36   SER B CB  
620 O OG  . SER B 36 ? 0.2324 0.1953 0.1821 0.0114  -0.0102 0.0289  36   SER B OG  
621 N N   . ALA B 37 ? 0.1623 0.2243 0.1338 -0.0386 0.0126  0.0395  37   ALA B N   
622 C CA  . ALA B 37 ? 0.1421 0.1814 0.1368 0.0157  0.0283  0.0086  37   ALA B CA  
623 C C   . ALA B 37 ? 0.1535 0.1609 0.1726 -0.0151 0.0428  0.0124  37   ALA B C   
624 O O   . ALA B 37 ? 0.2247 0.1799 0.1722 -0.0135 0.0453  0.0258  37   ALA B O   
625 C CB  . ALA B 37 ? 0.2110 0.1683 0.1452 0.0288  0.0248  0.0034  37   ALA B CB  
626 N N   . SER B 38 ? 0.2141 0.1500 0.1652 -0.0117 0.0420  0.0101  38   SER B N   
627 C CA  . SER B 38 ? 0.2920 0.1385 0.2201 -0.0142 0.0640  -0.0123 38   SER B CA  
628 C C   . SER B 38 ? 0.3592 0.1585 0.1472 -0.0737 0.0200  0.0440  38   SER B C   
629 O O   . SER B 38 ? 0.4719 0.1811 0.2370 -0.0800 -0.0555 0.0350  38   SER B O   
630 C CB  . SER B 38 ? 0.3888 0.2139 0.3163 -0.0909 0.1550  -0.1238 38   SER B CB  
631 O OG  . SER B 38 ? 0.4099 0.4258 0.3398 -0.0750 0.1878  -0.0104 38   SER B OG  
632 N N   . THR B 39 ? 0.2753 0.2138 0.1966 -0.0632 0.0421  -0.0027 39   THR B N   
633 C CA  . THR B 39 ? 0.2784 0.3042 0.1585 -0.0620 0.0622  -0.0225 39   THR B CA  
634 C C   . THR B 39 ? 0.2763 0.2779 0.1666 -0.0649 0.0670  -0.0210 39   THR B C   
635 O O   . THR B 39 ? 0.2696 0.2652 0.1653 -0.0490 0.0575  -0.0068 39   THR B O   
636 C CB  . THR B 39 ? 0.2554 0.3779 0.1701 -0.0112 0.0811  0.0222  39   THR B CB  
637 O OG1 . THR B 39 ? 0.3145 0.3928 0.3158 0.0991  0.1666  0.1245  39   THR B OG1 
638 C CG2 . THR B 39 ? 0.3621 0.5162 0.1886 -0.0128 0.0127  -0.0234 39   THR B CG2 
639 N N   . CYS B 40 ? 0.2090 0.2593 0.1434 -0.0257 0.0135  -0.0052 40   CYS B N   
640 C CA  . CYS B 40 ? 0.1874 0.2706 0.1425 -0.0396 -0.0134 0.0219  40   CYS B CA  
641 C C   . CYS B 40 ? 0.1980 0.2783 0.1504 -0.0410 -0.0212 0.0438  40   CYS B C   
642 O O   . CYS B 40 ? 0.2770 0.4445 0.1456 -0.0393 -0.0011 0.1031  40   CYS B O   
643 C CB  . CYS B 40 ? 0.2235 0.2580 0.1517 -0.0264 0.0116  0.0114  40   CYS B CB  
644 S SG  . CYS B 40 ? 0.1753 0.2506 0.1872 -0.0014 0.0221  -0.0033 40   CYS B SG  
645 N N   . PRO B 41 ? 0.2086 0.2950 0.1802 -0.0021 -0.0025 0.1002  41   PRO B N   
646 C CA  . PRO B 41 ? 0.2675 0.2158 0.2570 0.0329  -0.0495 0.0609  41   PRO B CA  
647 C C   . PRO B 41 ? 0.2218 0.2385 0.1973 0.0477  -0.0385 0.0594  41   PRO B C   
648 O O   . PRO B 41 ? 0.1891 0.2376 0.1765 0.0066  -0.0177 0.0618  41   PRO B O   
649 C CB  . PRO B 41 ? 0.3178 0.3350 0.3177 0.0880  -0.0769 -0.0430 41   PRO B CB  
650 C CG  . PRO B 41 ? 0.2848 0.3830 0.2826 0.0253  0.0826  0.0772  41   PRO B CG  
651 C CD  . PRO B 41 ? 0.2848 0.2398 0.1936 0.0396  -0.0018 0.0180  41   PRO B CD  
652 N N   . SER B 42 ? 0.2480 0.2719 0.2015 0.0228  -0.0411 0.0908  42   SER B N   
653 C CA  . SER B 42 ? 0.2050 0.3374 0.1984 0.0305  -0.0313 0.0461  42   SER B CA  
654 C C   . SER B 42 ? 0.2001 0.2473 0.1804 0.0529  -0.0300 0.0316  42   SER B C   
655 O O   . SER B 42 ? 0.2740 0.2856 0.1815 0.0153  -0.0836 0.0114  42   SER B O   
656 C CB  . SER B 42 ? 0.3417 0.2819 0.1736 0.0113  -0.0514 0.0339  42   SER B CB  
657 O OG  . SER B 42 ? 0.2664 0.2766 0.2467 0.0037  -0.0727 0.0783  42   SER B OG  
658 N N   . ASP B 43 ? 0.2153 0.2353 0.1742 0.0525  -0.0431 0.0454  43   ASP B N   
659 C CA  . ASP B 43 ? 0.1878 0.3599 0.1794 0.0676  -0.0266 0.0672  43   ASP B CA  
660 C C   . ASP B 43 ? 0.1659 0.2302 0.1484 0.0343  -0.0062 0.0220  43   ASP B C   
661 O O   . ASP B 43 ? 0.1362 0.3287 0.2011 0.0305  0.0074  0.0609  43   ASP B O   
662 C CB  . ASP B 43 ? 0.1868 0.3859 0.3144 0.1334  0.0025  0.1029  43   ASP B CB  
663 C CG  . ASP B 43 ? 0.3250 0.3750 0.1997 0.1547  0.0107  0.0585  43   ASP B CG  
664 O OD1 . ASP B 43 ? 0.3660 0.3120 0.4493 0.0410  -0.0102 0.1135  43   ASP B OD1 
665 O OD2 . ASP B 43 ? 0.6928 0.5439 0.2752 0.3078  0.0961  0.0045  43   ASP B OD2 
666 N N   . TYR B 44 ? 0.1567 0.2357 0.1555 0.0294  -0.0071 0.0674  44   TYR B N   
667 C CA  . TYR B 44 ? 0.1749 0.2125 0.1557 0.0374  -0.0122 0.0495  44   TYR B CA  
668 C C   . TYR B 44 ? 0.1655 0.2084 0.1871 0.0309  -0.0124 0.0476  44   TYR B C   
669 O O   . TYR B 44 ? 0.1682 0.2170 0.1821 0.0403  -0.0097 0.0609  44   TYR B O   
670 C CB  . TYR B 44 ? 0.1672 0.1991 0.1757 0.0257  -0.0265 0.0548  44   TYR B CB  
671 C CG  . TYR B 44 ? 0.1778 0.2196 0.1667 0.0232  -0.0221 0.0373  44   TYR B CG  
672 C CD1 . TYR B 44 ? 0.2187 0.2278 0.1957 0.0524  0.0002  0.0474  44   TYR B CD1 
673 C CD2 . TYR B 44 ? 0.2228 0.1796 0.1538 0.0070  -0.0198 0.0167  44   TYR B CD2 
674 C CE1 . TYR B 44 ? 0.2959 0.2848 0.1815 0.1105  0.0131  0.0570  44   TYR B CE1 
675 C CE2 . TYR B 44 ? 0.2265 0.1758 0.1649 -0.0090 -0.0110 0.0156  44   TYR B CE2 
676 C CZ  . TYR B 44 ? 0.2365 0.2196 0.1801 0.0171  0.0027  0.0126  44   TYR B CZ  
677 O OH  . TYR B 44 ? 0.2671 0.2973 0.2015 0.0486  0.0228  0.0102  44   TYR B OH  
678 N N   . PRO B 45 ? 0.1828 0.2578 0.1563 0.0387  -0.0039 0.0346  45   PRO B N   
679 C CA  . PRO B 45 ? 0.2347 0.2872 0.1429 0.0787  0.0117  0.0787  45   PRO B CA  
680 C C   . PRO B 45 ? 0.2297 0.2751 0.1862 0.0736  0.0606  0.0799  45   PRO B C   
681 O O   . PRO B 45 ? 0.3360 0.4229 0.2146 0.1975  0.1147  0.1135  45   PRO B O   
682 C CB  . PRO B 45 ? 0.3161 0.2706 0.1633 0.0696  -0.0187 0.0114  45   PRO B CB  
683 C CG  . PRO B 45 ? 0.2994 0.2975 0.1817 0.0405  -0.0551 0.0135  45   PRO B CG  
684 C CD  . PRO B 45 ? 0.2070 0.2607 0.1912 0.0220  -0.0287 0.0240  45   PRO B CD  
685 N N   . LYS B 46 ? 0.2180 0.2432 0.1460 0.0628  0.0185  0.0557  46   LYS B N   
686 C CA  . LYS B 46 ? 0.2288 0.2216 0.1305 0.0634  0.0276  0.0186  46   LYS B CA  
687 C C   . LYS B 46 ? 0.2460 0.2197 0.1363 0.0735  0.0098  0.0167  46   LYS B C   
688 O O   . LYS B 46 ? 0.1831 0.2043 0.1692 0.0455  0.0200  0.0291  46   LYS B O   
689 C CB  . LYS B 46 ? 0.2564 0.2328 0.1683 0.0332  0.0511  -0.0102 46   LYS B CB  
690 C CG  . LYS B 46 ? 0.2600 0.2413 0.2541 0.0512  0.0088  -0.0299 46   LYS B CG  
691 C CD  . LYS B 46 ? 0.2955 0.4405 0.2324 0.1019  -0.0402 -0.0510 46   LYS B CD  
692 C CE  . LYS B 46 ? 0.2998 0.6503 0.2652 0.1121  -0.0655 -0.0276 46   LYS B CE  
693 N NZ  . LYS B 46 ? 0.4058 0.6272 0.4035 0.2298  -0.1942 -0.1984 46   LYS B NZ  
694 O OXT . LYS B 46 ? 0.3855 0.2412 0.1594 0.1208  -0.0723 -0.0173 46   LYS B OXT 
695 S S   . SO4 C .  ? 0.2099 0.1943 0.1288 -0.0168 -0.0193 0.0027  1047 SO4 A S   
696 O O1  . SO4 C .  ? 0.4086 0.2673 0.1858 0.0338  -0.0110 -0.0560 1047 SO4 A O1  
697 O O2  . SO4 C .  ? 0.2140 0.2822 0.1416 -0.0683 -0.0515 0.0430  1047 SO4 A O2  
698 O O3  . SO4 C .  ? 0.2035 0.2378 0.1901 -0.0166 -0.0475 0.0410  1047 SO4 A O3  
699 O O4  . SO4 C .  ? 0.1637 0.1943 0.1490 0.0070  -0.0066 0.0291  1047 SO4 A O4  
700 S S   . SO4 D .  ? 0.1726 0.1452 0.1185 0.0071  0.0281  0.0063  1048 SO4 A S   
701 O O1  . SO4 D .  ? 0.3046 0.2112 0.1567 0.0211  0.0584  -0.0323 1048 SO4 A O1  
702 O O2  . SO4 D .  ? 0.2343 0.2806 0.4243 0.0600  -0.0851 -0.1206 1048 SO4 A O2  
703 O O3  . SO4 D .  ? 0.2336 0.1368 0.2508 0.0181  0.0784  0.0053  1048 SO4 A O3  
704 O O4  . SO4 D .  ? 0.3277 0.1916 0.2091 0.0692  0.1176  0.0890  1048 SO4 A O4  
705 S S   . SO4 E .  ? 0.2020 0.2239 0.2516 0.0291  -0.0657 -0.0592 1049 SO4 A S   
706 O O1  . SO4 E .  ? 0.2854 0.3357 0.3224 -0.0455 -0.0440 -0.1828 1049 SO4 A O1  
707 O O2  . SO4 E .  ? 0.5683 0.2373 0.4609 -0.0292 0.0411  0.0082  1049 SO4 A O2  
708 O O3  . SO4 E .  ? 0.2687 0.2797 0.3752 0.0535  0.0326  -0.0984 1049 SO4 A O3  
709 O O4  . SO4 E .  ? 0.2285 0.2748 0.4041 0.0163  -0.1414 -0.0758 1049 SO4 A O4  
710 S S   . SO4 F .  ? 0.3231 0.3845 0.1472 -0.1286 0.0021  0.0001  1050 SO4 A S   
711 O O1  . SO4 F .  ? 0.5423 0.3121 0.0769 -0.1654 0.0684  -0.0454 1050 SO4 A O1  
712 O O2  . SO4 F .  ? 0.4443 0.6654 0.1251 -0.2811 0.0181  -0.0684 1050 SO4 A O2  
713 O O3  . SO4 F .  ? 0.2978 0.7242 0.3816 0.0136  0.0464  -0.0055 1050 SO4 A O3  
714 O O4  . SO4 F .  ? 0.2641 0.3533 0.1320 -0.0667 -0.0053 0.0442  1050 SO4 A O4  
715 S S   . SO4 G .  ? 0.2262 0.2403 0.1974 -0.0574 -0.0460 0.0420  1047 SO4 B S   
716 O O1  . SO4 G .  ? 0.3124 0.3018 0.1500 -0.1047 -0.0433 0.0172  1047 SO4 B O1  
717 O O2  . SO4 G .  ? 0.2497 0.4169 0.3182 -0.1244 -0.1142 0.1377  1047 SO4 B O2  
718 O O3  . SO4 G .  ? 0.2050 0.2306 0.1786 0.0012  -0.0029 0.0183  1047 SO4 B O3  
719 O O4  . SO4 G .  ? 0.3180 0.2118 0.1875 -0.0245 -0.0562 0.0029  1047 SO4 B O4  
720 S S   A SO4 H .  ? 0.2227 0.1727 0.1676 0.0331  0.0140  0.0410  1048 SO4 B S   
721 S S   B SO4 H .  ? 0.1411 0.1908 0.1317 -0.0075 0.0415  0.0356  1048 SO4 B S   
722 O O1  A SO4 H .  ? 0.1677 0.1803 0.1263 0.0228  0.0190  0.0295  1048 SO4 B O1  
723 O O1  B SO4 H .  ? 0.1661 0.2906 0.2800 0.0469  0.0613  -0.0363 1048 SO4 B O1  
724 O O2  A SO4 H .  ? 0.2275 0.2263 0.1711 0.0790  0.0567  0.0778  1048 SO4 B O2  
725 O O2  B SO4 H .  ? 0.1299 0.3178 0.2373 0.0126  0.0724  0.0611  1048 SO4 B O2  
726 O O3  A SO4 H .  ? 0.1888 0.1982 0.1668 0.0362  0.0580  0.0962  1048 SO4 B O3  
727 O O3  B SO4 H .  ? 0.1963 0.2715 0.2611 0.0250  -0.0019 0.1263  1048 SO4 B O3  
728 O O4  A SO4 H .  ? 0.1963 0.2497 0.2228 -0.0301 0.0050  0.0920  1048 SO4 B O4  
729 O O4  B SO4 H .  ? 0.1713 0.4360 0.1684 0.0748  -0.0278 0.0128  1048 SO4 B O4  
730 O O   . HOH I .  ? 0.3330 0.4437 0.3876 -0.2170 -0.0405 -0.0117 2001 HOH A O   
731 O O   . HOH I .  ? 0.5272 0.4602 0.2997 -0.0537 -0.1178 0.0339  2002 HOH A O   
732 O O   . HOH I .  ? 0.2905 0.2184 0.2300 0.0416  0.0330  0.0442  2003 HOH A O   
733 O O   . HOH I .  ? 0.3319 0.3120 0.2811 0.0029  -0.0643 -0.0104 2004 HOH A O   
734 O O   . HOH I .  ? 0.2090 0.3254 0.1753 -0.0159 0.0149  -0.0166 2005 HOH A O   
735 O O   . HOH I .  ? 0.3102 0.2756 0.3478 -0.0114 0.0008  0.0841  2006 HOH A O   
736 O O   . HOH I .  ? 0.6944 0.6282 0.2804 -0.0171 0.0660  0.0441  2007 HOH A O   
737 O O   . HOH I .  ? 0.5003 0.4571 0.5125 0.0875  -0.0178 0.0560  2008 HOH A O   
738 O O   . HOH I .  ? 0.2487 0.2808 0.1975 0.0499  -0.0421 -0.0461 2009 HOH A O   
739 O O   . HOH I .  ? 0.2244 0.4910 0.6925 -0.0368 -0.0839 -0.1316 2010 HOH A O   
740 O O   . HOH I .  ? 0.3295 0.2572 0.4486 0.0879  -0.2298 0.0135  2011 HOH A O   
741 O O   . HOH I .  ? 0.3047 0.3493 0.7659 -0.0212 -0.1451 0.0248  2012 HOH A O   
742 O O   . HOH I .  ? 0.4199 0.2855 0.4474 0.1098  -0.1145 0.0301  2013 HOH A O   
743 O O   . HOH I .  ? 0.2059 0.2140 0.3659 0.0688  -0.0195 -0.0435 2014 HOH A O   
744 O O   . HOH I .  ? 0.3966 0.4432 0.4677 0.1027  0.0281  0.1623  2015 HOH A O   
745 O O   . HOH I .  ? 0.5845 0.3626 0.2276 -0.0933 -0.1824 0.1099  2016 HOH A O   
746 O O   . HOH I .  ? 0.4846 0.6822 0.6134 -0.0985 -0.1476 -0.2062 2017 HOH A O   
747 O O   . HOH I .  ? 0.3580 0.2329 0.2940 -0.0942 0.0722  -0.0472 2018 HOH A O   
748 O O   . HOH I .  ? 0.1967 0.1820 0.1551 -0.0317 -0.0021 -0.0101 2019 HOH A O   
749 O O   . HOH I .  ? 0.4236 0.5051 0.7524 0.0095  0.1244  0.2283  2020 HOH A O   
750 O O   . HOH I .  ? 0.2189 0.2951 0.4767 -0.0055 0.0003  0.0493  2021 HOH A O   
751 O O   . HOH I .  ? 0.2458 0.2557 0.1697 0.0324  -0.0144 0.0146  2022 HOH A O   
752 O O   . HOH I .  ? 0.6313 0.6909 0.2487 -0.1228 -0.1039 -0.1339 2023 HOH A O   
753 O O   . HOH I .  ? 0.4095 0.3480 0.3471 -0.0761 0.0914  -0.1631 2024 HOH A O   
754 O O   . HOH I .  ? 0.5582 0.2573 0.3120 0.0365  -0.0820 -0.0996 2025 HOH A O   
755 O O   . HOH I .  ? 0.2473 0.4752 0.3730 0.0968  -0.0277 0.0437  2026 HOH A O   
756 O O   . HOH I .  ? 0.2729 0.2259 0.2176 0.0055  0.0533  -0.0073 2027 HOH A O   
757 O O   . HOH I .  ? 0.3336 0.2226 0.2129 0.0035  0.0948  0.0250  2028 HOH A O   
758 O O   . HOH I .  ? 0.3880 0.2981 0.3713 0.0554  0.2259  -0.0589 2029 HOH A O   
759 O O   . HOH I .  ? 0.2037 0.2621 0.4100 0.0315  0.0891  0.0813  2030 HOH A O   
760 O O   . HOH I .  ? 0.1477 0.6489 0.3280 0.0227  0.0276  0.1946  2031 HOH A O   
761 O O   . HOH I .  ? 0.6412 0.4961 0.7200 0.0608  0.0481  0.0527  2032 HOH A O   
762 O O   . HOH I .  ? 0.5290 0.9637 0.5426 -0.0838 -0.2471 -0.0483 2033 HOH A O   
763 O O   . HOH I .  ? 0.1844 0.2296 0.2141 0.0004  0.0150  0.0045  2034 HOH A O   
764 O O   . HOH I .  ? 0.4063 0.5141 0.3574 -0.0472 -0.1216 0.1333  2035 HOH A O   
765 O O   . HOH I .  ? 0.1815 0.2503 0.1410 0.0094  -0.0176 0.0372  2036 HOH A O   
766 O O   . HOH I .  ? 0.3172 0.1433 0.2997 0.0372  -0.0175 0.0258  2037 HOH A O   
767 O O   . HOH I .  ? 0.4293 0.2958 0.4405 -0.0116 -0.1938 -0.0826 2038 HOH A O   
768 O O   . HOH I .  ? 0.6497 0.5266 0.4720 0.1058  -0.0280 0.0278  2039 HOH A O   
769 O O   . HOH I .  ? 0.3286 0.5186 0.2360 0.0713  -0.0566 0.0331  2040 HOH A O   
770 O O   . HOH I .  ? 0.3746 0.6639 0.5082 0.1062  0.1694  -0.0328 2041 HOH A O   
771 O O   . HOH I .  ? 0.2238 0.2918 0.1809 0.0326  0.0213  0.0326  2042 HOH A O   
772 O O   . HOH I .  ? 0.1867 0.6347 0.2809 0.0846  -0.0588 -0.0811 2043 HOH A O   
773 O O   . HOH I .  ? 0.3844 0.4067 0.6058 -0.0061 0.0438  0.2047  2044 HOH A O   
774 O O   . HOH I .  ? 0.3593 0.4383 0.3567 0.1116  -0.0018 -0.1152 2045 HOH A O   
775 O O   . HOH I .  ? 0.5070 0.3823 0.3326 -0.0478 0.0207  0.0198  2046 HOH A O   
776 O O   . HOH I .  ? 0.3455 0.3758 0.4352 0.1701  0.1853  0.1594  2047 HOH A O   
777 O O   . HOH I .  ? 0.2536 0.1543 0.2062 -0.0473 0.0249  0.0020  2048 HOH A O   
778 O O   . HOH I .  ? 0.6772 0.6096 0.5059 -0.0655 -0.1716 -0.1115 2049 HOH A O   
779 O O   . HOH I .  ? 0.3067 0.3448 0.3464 0.0715  -0.0660 0.1231  2050 HOH A O   
780 O O   . HOH I .  ? 0.5796 0.5925 0.4781 0.1966  0.0038  0.0714  2051 HOH A O   
781 O O   . HOH I .  ? 0.6991 0.3883 0.3166 0.0732  -0.0222 0.0473  2052 HOH A O   
782 O O   . HOH I .  ? 0.3489 0.4091 0.1267 0.1081  -0.1008 -0.0093 2053 HOH A O   
783 O O   . HOH I .  ? 0.3053 0.4717 0.3061 -0.0111 -0.0737 0.0922  2054 HOH A O   
784 O O   . HOH J .  ? 0.2267 0.2398 0.2314 -0.0299 0.0646  0.0096  2001 HOH B O   
785 O O   . HOH J .  ? 0.3501 0.2928 0.3736 0.0803  0.1639  0.0724  2002 HOH B O   
786 O O   . HOH J .  ? 0.6431 0.2952 0.6669 -0.0676 -0.0626 0.0061  2003 HOH B O   
787 O O   . HOH J .  ? 0.6963 0.3133 0.3490 -0.0526 0.1321  0.0363  2004 HOH B O   
788 O O   . HOH J .  ? 0.2494 0.6008 0.3769 -0.0973 -0.0221 -0.0422 2005 HOH B O   
789 O O   . HOH J .  ? 0.2330 0.2372 0.1768 -0.0152 -0.0362 0.0161  2006 HOH B O   
790 O O   . HOH J .  ? 0.4255 0.5754 0.3089 -0.1423 0.1572  -0.0390 2007 HOH B O   
791 O O   . HOH J .  ? 0.2769 0.4774 0.3153 0.1407  -0.0209 0.0464  2008 HOH B O   
792 O O   . HOH J .  ? 0.2744 0.2956 0.4270 -0.0811 -0.1692 0.0829  2009 HOH B O   
793 O O   . HOH J .  ? 0.3923 0.2974 0.5480 0.0534  0.0589  0.1001  2010 HOH B O   
794 O O   . HOH J .  ? 0.3305 0.5017 0.4637 -0.0103 0.0377  -0.0133 2011 HOH B O   
795 O O   . HOH J .  ? 0.3763 0.4008 0.5941 0.0150  -0.0293 0.0822  2012 HOH B O   
796 O O   . HOH J .  ? 0.4032 0.5071 0.1583 0.0210  -0.0358 -0.0147 2013 HOH B O   
797 O O   . HOH J .  ? 0.4676 0.6163 0.4701 -0.1482 -0.1480 -0.0794 2014 HOH B O   
798 O O   . HOH J .  ? 0.4060 0.4212 0.2581 0.0282  0.1513  0.1163  2015 HOH B O   
799 O O   . HOH J .  ? 0.2274 0.1634 0.1468 0.0236  -0.0012 0.0225  2016 HOH B O   
800 O O   . HOH J .  ? 0.2301 0.1516 0.1912 -0.0222 -0.0565 0.0386  2017 HOH B O   
801 O O   . HOH J .  ? 0.1808 0.3028 0.1275 0.0181  -0.0313 0.0386  2018 HOH B O   
802 O O   . HOH J .  ? 0.4058 0.2495 0.6215 0.0327  -0.1646 0.0362  2019 HOH B O   
803 O O   . HOH J .  ? 0.5081 0.4483 0.3835 0.1632  -0.0167 -0.0438 2020 HOH B O   
804 O O   . HOH J .  ? 0.5379 0.5932 0.6484 -0.1668 -0.2675 -0.2189 2021 HOH B O   
805 O O   . HOH J .  ? 0.4824 0.4340 0.2890 -0.1230 0.0953  0.1082  2022 HOH B O   
806 O O   . HOH J .  ? 0.2555 0.2084 0.1778 -0.0204 -0.0158 0.0288  2023 HOH B O   
807 O O   . HOH J .  ? 0.1818 0.2968 0.3241 -0.0731 -0.0468 0.0332  2024 HOH B O   
808 O O   . HOH J .  ? 0.3106 0.2520 0.2718 0.0139  -0.0499 -0.0065 2025 HOH B O   
809 O O   . HOH J .  ? 0.3233 0.3322 0.3234 -0.1540 -0.0852 0.0211  2026 HOH B O   
810 O O   . HOH J .  ? 0.1849 0.2527 0.1487 -0.0393 -0.0095 0.0188  2027 HOH B O   
811 O O   . HOH J .  ? 0.7269 0.3593 0.4279 -0.2284 0.1678  0.0797  2028 HOH B O   
812 O O   . HOH J .  ? 0.3602 0.3653 0.3179 0.1039  -0.0973 -0.0356 2029 HOH B O   
813 O O   . HOH J .  ? 0.5176 0.2306 0.4399 0.0846  -0.1895 -0.0263 2030 HOH B O   
814 O O   . HOH J .  ? 0.4415 0.2945 0.3192 0.0213  0.0860  0.0421  2031 HOH B O   
815 O O   . HOH J .  ? 0.1774 0.2181 0.1168 -0.0199 -0.0161 0.0482  2032 HOH B O   
816 O O   . HOH J .  ? 0.4026 0.4678 0.5534 0.2141  0.0244  0.0827  2033 HOH B O   
817 O O   . HOH J .  ? 0.4147 0.4298 0.4494 0.0104  -0.0813 -0.0899 2034 HOH B O   
818 O O   . HOH J .  ? 0.3407 0.2530 0.3078 0.0686  0.0989  0.0178  2035 HOH B O   
819 O O   . HOH J .  ? 0.2818 0.3038 0.2935 -0.0436 0.1098  -0.1181 2036 HOH B O   
820 O O   . HOH J .  ? 0.2121 0.4681 0.2062 -0.0603 -0.0198 0.0145  2037 HOH B O   
821 O O   . HOH J .  ? 0.2851 0.4836 0.4480 -0.0240 0.0812  -0.0902 2038 HOH B O   
822 O O   . HOH J .  ? 0.2159 0.1967 0.2777 0.0380  -0.0488 0.0000  2039 HOH B O   
823 O O   . HOH J .  ? 0.7218 0.3888 0.1947 0.0159  -0.0452 0.0424  2040 HOH B O   
824 O O   . HOH J .  ? 0.5698 0.4245 0.3840 0.0306  -0.1454 0.0910  2041 HOH B O   
825 O O   . HOH J .  ? 0.2812 0.4744 0.1902 0.0834  -0.0813 -0.0564 2042 HOH B O   
826 O O   . HOH J .  ? 0.4769 0.4436 0.6041 -0.0353 -0.0062 -0.0078 2043 HOH B O   
827 O O   . HOH J .  ? 0.2954 0.4151 0.4347 0.0806  -0.0094 0.0694  2044 HOH B O   
828 O O   . HOH J .  ? 0.5549 0.3569 0.3338 0.1988  -0.1205 -0.1221 2045 HOH B O   
829 O O   . HOH J .  ? 0.5650 0.2414 0.2603 -0.0158 -0.0348 0.0999  2046 HOH B O   
830 O O   . HOH J .  ? 0.3528 0.5363 0.3970 0.0732  -0.0851 -0.1606 2047 HOH B O   
831 O O   . HOH J .  ? 0.2359 0.5085 0.5252 0.0969  0.0511  -0.0122 2048 HOH B O   
832 O O   . HOH J .  ? 0.4080 0.4532 0.2939 0.0810  -0.1462 -0.0996 2049 HOH B O   
833 O O   . HOH J .  ? 0.2828 0.2175 0.2772 0.0865  -0.0230 -0.0353 2050 HOH B O   
834 O O   . HOH J .  ? 0.2097 0.2389 0.2998 0.0172  -0.0144 0.0693  2051 HOH B O   
835 O O   . HOH J .  ? 0.2393 0.3509 0.2360 0.1139  0.0456  0.1318  2052 HOH B O   
# 
